data_7KAI
#
_entry.id   7KAI
#
_cell.length_a   1.00
_cell.length_b   1.00
_cell.length_c   1.00
_cell.angle_alpha   90.00
_cell.angle_beta   90.00
_cell.angle_gamma   90.00
#
_symmetry.space_group_name_H-M   'P 1'
#
loop_
_entity.id
_entity.type
_entity.pdbx_description
1 polymer 'Protein transport protein SEC61'
2 polymer 'Protein transport protein SSS1'
3 polymer 'Protein transport protein SBH1'
4 polymer 'Protein translocation protein SEC63'
5 polymer 'Translocation protein SEC66'
6 polymer 'Translocation protein SEC72'
7 polymer 'Protein transport protein Sec62'
#
loop_
_entity_poly.entity_id
_entity_poly.type
_entity_poly.pdbx_seq_one_letter_code
_entity_poly.pdbx_strand_id
1 'polypeptide(L)'
;MSSNRVLDLFKPFESFLPEVIAPERKVPYNQKLIWTGVSLLIFLILGQIPLYGIVSSETSDPLYWLRAMLASNRGTLLEL
GVSPIITSSMIFQFLQGTQLLQIRPESKQDRELFQIAQKVCAIILILGQALVVVMTGNYGAPSDLGLPICLLLIFQLMFA
SLIVMLLDELLSKGYGLGSGISLFTATNIAEQIFWRAFAPTTVNSGRGKEFEGAVIAFFHLLAVRKDKKRALVEAFYRTN
LPNMFQVLMTVAIFLFVLYLQGFRYELPIRSTKVRGQIGIYPIKLFYTSNTPIMLQSALTSNIFLISQILFQKYPTNPLI
RLIGVWGIRPGTQGPQMALSGLAYYIQPLMSLSEALLDPIKTIVYITFVLGSCAVFSKTWIEISGTSPRDIAKQFKDQGM
VINGKRETSIYRELKKIIPTAAAFGGATIGALSVGSDLLGTLGSGASILMATTTIYGYYEAAAKEGGFTKNLVPGFSDLM
;
A
2 'polypeptide(L)' MARASEKGEEKKQSNNQVEKLVEAPVEFVREGTQFLAKCKKPDLKEYTKIVKAVGIGFIAVGIIGYAIKLIHIPIRYVIV C
3 'polypeptide(L)'
;MSSPTPPGGQRTLQKRKQGSSQKVAASAPKKNTNSNNSILKIYSDEATGLRVDPLVVLFLAVGFIFSVVALHVISKVAGK
LF
;
B
4 'polypeptide(L)'
;GGSGGSGGSGGSGGSPTNYEYDEASETWPSFILTGLLMVVGPMTLLQIYQIFFGANAEDGNSGKSKEFNEEVFKNLNEEY
TSDEIKQFRRKFDKNSNKKSKIWSRRNIIIIVGWILVAILLQRINSNDAIKDAATKLFDPYEILGISTSASDRDIKSAYR
KLSVKFHPDKLAKGLTPDEKSVMEETYVQITKAYESLTDELVRQNYLKYGHPDGPQSTSHGIALPRFLVDGSASPLLVVC
YVALLGLILPYFVSRWWARTQSYTKKGIHNVTASNFVSNLVNYKPSEIVTTDLILHWLSFAHEFKQFFPDLQPTDFEKLL
QDHINRRDSGKLNNAKFRIVAKCHSLLHGLLDIACGFRNLDIALGAINTFKCIVQAVPLTPNCQILQLPNVDKEHFITKT
GDIHTLGKLFTLEDAKIGEVLGIKDQAKLNETLRVASHIPNLKIIKADFLVPGENQVTPSSTPYISLKVLVRSAKQPLIP
TSLIPEENLTEPQDFESQRDPFAMMSKQPLVPYSFAPFFPTKRRGSWCCLVSSQKDGKILQTPIIIEKLSYKNLNDDKDF
FDKRIKMDLTKHEKFDINDWEIGTIKIPLGQPAPETVGDFFFRVIVKSTDYFTTDLDITMNMKVRDSPAVEQVEVYSEED
DEYSTDDDETESDDESDASDYTDIDTDTEAEDDESPEAGGATTASGTGENLYFQ
;
D
5 'polypeptide(L)'
;MSEFNETKFSNNGTFFETEEPIVETKSISVYTPLIYVFILVVSLVMFASSYRKKQAKKISEQPSIFDENDAHDLYFQIKE
MSENEKIHEKVLKAALLNRGAESVRRSLKLKELAPQINLLYKNGSIGEDYWKRFETEVKLIELEFKDTLQEAERLQPGWV
QLFVMVCKEICFNQALSRRYQSILKRKEVCIKEWELKINNDGRLVN
;
E
6 'polypeptide(L)'
;MVTLEYNANSKLITASDAVVALSTETNIDQINVLTTSLIGETNPNFTPQPNEALSKMIKGLFESGMKNLQQKKLNEALKN
VSLAIEMAQRKRAPWEAFAIQLPELHFMLRSKIDLCLILGKHLEALQDLDFLLGTGLIQPDVFVRKADCLLKLRQWEEAR
ATCERGLALAPEDMKLRALLIETARNLAEYNGE
;
F
7 'polypeptide(L)'
;(UNK)(UNK)(UNK)(UNK)(UNK)(UNK)(UNK)(UNK)(UNK)(UNK)(UNK)(UNK)(UNK)(UNK)(UNK)(UNK)
(UNK)(UNK)(UNK)(UNK)(UNK)(UNK)(UNK)(UNK)(UNK)(UNK)(UNK)(UNK)(UNK)(UNK)(UNK)(UNK)
(UNK)(UNK)(UNK)(UNK)(UNK)(UNK)(UNK)(UNK)(UNK)(UNK)(UNK)(UNK)(UNK)(UNK)(UNK)(UNK)
(UNK)(UNK)(UNK)(UNK)(UNK)(UNK)(UNK)(UNK)
;
G
#
# COMPACT_ATOMS: atom_id res chain seq x y z
N PRO A 12 -15.03 -32.94 12.66
CA PRO A 12 -13.88 -32.22 13.21
C PRO A 12 -12.80 -33.17 13.75
N PHE A 13 -11.55 -32.86 13.46
CA PHE A 13 -10.43 -33.67 13.91
C PHE A 13 -9.15 -32.85 13.78
N GLU A 14 -8.02 -33.48 14.10
CA GLU A 14 -6.71 -32.86 13.97
C GLU A 14 -6.07 -33.30 12.68
N SER A 15 -5.53 -32.36 11.92
CA SER A 15 -4.93 -32.64 10.63
C SER A 15 -3.67 -31.82 10.45
N PHE A 16 -2.59 -32.48 10.03
CA PHE A 16 -1.31 -31.83 9.72
C PHE A 16 -1.09 -31.98 8.22
N LEU A 17 -1.63 -31.02 7.46
CA LEU A 17 -1.55 -31.03 6.01
C LEU A 17 -0.80 -29.80 5.51
N PRO A 18 -0.10 -29.91 4.38
CA PRO A 18 0.61 -28.74 3.84
C PRO A 18 -0.36 -27.65 3.44
N GLU A 19 -0.13 -26.45 3.96
CA GLU A 19 -1.00 -25.31 3.68
C GLU A 19 -0.17 -24.03 3.73
N VAL A 20 -0.47 -23.10 2.83
CA VAL A 20 0.24 -21.83 2.76
C VAL A 20 -0.43 -20.85 3.72
N ILE A 21 0.39 -20.15 4.50
CA ILE A 21 -0.11 -19.19 5.48
C ILE A 21 -0.32 -17.84 4.81
N ALA A 22 -1.37 -17.14 5.23
CA ALA A 22 -1.67 -15.84 4.65
C ALA A 22 -0.64 -14.80 5.09
N PRO A 23 -0.36 -13.81 4.26
CA PRO A 23 0.59 -12.76 4.65
C PRO A 23 0.03 -11.93 5.80
N GLU A 24 0.93 -11.57 6.73
CA GLU A 24 0.53 -10.75 7.87
C GLU A 24 0.20 -9.32 7.46
N ARG A 25 0.78 -8.84 6.36
CA ARG A 25 0.50 -7.50 5.86
C ARG A 25 0.05 -7.59 4.41
N LYS A 26 -0.57 -6.51 3.93
CA LYS A 26 -1.06 -6.48 2.56
C LYS A 26 0.13 -6.50 1.59
N VAL A 27 0.04 -7.35 0.59
CA VAL A 27 1.11 -7.47 -0.41
C VAL A 27 0.94 -6.37 -1.45
N PRO A 28 1.99 -5.63 -1.81
CA PRO A 28 1.86 -4.60 -2.84
C PRO A 28 1.52 -5.18 -4.21
N TYR A 29 1.31 -4.30 -5.19
CA TYR A 29 0.83 -4.74 -6.49
C TYR A 29 1.92 -5.40 -7.34
N ASN A 30 3.17 -4.95 -7.22
CA ASN A 30 4.23 -5.49 -8.07
C ASN A 30 4.54 -6.94 -7.71
N GLN A 31 4.74 -7.22 -6.42
CA GLN A 31 4.98 -8.59 -5.99
C GLN A 31 3.80 -9.48 -6.37
N LYS A 32 2.58 -8.97 -6.24
CA LYS A 32 1.39 -9.72 -6.58
C LYS A 32 1.39 -10.11 -8.06
N LEU A 33 1.65 -9.13 -8.94
CA LEU A 33 1.67 -9.40 -10.36
C LEU A 33 2.77 -10.39 -10.72
N ILE A 34 3.95 -10.25 -10.13
CA ILE A 34 5.05 -11.13 -10.48
C ILE A 34 4.78 -12.55 -9.99
N TRP A 35 4.17 -12.70 -8.82
CA TRP A 35 3.83 -14.04 -8.34
C TRP A 35 2.76 -14.68 -9.22
N THR A 36 1.78 -13.90 -9.65
CA THR A 36 0.79 -14.43 -10.60
C THR A 36 1.46 -14.91 -11.87
N GLY A 37 2.37 -14.11 -12.42
CA GLY A 37 3.06 -14.52 -13.63
C GLY A 37 3.89 -15.77 -13.45
N VAL A 38 4.58 -15.89 -12.32
CA VAL A 38 5.42 -17.06 -12.07
C VAL A 38 4.55 -18.31 -11.94
N SER A 39 3.45 -18.21 -11.18
CA SER A 39 2.55 -19.35 -11.03
C SER A 39 1.96 -19.76 -12.37
N LEU A 40 1.61 -18.78 -13.21
CA LEU A 40 1.06 -19.10 -14.52
C LEU A 40 2.09 -19.82 -15.38
N LEU A 41 3.34 -19.35 -15.35
CA LEU A 41 4.39 -20.00 -16.14
C LEU A 41 4.62 -21.43 -15.67
N ILE A 42 4.61 -21.65 -14.35
CA ILE A 42 4.80 -23.00 -13.83
C ILE A 42 3.66 -23.91 -14.26
N PHE A 43 2.41 -23.41 -14.18
CA PHE A 43 1.26 -24.23 -14.57
C PHE A 43 1.29 -24.56 -16.05
N LEU A 44 1.75 -23.63 -16.89
CA LEU A 44 1.81 -23.90 -18.32
C LEU A 44 2.94 -24.86 -18.66
N ILE A 45 4.07 -24.77 -17.96
CA ILE A 45 5.16 -25.70 -18.25
C ILE A 45 4.82 -27.10 -17.74
N LEU A 46 4.05 -27.19 -16.66
CA LEU A 46 3.76 -28.50 -16.08
C LEU A 46 2.89 -29.37 -16.99
N GLY A 47 2.01 -28.75 -17.77
CA GLY A 47 1.09 -29.48 -18.61
C GLY A 47 1.59 -29.90 -19.97
N GLN A 48 2.86 -29.64 -20.28
CA GLN A 48 3.43 -29.99 -21.56
C GLN A 48 4.41 -31.16 -21.50
N ILE A 49 4.74 -31.64 -20.31
CA ILE A 49 5.72 -32.71 -20.14
C ILE A 49 5.01 -34.06 -20.05
N PRO A 50 5.41 -35.05 -20.84
CA PRO A 50 4.76 -36.36 -20.78
C PRO A 50 5.28 -37.19 -19.61
N LEU A 51 4.57 -38.29 -19.34
CA LEU A 51 4.96 -39.20 -18.28
C LEU A 51 6.15 -40.06 -18.74
N TYR A 52 6.59 -40.95 -17.86
CA TYR A 52 7.78 -41.76 -18.13
C TYR A 52 7.46 -43.20 -18.53
N GLY A 53 6.71 -43.91 -17.68
CA GLY A 53 6.49 -45.32 -17.92
C GLY A 53 5.52 -45.67 -19.03
N ILE A 54 4.86 -44.66 -19.62
CA ILE A 54 3.90 -44.95 -20.67
C ILE A 54 4.61 -45.57 -21.87
N VAL A 55 3.87 -46.41 -22.61
CA VAL A 55 4.42 -47.09 -23.77
C VAL A 55 3.65 -46.70 -25.03
N LEU A 66 0.20 -38.01 -36.28
CA LEU A 66 0.60 -36.66 -35.88
C LEU A 66 1.09 -36.65 -34.43
N ARG A 67 0.72 -35.61 -33.70
CA ARG A 67 1.14 -35.49 -32.30
C ARG A 67 0.32 -36.40 -31.40
N ALA A 68 -1.02 -36.36 -31.53
CA ALA A 68 -2.00 -37.11 -30.76
C ALA A 68 -2.03 -36.69 -29.30
N MET A 69 -1.20 -35.73 -28.87
CA MET A 69 -1.25 -35.21 -27.52
C MET A 69 -1.09 -33.70 -27.48
N LEU A 70 -1.12 -33.03 -28.62
CA LEU A 70 -0.97 -31.58 -28.69
C LEU A 70 -2.30 -30.85 -28.47
N ALA A 71 -3.42 -31.49 -28.82
CA ALA A 71 -4.72 -30.84 -28.66
C ALA A 71 -5.17 -30.85 -27.21
N SER A 72 -5.33 -32.04 -26.62
CA SER A 72 -5.79 -32.19 -25.26
C SER A 72 -4.64 -32.58 -24.35
N ASN A 73 -4.80 -32.28 -23.06
CA ASN A 73 -3.77 -32.58 -22.07
C ASN A 73 -3.88 -34.01 -21.59
N ARG A 74 -3.88 -34.97 -22.52
CA ARG A 74 -3.94 -36.39 -22.19
C ARG A 74 -2.57 -37.01 -22.45
N GLY A 75 -2.04 -37.69 -21.45
CA GLY A 75 -0.71 -38.26 -21.53
C GLY A 75 0.39 -37.38 -20.99
N THR A 76 0.05 -36.34 -20.25
CA THR A 76 1.01 -35.42 -19.65
C THR A 76 0.86 -35.45 -18.13
N LEU A 77 1.72 -34.69 -17.45
CA LEU A 77 1.65 -34.60 -16.00
C LEU A 77 0.38 -33.92 -15.52
N LEU A 78 -0.37 -33.27 -16.40
CA LEU A 78 -1.61 -32.59 -16.04
C LEU A 78 -2.82 -33.39 -16.49
N GLU A 79 -2.78 -34.71 -16.36
CA GLU A 79 -3.91 -35.56 -16.74
C GLU A 79 -5.16 -35.19 -15.95
N LEU A 80 -5.06 -35.20 -14.62
CA LEU A 80 -6.20 -34.83 -13.80
C LEU A 80 -6.44 -33.33 -13.86
N GLY A 81 -5.39 -32.53 -13.71
CA GLY A 81 -5.53 -31.09 -13.84
C GLY A 81 -6.25 -30.50 -12.64
N VAL A 82 -7.22 -29.64 -12.91
CA VAL A 82 -8.00 -28.98 -11.87
C VAL A 82 -9.36 -29.65 -11.68
N SER A 83 -9.59 -30.79 -12.32
CA SER A 83 -10.87 -31.48 -12.18
C SER A 83 -11.17 -31.92 -10.74
N PRO A 84 -10.23 -32.47 -9.96
CA PRO A 84 -10.59 -32.82 -8.57
C PRO A 84 -10.94 -31.61 -7.72
N ILE A 85 -10.16 -30.53 -7.84
CA ILE A 85 -10.46 -29.31 -7.09
C ILE A 85 -11.83 -28.77 -7.46
N ILE A 86 -12.12 -28.73 -8.76
CA ILE A 86 -13.41 -28.20 -9.21
C ILE A 86 -14.56 -29.07 -8.71
N THR A 87 -14.39 -30.40 -8.78
CA THR A 87 -15.45 -31.30 -8.34
C THR A 87 -15.70 -31.17 -6.85
N SER A 88 -14.64 -31.14 -6.04
CA SER A 88 -14.82 -30.94 -4.61
C SER A 88 -15.50 -29.62 -4.32
N SER A 89 -15.10 -28.56 -5.03
CA SER A 89 -15.70 -27.25 -4.81
C SER A 89 -17.20 -27.28 -5.10
N MET A 90 -17.60 -27.83 -6.25
CA MET A 90 -19.02 -27.82 -6.60
C MET A 90 -19.81 -28.74 -5.69
N ILE A 91 -19.23 -29.87 -5.28
CA ILE A 91 -19.93 -30.80 -4.40
C ILE A 91 -20.20 -30.13 -3.05
N PHE A 92 -19.18 -29.53 -2.45
CA PHE A 92 -19.40 -28.90 -1.15
C PHE A 92 -20.22 -27.62 -1.27
N GLN A 93 -20.18 -26.95 -2.42
CA GLN A 93 -21.05 -25.79 -2.62
C GLN A 93 -22.50 -26.21 -2.70
N PHE A 94 -22.80 -27.32 -3.38
CA PHE A 94 -24.15 -27.85 -3.39
C PHE A 94 -24.58 -28.31 -1.99
N LEU A 95 -23.65 -28.92 -1.26
CA LEU A 95 -23.95 -29.34 0.11
C LEU A 95 -24.26 -28.16 1.01
N GLN A 96 -23.60 -27.02 0.78
CA GLN A 96 -23.90 -25.82 1.55
C GLN A 96 -25.22 -25.20 1.11
N GLY A 97 -25.51 -25.25 -0.19
CA GLY A 97 -26.75 -24.66 -0.68
C GLY A 97 -27.99 -25.42 -0.24
N THR A 98 -27.89 -26.75 -0.15
CA THR A 98 -29.05 -27.54 0.26
C THR A 98 -29.33 -27.47 1.75
N GLN A 99 -28.53 -26.71 2.50
CA GLN A 99 -28.75 -26.51 3.94
C GLN A 99 -28.67 -27.83 4.71
N LEU A 100 -27.52 -28.49 4.63
CA LEU A 100 -27.24 -29.68 5.42
C LEU A 100 -26.04 -29.53 6.34
N LEU A 101 -25.20 -28.53 6.15
CA LEU A 101 -24.04 -28.33 7.02
C LEU A 101 -24.37 -27.45 8.22
N GLN A 102 -25.37 -26.57 8.09
CA GLN A 102 -25.80 -25.68 9.18
C GLN A 102 -24.64 -24.82 9.69
N ILE A 103 -23.87 -24.25 8.76
CA ILE A 103 -22.75 -23.40 9.13
C ILE A 103 -23.27 -22.06 9.65
N ARG A 104 -22.54 -21.48 10.60
CA ARG A 104 -22.89 -20.20 11.17
C ARG A 104 -21.65 -19.30 11.17
N PRO A 105 -21.73 -18.11 10.58
CA PRO A 105 -20.55 -17.22 10.53
C PRO A 105 -20.20 -16.59 11.86
N GLU A 106 -20.94 -16.88 12.93
CA GLU A 106 -20.66 -16.30 14.24
C GLU A 106 -19.38 -16.85 14.87
N SER A 107 -18.83 -17.94 14.34
CA SER A 107 -17.63 -18.55 14.88
C SER A 107 -16.54 -18.59 13.80
N LYS A 108 -15.29 -18.63 14.26
CA LYS A 108 -14.14 -18.69 13.37
C LYS A 108 -13.48 -20.07 13.38
N GLN A 109 -14.22 -21.11 13.73
CA GLN A 109 -13.70 -22.47 13.74
C GLN A 109 -14.41 -23.39 12.77
N ASP A 110 -15.73 -23.25 12.63
CA ASP A 110 -16.45 -24.04 11.63
C ASP A 110 -16.02 -23.69 10.22
N ARG A 111 -15.62 -22.43 9.99
CA ARG A 111 -15.10 -22.05 8.69
C ARG A 111 -13.80 -22.79 8.37
N GLU A 112 -12.88 -22.85 9.33
CA GLU A 112 -11.64 -23.59 9.12
C GLU A 112 -11.90 -25.08 8.97
N LEU A 113 -12.88 -25.61 9.71
CA LEU A 113 -13.26 -27.01 9.53
C LEU A 113 -13.78 -27.27 8.13
N PHE A 114 -14.57 -26.34 7.60
CA PHE A 114 -15.07 -26.48 6.22
C PHE A 114 -13.92 -26.41 5.22
N GLN A 115 -12.98 -25.49 5.43
CA GLN A 115 -11.85 -25.39 4.52
C GLN A 115 -10.97 -26.62 4.56
N ILE A 116 -10.85 -27.29 5.72
CA ILE A 116 -10.07 -28.51 5.77
C ILE A 116 -10.86 -29.68 5.22
N ALA A 117 -12.19 -29.62 5.30
CA ALA A 117 -13.02 -30.65 4.66
C ALA A 117 -12.87 -30.59 3.14
N GLN A 118 -12.82 -29.38 2.58
CA GLN A 118 -12.47 -29.18 1.18
C GLN A 118 -11.28 -30.05 0.81
N LYS A 119 -10.18 -29.90 1.54
CA LYS A 119 -8.92 -30.52 1.17
C LYS A 119 -8.96 -32.02 1.42
N VAL A 120 -9.55 -32.46 2.53
CA VAL A 120 -9.53 -33.90 2.82
C VAL A 120 -10.46 -34.64 1.87
N CYS A 121 -11.44 -33.97 1.27
CA CYS A 121 -12.22 -34.61 0.23
C CYS A 121 -11.48 -34.59 -1.11
N ALA A 122 -10.82 -33.48 -1.42
CA ALA A 122 -10.08 -33.39 -2.68
C ALA A 122 -8.97 -34.43 -2.73
N ILE A 123 -8.30 -34.69 -1.61
CA ILE A 123 -7.18 -35.62 -1.61
C ILE A 123 -7.65 -37.04 -1.90
N ILE A 124 -8.73 -37.47 -1.24
CA ILE A 124 -9.21 -38.82 -1.48
C ILE A 124 -9.79 -38.94 -2.89
N LEU A 125 -10.39 -37.87 -3.42
CA LEU A 125 -10.86 -37.94 -4.79
C LEU A 125 -9.69 -38.06 -5.77
N ILE A 126 -8.61 -37.33 -5.51
CA ILE A 126 -7.39 -37.45 -6.33
C ILE A 126 -6.87 -38.88 -6.29
N LEU A 127 -6.78 -39.46 -5.09
CA LEU A 127 -6.30 -40.82 -4.96
C LEU A 127 -7.16 -41.81 -5.76
N GLY A 128 -8.48 -41.71 -5.58
CA GLY A 128 -9.38 -42.62 -6.28
C GLY A 128 -9.27 -42.50 -7.79
N GLN A 129 -9.27 -41.26 -8.29
CA GLN A 129 -9.22 -41.07 -9.73
C GLN A 129 -7.88 -41.50 -10.31
N ALA A 130 -6.78 -41.26 -9.59
CA ALA A 130 -5.48 -41.71 -10.06
C ALA A 130 -5.41 -43.22 -10.13
N LEU A 131 -5.94 -43.90 -9.10
CA LEU A 131 -5.96 -45.36 -9.14
C LEU A 131 -6.82 -45.87 -10.29
N VAL A 132 -7.98 -45.25 -10.50
CA VAL A 132 -8.85 -45.68 -11.60
C VAL A 132 -8.14 -45.55 -12.93
N VAL A 133 -7.47 -44.41 -13.16
CA VAL A 133 -6.81 -44.20 -14.45
C VAL A 133 -5.64 -45.14 -14.63
N VAL A 134 -4.86 -45.38 -13.56
CA VAL A 134 -3.68 -46.22 -13.74
C VAL A 134 -4.06 -47.69 -13.88
N MET A 135 -5.22 -48.08 -13.34
CA MET A 135 -5.66 -49.47 -13.48
C MET A 135 -6.50 -49.72 -14.72
N THR A 136 -7.10 -48.69 -15.30
CA THR A 136 -7.97 -48.84 -16.46
C THR A 136 -7.42 -48.20 -17.72
N GLY A 137 -6.69 -47.11 -17.62
CA GLY A 137 -6.20 -46.39 -18.79
C GLY A 137 -5.29 -47.24 -19.66
N ASN A 138 -4.98 -46.68 -20.83
CA ASN A 138 -4.18 -47.37 -21.84
C ASN A 138 -2.69 -47.29 -21.59
N TYR A 139 -2.28 -46.95 -20.37
CA TYR A 139 -0.84 -46.87 -20.08
C TYR A 139 -0.19 -48.25 -20.04
N GLY A 140 -0.96 -49.28 -19.70
CA GLY A 140 -0.44 -50.63 -19.65
C GLY A 140 -0.71 -51.33 -18.34
N ALA A 141 -1.08 -52.61 -18.40
CA ALA A 141 -1.36 -53.38 -17.20
C ALA A 141 -0.08 -53.82 -16.50
N PRO A 142 0.92 -54.37 -17.22
CA PRO A 142 2.15 -54.71 -16.48
C PRO A 142 2.93 -53.47 -16.04
N LEU A 147 5.32 -53.39 -11.69
CA LEU A 147 4.88 -52.79 -10.43
C LEU A 147 5.62 -51.47 -10.10
N PRO A 148 6.94 -51.42 -10.24
CA PRO A 148 7.62 -50.12 -10.06
C PRO A 148 7.16 -49.07 -11.06
N ILE A 149 6.89 -49.46 -12.31
CA ILE A 149 6.39 -48.51 -13.29
C ILE A 149 5.01 -47.99 -12.89
N CYS A 150 4.16 -48.88 -12.37
CA CYS A 150 2.85 -48.43 -11.91
C CYS A 150 2.97 -47.48 -10.72
N LEU A 151 3.86 -47.80 -9.78
CA LEU A 151 4.09 -46.91 -8.65
C LEU A 151 4.59 -45.55 -9.11
N LEU A 152 5.47 -45.52 -10.10
CA LEU A 152 5.98 -44.25 -10.62
C LEU A 152 4.87 -43.46 -11.31
N LEU A 153 4.04 -44.14 -12.10
CA LEU A 153 2.94 -43.47 -12.77
C LEU A 153 1.91 -42.92 -11.78
N ILE A 154 1.74 -43.59 -10.64
CA ILE A 154 0.85 -43.07 -9.62
C ILE A 154 1.47 -41.87 -8.92
N PHE A 155 2.76 -41.97 -8.59
CA PHE A 155 3.43 -40.91 -7.86
C PHE A 155 3.52 -39.63 -8.68
N GLN A 156 3.76 -39.75 -9.99
CA GLN A 156 3.83 -38.56 -10.84
C GLN A 156 2.52 -37.78 -10.81
N LEU A 157 1.41 -38.47 -11.05
CA LEU A 157 0.11 -37.81 -11.05
C LEU A 157 -0.21 -37.23 -9.67
N MET A 158 0.10 -37.97 -8.60
CA MET A 158 -0.17 -37.46 -7.26
C MET A 158 0.61 -36.18 -6.98
N PHE A 159 1.91 -36.18 -7.30
CA PHE A 159 2.73 -35.01 -7.05
C PHE A 159 2.27 -33.83 -7.89
N ALA A 160 1.88 -34.06 -9.15
CA ALA A 160 1.42 -32.97 -9.99
C ALA A 160 0.12 -32.36 -9.45
N SER A 161 -0.83 -33.22 -9.04
CA SER A 161 -2.08 -32.69 -8.51
C SER A 161 -1.85 -31.94 -7.21
N LEU A 162 -0.96 -32.43 -6.36
CA LEU A 162 -0.64 -31.71 -5.12
C LEU A 162 -0.01 -30.36 -5.43
N ILE A 163 0.89 -30.31 -6.41
CA ILE A 163 1.52 -29.05 -6.79
C ILE A 163 0.47 -28.06 -7.29
N VAL A 164 -0.46 -28.53 -8.12
CA VAL A 164 -1.49 -27.64 -8.64
C VAL A 164 -2.38 -27.13 -7.52
N MET A 165 -2.73 -28.00 -6.56
CA MET A 165 -3.58 -27.57 -5.46
C MET A 165 -2.86 -26.54 -4.58
N LEU A 166 -1.59 -26.77 -4.27
CA LEU A 166 -0.84 -25.82 -3.47
C LEU A 166 -0.68 -24.49 -4.20
N LEU A 167 -0.49 -24.54 -5.51
CA LEU A 167 -0.33 -23.32 -6.30
C LEU A 167 -1.62 -22.51 -6.32
N ASP A 168 -2.76 -23.19 -6.46
CA ASP A 168 -4.06 -22.51 -6.38
C ASP A 168 -4.27 -21.90 -5.01
N GLU A 169 -3.93 -22.64 -3.94
CA GLU A 169 -4.07 -22.09 -2.60
C GLU A 169 -3.19 -20.86 -2.41
N LEU A 170 -1.98 -20.90 -2.95
CA LEU A 170 -1.08 -19.76 -2.85
C LEU A 170 -1.67 -18.54 -3.57
N LEU A 171 -2.16 -18.75 -4.80
CA LEU A 171 -2.73 -17.62 -5.54
C LEU A 171 -3.99 -17.08 -4.90
N SER A 172 -4.74 -17.92 -4.20
CA SER A 172 -5.99 -17.46 -3.58
C SER A 172 -5.80 -16.87 -2.19
N LYS A 173 -4.71 -17.21 -1.49
CA LYS A 173 -4.52 -16.71 -0.13
C LYS A 173 -4.22 -15.22 -0.09
N GLY A 174 -3.68 -14.65 -1.17
CA GLY A 174 -3.40 -13.23 -1.18
C GLY A 174 -2.13 -12.86 -1.94
N TYR A 175 -1.36 -13.86 -2.36
CA TYR A 175 -0.15 -13.60 -3.12
C TYR A 175 -0.42 -13.34 -4.59
N GLY A 176 -1.65 -13.52 -5.06
CA GLY A 176 -1.98 -13.32 -6.45
C GLY A 176 -3.13 -12.34 -6.61
N LEU A 177 -3.32 -11.89 -7.85
CA LEU A 177 -4.36 -10.91 -8.15
C LEU A 177 -5.77 -11.46 -7.91
N GLY A 178 -5.94 -12.78 -7.97
CA GLY A 178 -7.25 -13.37 -7.76
C GLY A 178 -7.20 -14.88 -7.60
N SER A 179 -8.27 -15.56 -7.97
CA SER A 179 -8.30 -17.01 -7.86
C SER A 179 -7.39 -17.64 -8.92
N GLY A 180 -7.23 -18.95 -8.82
CA GLY A 180 -6.38 -19.67 -9.75
C GLY A 180 -7.15 -20.32 -10.88
N ILE A 181 -8.34 -20.83 -10.57
CA ILE A 181 -9.13 -21.56 -11.57
C ILE A 181 -9.52 -20.64 -12.71
N SER A 182 -10.05 -19.45 -12.38
CA SER A 182 -10.47 -18.52 -13.41
C SER A 182 -9.27 -18.04 -14.24
N LEU A 183 -8.13 -17.82 -13.59
CA LEU A 183 -6.93 -17.41 -14.32
C LEU A 183 -6.50 -18.48 -15.30
N PHE A 184 -6.52 -19.75 -14.87
CA PHE A 184 -6.10 -20.82 -15.77
C PHE A 184 -7.07 -20.99 -16.93
N THR A 185 -8.37 -20.84 -16.67
CA THR A 185 -9.34 -20.95 -17.76
C THR A 185 -9.16 -19.81 -18.76
N ALA A 186 -8.98 -18.58 -18.28
CA ALA A 186 -8.76 -17.45 -19.19
C ALA A 186 -7.48 -17.64 -19.99
N THR A 187 -6.44 -18.17 -19.36
CA THR A 187 -5.19 -18.43 -20.06
C THR A 187 -5.39 -19.46 -21.17
N ASN A 188 -6.14 -20.53 -20.88
CA ASN A 188 -6.40 -21.54 -21.91
C ASN A 188 -7.21 -20.94 -23.06
N ILE A 189 -8.18 -20.09 -22.75
CA ILE A 189 -9.00 -19.47 -23.79
C ILE A 189 -8.14 -18.61 -24.70
N ALA A 190 -7.32 -17.73 -24.11
CA ALA A 190 -6.46 -16.86 -24.91
C ALA A 190 -5.45 -17.67 -25.71
N GLU A 191 -4.91 -18.74 -25.11
CA GLU A 191 -3.96 -19.59 -25.81
C GLU A 191 -4.59 -20.23 -27.03
N GLN A 192 -5.84 -20.72 -26.90
CA GLN A 192 -6.52 -21.31 -28.04
C GLN A 192 -6.80 -20.26 -29.12
N ILE A 193 -7.22 -19.06 -28.70
CA ILE A 193 -7.48 -17.99 -29.65
C ILE A 193 -6.23 -17.67 -30.46
N PHE A 194 -5.08 -17.61 -29.79
CA PHE A 194 -3.84 -17.25 -30.48
C PHE A 194 -3.28 -18.40 -31.31
N TRP A 195 -3.49 -19.65 -30.88
CA TRP A 195 -3.04 -20.78 -31.67
C TRP A 195 -3.92 -21.02 -32.88
N ARG A 196 -5.17 -20.58 -32.86
CA ARG A 196 -6.01 -20.67 -34.05
C ARG A 196 -5.58 -19.68 -35.13
N ALA A 197 -4.72 -18.72 -34.82
CA ALA A 197 -4.31 -17.68 -35.77
C ALA A 197 -2.84 -17.73 -36.14
N PHE A 198 -1.94 -18.00 -35.18
CA PHE A 198 -0.51 -18.00 -35.44
C PHE A 198 0.10 -19.40 -35.32
N ALA A 199 -0.60 -20.41 -35.79
CA ALA A 199 -0.07 -21.77 -35.72
C ALA A 199 0.92 -22.00 -36.85
N PRO A 200 2.14 -22.45 -36.56
CA PRO A 200 3.11 -22.71 -37.64
C PRO A 200 2.89 -24.02 -38.37
N THR A 201 2.05 -24.91 -37.85
CA THR A 201 1.86 -26.22 -38.47
C THR A 201 1.28 -26.07 -39.87
N THR A 202 1.75 -26.91 -40.78
CA THR A 202 1.27 -26.93 -42.15
C THR A 202 0.51 -28.24 -42.42
N VAL A 203 -0.33 -28.20 -43.45
CA VAL A 203 -1.13 -29.35 -43.84
C VAL A 203 -1.08 -29.46 -45.35
N ASN A 204 -0.66 -30.62 -45.87
CA ASN A 204 -0.53 -30.87 -47.30
C ASN A 204 -1.56 -31.90 -47.72
N SER A 205 -2.58 -31.47 -48.46
CA SER A 205 -3.62 -32.36 -48.98
C SER A 205 -3.80 -32.07 -50.47
N GLY A 206 -3.01 -32.74 -51.29
CA GLY A 206 -3.15 -32.66 -52.73
C GLY A 206 -2.63 -31.38 -53.36
N ARG A 207 -3.23 -30.24 -53.01
CA ARG A 207 -2.87 -28.99 -53.67
C ARG A 207 -1.48 -28.52 -53.27
N GLY A 208 -1.12 -28.65 -52.01
CA GLY A 208 0.19 -28.23 -51.55
C GLY A 208 0.19 -28.00 -50.05
N LYS A 209 1.26 -27.37 -49.58
CA LYS A 209 1.44 -27.08 -48.17
C LYS A 209 0.77 -25.76 -47.82
N GLU A 210 -0.07 -25.78 -46.78
CA GLU A 210 -0.82 -24.62 -46.33
C GLU A 210 -0.73 -24.52 -44.82
N PHE A 211 -0.46 -23.32 -44.31
CA PHE A 211 -0.38 -23.11 -42.88
C PHE A 211 -1.74 -23.25 -42.24
N GLU A 212 -1.75 -23.67 -40.98
CA GLU A 212 -2.99 -23.81 -40.21
C GLU A 212 -3.36 -22.52 -39.48
N GLY A 213 -2.66 -21.42 -39.75
CA GLY A 213 -2.97 -20.14 -39.16
C GLY A 213 -3.58 -19.20 -40.20
N ALA A 214 -4.10 -18.09 -39.70
CA ALA A 214 -4.71 -17.09 -40.56
C ALA A 214 -3.68 -16.06 -41.04
N VAL A 215 -3.00 -15.41 -40.09
CA VAL A 215 -2.03 -14.38 -40.44
C VAL A 215 -0.82 -14.98 -41.13
N ILE A 216 -0.36 -16.15 -40.66
CA ILE A 216 0.80 -16.79 -41.25
C ILE A 216 0.53 -17.13 -42.71
N ALA A 217 -0.61 -17.77 -42.97
CA ALA A 217 -0.95 -18.12 -44.35
C ALA A 217 -1.22 -16.88 -45.19
N PHE A 218 -1.77 -15.83 -44.59
CA PHE A 218 -1.97 -14.58 -45.31
C PHE A 218 -0.65 -14.03 -45.82
N PHE A 219 0.34 -13.89 -44.93
CA PHE A 219 1.65 -13.37 -45.35
C PHE A 219 2.34 -14.33 -46.31
N HIS A 220 2.19 -15.64 -46.10
CA HIS A 220 2.81 -16.60 -47.01
C HIS A 220 2.27 -16.46 -48.42
N LEU A 221 0.95 -16.46 -48.57
CA LEU A 221 0.35 -16.35 -49.89
C LEU A 221 0.55 -14.96 -50.49
N LEU A 222 0.73 -13.94 -49.66
CA LEU A 222 1.00 -12.61 -50.18
C LEU A 222 2.45 -12.47 -50.65
N ALA A 223 3.36 -13.27 -50.08
CA ALA A 223 4.77 -13.16 -50.43
C ALA A 223 5.18 -14.08 -51.58
N VAL A 224 4.83 -15.37 -51.50
CA VAL A 224 5.42 -16.32 -52.44
C VAL A 224 4.58 -16.50 -53.70
N ARG A 225 3.26 -16.27 -53.63
CA ARG A 225 2.42 -16.57 -54.78
C ARG A 225 2.57 -15.52 -55.88
N LYS A 226 2.80 -14.26 -55.52
CA LYS A 226 3.06 -13.17 -56.45
C LYS A 226 1.89 -12.89 -57.40
N ASP A 227 0.68 -13.30 -57.02
CA ASP A 227 -0.54 -12.99 -57.76
C ASP A 227 -1.50 -12.35 -56.76
N LYS A 228 -1.36 -11.05 -56.55
CA LYS A 228 -2.00 -10.39 -55.42
C LYS A 228 -3.52 -10.44 -55.53
N LYS A 229 -4.05 -10.09 -56.70
CA LYS A 229 -5.51 -10.05 -56.87
C LYS A 229 -6.15 -11.41 -56.58
N ARG A 230 -5.46 -12.50 -56.89
CA ARG A 230 -6.00 -13.82 -56.63
C ARG A 230 -5.61 -14.36 -55.26
N ALA A 231 -4.36 -14.14 -54.85
CA ALA A 231 -3.92 -14.65 -53.56
C ALA A 231 -4.65 -14.00 -52.40
N LEU A 232 -4.99 -12.72 -52.53
CA LEU A 232 -5.70 -12.04 -51.46
C LEU A 232 -7.08 -12.66 -51.23
N VAL A 233 -7.84 -12.86 -52.31
CA VAL A 233 -9.14 -13.50 -52.19
C VAL A 233 -8.99 -14.95 -51.73
N GLU A 234 -7.93 -15.63 -52.17
CA GLU A 234 -7.75 -17.04 -51.81
C GLU A 234 -7.38 -17.19 -50.34
N ALA A 235 -6.71 -16.21 -49.76
CA ALA A 235 -6.30 -16.25 -48.36
C ALA A 235 -7.29 -15.56 -47.43
N PHE A 236 -8.25 -14.82 -47.96
CA PHE A 236 -9.21 -14.13 -47.12
C PHE A 236 -10.45 -14.96 -46.80
N TYR A 237 -10.83 -15.87 -47.71
CA TYR A 237 -12.03 -16.68 -47.50
C TYR A 237 -11.71 -18.04 -46.89
N ARG A 238 -10.93 -18.87 -47.59
CA ARG A 238 -10.41 -20.13 -47.05
C ARG A 238 -11.50 -20.95 -46.35
N THR A 239 -12.44 -21.44 -47.17
CA THR A 239 -13.58 -22.18 -46.63
C THR A 239 -13.16 -23.33 -45.72
N ASN A 240 -11.98 -23.91 -45.95
CA ASN A 240 -11.56 -25.11 -45.22
C ASN A 240 -10.81 -24.83 -43.93
N LEU A 241 -10.21 -23.65 -43.78
CA LEU A 241 -9.37 -23.37 -42.63
C LEU A 241 -9.65 -21.97 -42.10
N PRO A 242 -9.10 -21.59 -40.94
CA PRO A 242 -9.26 -20.21 -40.47
C PRO A 242 -8.74 -19.21 -41.49
N ASN A 243 -9.37 -18.03 -41.51
CA ASN A 243 -8.96 -16.97 -42.43
C ASN A 243 -8.88 -15.63 -41.70
N MET A 244 -8.69 -14.54 -42.46
CA MET A 244 -8.55 -13.23 -41.84
C MET A 244 -9.90 -12.62 -41.48
N PHE A 245 -10.97 -13.00 -42.19
CA PHE A 245 -12.29 -12.47 -41.88
C PHE A 245 -12.71 -12.82 -40.47
N GLN A 246 -12.45 -14.05 -40.04
CA GLN A 246 -12.76 -14.45 -38.68
C GLN A 246 -11.93 -13.67 -37.66
N VAL A 247 -10.68 -13.32 -38.02
CA VAL A 247 -9.86 -12.53 -37.13
C VAL A 247 -10.44 -11.13 -36.95
N LEU A 248 -10.85 -10.51 -38.05
CA LEU A 248 -11.48 -9.19 -37.96
C LEU A 248 -12.77 -9.25 -37.15
N MET A 249 -13.58 -10.29 -37.38
CA MET A 249 -14.84 -10.41 -36.64
C MET A 249 -14.60 -10.60 -35.15
N THR A 250 -13.61 -11.43 -34.79
CA THR A 250 -13.35 -11.64 -33.37
C THR A 250 -12.76 -10.40 -32.71
N VAL A 251 -11.96 -9.62 -33.44
CA VAL A 251 -11.49 -8.36 -32.88
C VAL A 251 -12.66 -7.41 -32.63
N ALA A 252 -13.58 -7.31 -33.59
CA ALA A 252 -14.73 -6.44 -33.43
C ALA A 252 -15.60 -6.88 -32.25
N ILE A 253 -15.83 -8.18 -32.12
CA ILE A 253 -16.64 -8.68 -31.02
C ILE A 253 -15.95 -8.46 -29.68
N PHE A 254 -14.62 -8.61 -29.66
CA PHE A 254 -13.87 -8.32 -28.43
C PHE A 254 -14.03 -6.88 -28.01
N LEU A 255 -13.92 -5.95 -28.97
CA LEU A 255 -14.07 -4.54 -28.64
C LEU A 255 -15.50 -4.23 -28.17
N PHE A 256 -16.50 -4.83 -28.80
CA PHE A 256 -17.88 -4.59 -28.39
C PHE A 256 -18.13 -5.11 -26.98
N VAL A 257 -17.66 -6.32 -26.68
CA VAL A 257 -17.81 -6.87 -25.34
C VAL A 257 -17.10 -5.98 -24.32
N LEU A 258 -15.92 -5.47 -24.67
CA LEU A 258 -15.23 -4.55 -23.77
C LEU A 258 -16.02 -3.28 -23.54
N TYR A 259 -16.74 -2.81 -24.57
CA TYR A 259 -17.56 -1.62 -24.39
C TYR A 259 -18.74 -1.89 -23.46
N LEU A 260 -19.40 -3.04 -23.61
CA LEU A 260 -20.56 -3.36 -22.78
C LEU A 260 -20.19 -3.81 -21.36
N GLN A 261 -18.93 -3.73 -20.98
CA GLN A 261 -18.53 -4.06 -19.62
C GLN A 261 -18.61 -2.87 -18.67
N GLY A 262 -18.59 -1.64 -19.20
CA GLY A 262 -18.64 -0.46 -18.38
C GLY A 262 -20.03 -0.01 -17.96
N PHE A 263 -21.08 -0.62 -18.52
CA PHE A 263 -22.44 -0.28 -18.14
C PHE A 263 -22.68 -0.60 -16.68
N ARG A 264 -23.30 0.35 -15.96
CA ARG A 264 -23.59 0.16 -14.55
C ARG A 264 -24.62 1.20 -14.12
N TYR A 265 -25.47 0.80 -13.19
CA TYR A 265 -26.46 1.68 -12.58
C TYR A 265 -26.01 2.01 -11.17
N GLU A 266 -25.75 3.29 -10.90
CA GLU A 266 -25.20 3.73 -9.63
C GLU A 266 -26.33 4.42 -8.85
N LEU A 267 -26.87 3.72 -7.86
CA LEU A 267 -27.83 4.51 -7.12
C LEU A 267 -27.19 5.09 -5.87
N PRO A 268 -27.53 6.33 -5.51
CA PRO A 268 -26.87 6.98 -4.37
C PRO A 268 -27.38 6.43 -3.05
N ILE A 269 -26.44 6.19 -2.13
CA ILE A 269 -26.76 5.73 -0.79
C ILE A 269 -26.02 6.59 0.22
N ARG A 270 -26.59 6.66 1.44
CA ARG A 270 -25.99 7.40 2.54
C ARG A 270 -26.14 6.57 3.80
N SER A 271 -25.25 6.82 4.76
CA SER A 271 -25.22 6.08 6.00
C SER A 271 -25.96 6.83 7.10
N THR A 272 -26.44 6.07 8.09
CA THR A 272 -27.16 6.63 9.23
C THR A 272 -26.52 6.33 10.57
N LYS A 273 -25.69 5.28 10.67
CA LYS A 273 -24.96 5.02 11.90
C LYS A 273 -23.87 6.07 12.11
N VAL A 274 -22.91 6.13 11.19
CA VAL A 274 -21.85 7.12 11.21
C VAL A 274 -22.14 8.13 10.10
N ARG A 275 -22.62 9.31 10.48
CA ARG A 275 -22.96 10.32 9.51
C ARG A 275 -21.71 10.85 8.82
N GLY A 276 -21.86 11.25 7.56
CA GLY A 276 -20.74 11.71 6.78
C GLY A 276 -20.12 10.67 5.87
N GLN A 277 -20.74 9.51 5.72
CA GLN A 277 -20.27 8.47 4.81
C GLN A 277 -21.25 8.42 3.64
N ILE A 278 -20.82 8.95 2.50
CA ILE A 278 -21.64 9.02 1.29
C ILE A 278 -20.97 8.20 0.20
N GLY A 279 -21.75 7.46 -0.56
CA GLY A 279 -21.21 6.64 -1.61
C GLY A 279 -22.26 6.30 -2.64
N ILE A 280 -21.94 5.30 -3.47
CA ILE A 280 -22.84 4.80 -4.50
C ILE A 280 -22.79 3.27 -4.48
N TYR A 281 -23.90 2.67 -4.89
CA TYR A 281 -23.99 1.22 -4.99
C TYR A 281 -24.18 0.82 -6.44
N PRO A 282 -23.17 0.27 -7.11
CA PRO A 282 -23.30 -0.02 -8.54
C PRO A 282 -24.04 -1.32 -8.79
N ILE A 283 -24.94 -1.28 -9.76
CA ILE A 283 -25.71 -2.45 -10.21
C ILE A 283 -25.37 -2.65 -11.68
N LYS A 284 -24.51 -3.63 -11.96
CA LYS A 284 -23.99 -3.80 -13.31
C LYS A 284 -25.07 -4.30 -14.25
N LEU A 285 -24.76 -4.30 -15.54
CA LEU A 285 -25.64 -4.90 -16.53
C LEU A 285 -25.49 -6.42 -16.57
N PHE A 286 -24.25 -6.90 -16.67
CA PHE A 286 -23.97 -8.34 -16.59
C PHE A 286 -24.02 -8.75 -15.13
N TYR A 287 -25.25 -8.93 -14.64
CA TYR A 287 -25.46 -9.17 -13.22
C TYR A 287 -25.08 -10.58 -12.80
N THR A 288 -25.50 -11.58 -13.58
CA THR A 288 -25.28 -12.97 -13.21
C THR A 288 -23.84 -13.40 -13.47
N SER A 289 -23.51 -14.61 -13.03
CA SER A 289 -22.16 -15.14 -13.09
C SER A 289 -21.97 -16.13 -14.25
N ASN A 290 -22.69 -15.93 -15.35
CA ASN A 290 -22.54 -16.71 -16.58
C ASN A 290 -22.83 -18.19 -16.38
N THR A 291 -23.52 -18.55 -15.31
CA THR A 291 -23.96 -19.93 -15.09
C THR A 291 -25.21 -20.29 -15.90
N PRO A 292 -26.23 -19.42 -15.97
CA PRO A 292 -27.44 -19.79 -16.72
C PRO A 292 -27.19 -20.09 -18.19
N ILE A 293 -26.23 -19.41 -18.83
CA ILE A 293 -25.94 -19.73 -20.23
C ILE A 293 -25.37 -21.15 -20.34
N MET A 294 -24.51 -21.54 -19.41
CA MET A 294 -23.99 -22.90 -19.40
C MET A 294 -25.12 -23.91 -19.18
N LEU A 295 -26.04 -23.60 -18.26
CA LEU A 295 -27.16 -24.49 -18.01
C LEU A 295 -28.03 -24.63 -19.25
N GLN A 296 -28.28 -23.53 -19.95
CA GLN A 296 -29.12 -23.58 -21.15
C GLN A 296 -28.46 -24.36 -22.26
N SER A 297 -27.15 -24.17 -22.46
CA SER A 297 -26.43 -24.95 -23.46
C SER A 297 -26.48 -26.44 -23.13
N ALA A 298 -26.27 -26.78 -21.85
CA ALA A 298 -26.36 -28.18 -21.46
C ALA A 298 -27.76 -28.74 -21.72
N LEU A 299 -28.79 -27.97 -21.41
CA LEU A 299 -30.15 -28.44 -21.61
C LEU A 299 -30.44 -28.69 -23.08
N THR A 300 -30.07 -27.75 -23.95
CA THR A 300 -30.38 -27.92 -25.37
C THR A 300 -29.57 -29.06 -25.97
N SER A 301 -28.30 -29.22 -25.55
CA SER A 301 -27.52 -30.35 -26.02
C SER A 301 -28.14 -31.68 -25.59
N ASN A 302 -28.59 -31.75 -24.34
CA ASN A 302 -29.19 -32.99 -23.84
C ASN A 302 -30.47 -33.32 -24.61
N ILE A 303 -31.33 -32.34 -24.81
CA ILE A 303 -32.59 -32.65 -25.50
C ILE A 303 -32.33 -32.99 -26.96
N PHE A 304 -31.33 -32.36 -27.59
CA PHE A 304 -31.01 -32.70 -28.97
C PHE A 304 -30.51 -34.15 -29.07
N LEU A 305 -29.60 -34.54 -28.18
CA LEU A 305 -29.08 -35.90 -28.24
C LEU A 305 -30.16 -36.92 -27.90
N ILE A 306 -31.08 -36.57 -26.99
CA ILE A 306 -32.18 -37.48 -26.65
C ILE A 306 -33.09 -37.67 -27.85
N SER A 307 -33.44 -36.58 -28.55
CA SER A 307 -34.26 -36.70 -29.74
C SER A 307 -33.55 -37.53 -30.81
N GLN A 308 -32.22 -37.36 -30.94
CA GLN A 308 -31.47 -38.16 -31.89
C GLN A 308 -31.55 -39.65 -31.56
N ILE A 309 -31.30 -40.00 -30.30
CA ILE A 309 -31.33 -41.41 -29.91
C ILE A 309 -32.72 -42.00 -30.09
N LEU A 310 -33.75 -41.23 -29.75
CA LEU A 310 -35.11 -41.75 -29.86
C LEU A 310 -35.51 -41.95 -31.32
N PHE A 311 -35.17 -40.99 -32.19
CA PHE A 311 -35.46 -41.17 -33.61
C PHE A 311 -34.67 -42.34 -34.19
N GLN A 312 -33.47 -42.60 -33.65
CA GLN A 312 -32.72 -43.78 -34.07
C GLN A 312 -33.43 -45.05 -33.63
N LYS A 313 -34.05 -45.03 -32.44
CA LYS A 313 -34.74 -46.21 -31.94
C LYS A 313 -36.04 -46.48 -32.70
N TYR A 314 -36.86 -45.44 -32.90
CA TYR A 314 -38.13 -45.58 -33.59
C TYR A 314 -38.07 -44.87 -34.93
N PRO A 315 -38.14 -45.58 -36.05
CA PRO A 315 -38.04 -44.92 -37.36
C PRO A 315 -39.21 -43.98 -37.65
N THR A 316 -40.44 -44.50 -37.61
CA THR A 316 -41.61 -43.73 -38.00
C THR A 316 -42.69 -43.90 -36.94
N ASN A 317 -43.22 -42.77 -36.47
CA ASN A 317 -44.31 -42.76 -35.50
C ASN A 317 -45.10 -41.48 -35.71
N PRO A 318 -46.41 -41.48 -35.41
CA PRO A 318 -47.17 -40.23 -35.56
C PRO A 318 -46.64 -39.08 -34.73
N LEU A 319 -46.16 -39.35 -33.51
CA LEU A 319 -45.62 -38.29 -32.66
C LEU A 319 -44.12 -38.10 -32.84
N ILE A 320 -43.37 -39.18 -33.09
CA ILE A 320 -41.93 -39.07 -33.20
C ILE A 320 -41.54 -38.36 -34.50
N ARG A 321 -42.31 -38.56 -35.56
CA ARG A 321 -42.09 -37.78 -36.78
C ARG A 321 -42.27 -36.29 -36.53
N LEU A 322 -43.13 -35.93 -35.56
CA LEU A 322 -43.35 -34.53 -35.25
C LEU A 322 -42.26 -33.98 -34.33
N ILE A 323 -41.80 -34.77 -33.36
CA ILE A 323 -40.84 -34.25 -32.40
C ILE A 323 -39.46 -34.10 -33.03
N GLY A 324 -39.11 -34.99 -33.95
CA GLY A 324 -37.81 -34.92 -34.58
C GLY A 324 -37.57 -35.90 -35.71
N VAL A 325 -36.91 -35.44 -36.76
CA VAL A 325 -36.52 -36.27 -37.90
C VAL A 325 -35.07 -35.97 -38.23
N TRP A 326 -34.27 -37.02 -38.44
CA TRP A 326 -32.84 -36.89 -38.67
C TRP A 326 -32.47 -37.47 -40.02
N GLY A 327 -31.57 -36.79 -40.72
CA GLY A 327 -31.13 -37.25 -42.02
C GLY A 327 -29.88 -36.53 -42.45
N ILE A 328 -29.55 -36.69 -43.74
CA ILE A 328 -28.37 -36.04 -44.30
C ILE A 328 -28.74 -34.67 -44.87
N GLN A 336 -24.20 -35.98 -39.02
CA GLN A 336 -25.65 -36.01 -39.09
C GLN A 336 -26.26 -34.72 -38.56
N MET A 337 -27.45 -34.36 -39.06
CA MET A 337 -28.09 -33.12 -38.69
C MET A 337 -29.60 -33.26 -38.88
N ALA A 338 -30.35 -32.92 -37.85
CA ALA A 338 -31.80 -33.10 -37.88
C ALA A 338 -32.46 -32.12 -38.85
N LEU A 339 -33.54 -32.57 -39.47
CA LEU A 339 -34.28 -31.76 -40.43
C LEU A 339 -35.77 -32.03 -40.27
N SER A 340 -36.57 -30.98 -40.45
CA SER A 340 -38.02 -31.05 -40.34
C SER A 340 -38.46 -31.63 -38.99
N GLY A 341 -38.00 -30.99 -37.91
CA GLY A 341 -38.36 -31.41 -36.57
C GLY A 341 -38.11 -30.30 -35.58
N LEU A 342 -38.55 -30.56 -34.34
CA LEU A 342 -38.31 -29.59 -33.27
C LEU A 342 -36.81 -29.47 -32.98
N ALA A 343 -36.11 -30.60 -32.95
CA ALA A 343 -34.66 -30.55 -32.78
C ALA A 343 -34.00 -29.80 -33.94
N TYR A 344 -34.59 -29.87 -35.13
CA TYR A 344 -34.10 -29.08 -36.25
C TYR A 344 -34.33 -27.59 -36.00
N TYR A 345 -35.45 -27.23 -35.37
CA TYR A 345 -35.71 -25.83 -35.08
C TYR A 345 -34.76 -25.29 -34.01
N ILE A 346 -34.47 -26.11 -33.00
CA ILE A 346 -33.62 -25.63 -31.90
C ILE A 346 -32.13 -25.74 -32.19
N GLN A 347 -31.74 -26.31 -33.33
CA GLN A 347 -30.33 -26.45 -33.61
C GLN A 347 -29.71 -25.10 -33.94
N PRO A 348 -28.43 -24.91 -33.60
CA PRO A 348 -27.80 -23.61 -33.84
C PRO A 348 -27.44 -23.39 -35.29
N LEU A 349 -27.51 -22.13 -35.71
CA LEU A 349 -27.12 -21.75 -37.06
C LEU A 349 -25.61 -21.64 -37.15
N MET A 350 -25.04 -22.21 -38.22
CA MET A 350 -23.58 -22.26 -38.35
C MET A 350 -23.04 -21.00 -39.00
N SER A 351 -23.66 -20.56 -40.09
CA SER A 351 -23.17 -19.40 -40.84
C SER A 351 -24.36 -18.62 -41.37
N LEU A 352 -24.08 -17.61 -42.20
CA LEU A 352 -25.13 -16.75 -42.72
C LEU A 352 -25.95 -17.41 -43.82
N SER A 353 -25.40 -18.44 -44.47
CA SER A 353 -26.16 -19.13 -45.52
C SER A 353 -27.42 -19.77 -44.95
N GLU A 354 -27.27 -20.52 -43.86
CA GLU A 354 -28.44 -21.13 -43.22
C GLU A 354 -29.39 -20.07 -42.69
N ALA A 355 -28.87 -18.90 -42.30
CA ALA A 355 -29.73 -17.82 -41.83
C ALA A 355 -30.60 -17.29 -42.96
N LEU A 356 -29.98 -16.90 -44.07
CA LEU A 356 -30.74 -16.39 -45.21
C LEU A 356 -31.53 -17.48 -45.92
N LEU A 357 -31.32 -18.75 -45.57
CA LEU A 357 -32.07 -19.84 -46.21
C LEU A 357 -33.54 -19.77 -45.85
N ASP A 358 -33.86 -19.88 -44.56
CA ASP A 358 -35.24 -19.89 -44.09
C ASP A 358 -35.36 -18.98 -42.88
N PRO A 359 -36.09 -17.86 -42.98
CA PRO A 359 -36.15 -16.93 -41.84
C PRO A 359 -36.95 -17.46 -40.65
N ILE A 360 -37.87 -18.40 -40.88
CA ILE A 360 -38.73 -18.87 -39.80
C ILE A 360 -37.89 -19.57 -38.72
N LYS A 361 -37.02 -20.49 -39.14
CA LYS A 361 -36.15 -21.16 -38.18
C LYS A 361 -35.25 -20.16 -37.47
N THR A 362 -34.74 -19.16 -38.19
CA THR A 362 -33.90 -18.15 -37.57
C THR A 362 -34.64 -17.42 -36.45
N ILE A 363 -35.86 -16.96 -36.75
CA ILE A 363 -36.59 -16.17 -35.75
C ILE A 363 -36.99 -17.05 -34.57
N VAL A 364 -37.36 -18.32 -34.83
CA VAL A 364 -37.74 -19.19 -33.73
C VAL A 364 -36.53 -19.46 -32.83
N TYR A 365 -35.37 -19.73 -33.43
CA TYR A 365 -34.16 -19.98 -32.66
C TYR A 365 -33.76 -18.74 -31.84
N ILE A 366 -33.88 -17.56 -32.45
CA ILE A 366 -33.53 -16.33 -31.74
C ILE A 366 -34.43 -16.13 -30.52
N THR A 367 -35.75 -16.23 -30.72
CA THR A 367 -36.67 -16.04 -29.61
C THR A 367 -36.44 -17.08 -28.51
N PHE A 368 -36.20 -18.33 -28.90
CA PHE A 368 -35.96 -19.36 -27.90
C PHE A 368 -34.71 -19.06 -27.08
N VAL A 369 -33.60 -18.77 -27.76
CA VAL A 369 -32.32 -18.60 -27.08
C VAL A 369 -32.33 -17.33 -26.23
N LEU A 370 -33.15 -16.34 -26.57
CA LEU A 370 -33.21 -15.14 -25.73
C LEU A 370 -34.14 -15.35 -24.55
N GLY A 371 -35.33 -15.91 -24.78
CA GLY A 371 -36.27 -16.10 -23.69
C GLY A 371 -35.77 -17.07 -22.63
N SER A 372 -35.16 -18.18 -23.06
CA SER A 372 -34.63 -19.13 -22.09
C SER A 372 -33.54 -18.50 -21.24
N CYS A 373 -32.67 -17.70 -21.87
CA CYS A 373 -31.60 -17.05 -21.12
C CYS A 373 -32.16 -16.05 -20.13
N ALA A 374 -33.16 -15.27 -20.53
CA ALA A 374 -33.76 -14.30 -19.61
C ALA A 374 -34.40 -15.01 -18.42
N VAL A 375 -35.17 -16.08 -18.68
CA VAL A 375 -35.83 -16.80 -17.60
C VAL A 375 -34.82 -17.42 -16.66
N PHE A 376 -33.75 -18.01 -17.21
CA PHE A 376 -32.74 -18.64 -16.37
C PHE A 376 -31.99 -17.60 -15.54
N SER A 377 -31.75 -16.41 -16.10
CA SER A 377 -31.09 -15.37 -15.32
C SER A 377 -31.97 -14.89 -14.17
N LYS A 378 -33.25 -14.68 -14.44
CA LYS A 378 -34.17 -14.29 -13.36
C LYS A 378 -34.20 -15.35 -12.27
N THR A 379 -34.36 -16.61 -12.66
CA THR A 379 -34.40 -17.68 -11.66
C THR A 379 -33.08 -17.77 -10.89
N TRP A 380 -31.96 -17.53 -11.55
CA TRP A 380 -30.68 -17.64 -10.86
C TRP A 380 -30.49 -16.52 -9.85
N ILE A 381 -30.93 -15.29 -10.18
CA ILE A 381 -30.82 -14.23 -9.17
C ILE A 381 -31.82 -14.48 -8.05
N GLU A 382 -32.93 -15.18 -8.34
CA GLU A 382 -33.87 -15.49 -7.27
C GLU A 382 -33.33 -16.60 -6.36
N ILE A 383 -32.50 -17.48 -6.90
CA ILE A 383 -32.00 -18.62 -6.13
C ILE A 383 -30.72 -18.30 -5.38
N SER A 384 -29.78 -17.61 -6.02
CA SER A 384 -28.42 -17.47 -5.50
C SER A 384 -28.30 -16.42 -4.40
N GLY A 385 -29.40 -15.97 -3.81
CA GLY A 385 -29.31 -15.05 -2.69
C GLY A 385 -28.93 -13.63 -3.06
N THR A 386 -29.12 -13.24 -4.32
CA THR A 386 -28.89 -11.86 -4.75
C THR A 386 -30.19 -11.16 -5.10
N SER A 387 -31.32 -11.71 -4.65
CA SER A 387 -32.62 -11.11 -4.93
C SER A 387 -32.70 -9.75 -4.25
N PRO A 388 -33.63 -8.90 -4.70
CA PRO A 388 -33.78 -7.58 -4.06
C PRO A 388 -34.06 -7.64 -2.57
N ARG A 389 -34.70 -8.72 -2.09
CA ARG A 389 -34.95 -8.85 -0.67
C ARG A 389 -33.65 -8.98 0.11
N ASP A 390 -32.70 -9.76 -0.41
CA ASP A 390 -31.42 -9.93 0.28
C ASP A 390 -30.63 -8.63 0.30
N ILE A 391 -30.68 -7.87 -0.80
CA ILE A 391 -29.98 -6.59 -0.83
C ILE A 391 -30.62 -5.60 0.15
N ALA A 392 -31.95 -5.61 0.24
CA ALA A 392 -32.62 -4.75 1.20
C ALA A 392 -32.28 -5.15 2.63
N LYS A 393 -32.16 -6.45 2.89
CA LYS A 393 -31.77 -6.90 4.23
C LYS A 393 -30.35 -6.47 4.55
N GLN A 394 -29.44 -6.56 3.57
CA GLN A 394 -28.07 -6.09 3.80
C GLN A 394 -28.03 -4.59 4.05
N PHE A 395 -28.85 -3.83 3.32
CA PHE A 395 -28.94 -2.39 3.56
C PHE A 395 -29.41 -2.10 4.99
N LYS A 396 -30.45 -2.81 5.43
CA LYS A 396 -30.95 -2.60 6.78
C LYS A 396 -29.92 -3.01 7.82
N ASP A 397 -29.13 -4.04 7.53
CA ASP A 397 -28.11 -4.49 8.48
C ASP A 397 -26.99 -3.46 8.60
N GLN A 398 -26.47 -2.99 7.46
CA GLN A 398 -25.38 -2.01 7.51
C GLN A 398 -25.86 -0.65 7.98
N GLY A 399 -27.16 -0.36 7.84
CA GLY A 399 -27.70 0.93 8.22
C GLY A 399 -27.84 1.92 7.09
N MET A 400 -27.38 1.58 5.89
CA MET A 400 -27.47 2.48 4.76
C MET A 400 -28.92 2.63 4.30
N VAL A 401 -29.19 3.76 3.64
CA VAL A 401 -30.48 4.03 3.00
C VAL A 401 -30.21 4.68 1.65
N ILE A 402 -31.28 4.86 0.89
CA ILE A 402 -31.18 5.55 -0.39
C ILE A 402 -31.21 7.04 -0.15
N ASN A 403 -30.55 7.80 -1.02
CA ASN A 403 -30.31 9.22 -0.77
C ASN A 403 -31.61 9.99 -0.66
N GLY A 404 -32.39 10.04 -1.75
CA GLY A 404 -33.56 10.89 -1.78
C GLY A 404 -34.87 10.17 -1.52
N LYS A 405 -34.82 9.08 -0.76
CA LYS A 405 -36.01 8.28 -0.48
C LYS A 405 -36.04 7.92 0.99
N ARG A 406 -37.11 7.24 1.39
CA ARG A 406 -37.31 6.87 2.79
C ARG A 406 -36.56 5.56 3.09
N GLU A 407 -36.75 5.05 4.30
CA GLU A 407 -36.08 3.82 4.72
C GLU A 407 -36.93 2.58 4.47
N THR A 408 -38.24 2.72 4.50
CA THR A 408 -39.15 1.60 4.25
C THR A 408 -39.41 1.37 2.77
N SER A 409 -38.61 1.96 1.88
CA SER A 409 -38.83 1.83 0.45
C SER A 409 -37.63 1.24 -0.29
N ILE A 410 -36.59 0.80 0.41
CA ILE A 410 -35.42 0.26 -0.28
C ILE A 410 -35.78 -1.03 -1.00
N TYR A 411 -36.62 -1.88 -0.41
CA TYR A 411 -37.02 -3.12 -1.06
C TYR A 411 -37.89 -2.83 -2.28
N ARG A 412 -38.88 -1.95 -2.13
CA ARG A 412 -39.75 -1.58 -3.23
C ARG A 412 -38.99 -0.87 -4.35
N GLU A 413 -37.86 -0.26 -4.04
CA GLU A 413 -37.04 0.39 -5.07
C GLU A 413 -36.09 -0.59 -5.76
N LEU A 414 -35.53 -1.54 -5.02
CA LEU A 414 -34.64 -2.51 -5.63
C LEU A 414 -35.41 -3.53 -6.47
N LYS A 415 -36.68 -3.77 -6.13
CA LYS A 415 -37.51 -4.65 -6.95
C LYS A 415 -37.70 -4.10 -8.35
N LYS A 416 -37.69 -2.79 -8.51
CA LYS A 416 -37.89 -2.16 -9.80
C LYS A 416 -36.59 -1.97 -10.57
N ILE A 417 -35.48 -2.49 -10.07
CA ILE A 417 -34.17 -2.27 -10.70
C ILE A 417 -33.48 -3.60 -10.99
N ILE A 418 -33.36 -4.45 -9.97
CA ILE A 418 -32.49 -5.62 -10.09
C ILE A 418 -33.02 -6.66 -11.08
N PRO A 419 -34.31 -7.06 -11.02
CA PRO A 419 -34.77 -8.08 -11.99
C PRO A 419 -34.64 -7.66 -13.44
N THR A 420 -34.95 -6.40 -13.76
CA THR A 420 -34.80 -5.91 -15.12
C THR A 420 -33.34 -5.99 -15.57
N ALA A 421 -32.42 -5.60 -14.69
CA ALA A 421 -31.01 -5.67 -15.02
C ALA A 421 -30.59 -7.11 -15.30
N ALA A 422 -31.02 -8.05 -14.46
CA ALA A 422 -30.64 -9.44 -14.64
C ALA A 422 -31.19 -10.00 -15.95
N ALA A 423 -32.47 -9.74 -16.23
CA ALA A 423 -33.08 -10.25 -17.45
C ALA A 423 -32.41 -9.67 -18.69
N PHE A 424 -32.16 -8.36 -18.70
CA PHE A 424 -31.54 -7.76 -19.88
C PHE A 424 -30.09 -8.21 -20.04
N GLY A 425 -29.38 -8.42 -18.94
CA GLY A 425 -28.03 -8.96 -19.05
C GLY A 425 -28.02 -10.36 -19.65
N GLY A 426 -28.94 -11.21 -19.19
CA GLY A 426 -29.05 -12.54 -19.79
C GLY A 426 -29.39 -12.50 -21.26
N ALA A 427 -30.34 -11.64 -21.64
CA ALA A 427 -30.70 -11.52 -23.04
C ALA A 427 -29.53 -11.03 -23.88
N THR A 428 -28.77 -10.07 -23.36
CA THR A 428 -27.62 -9.54 -24.10
C THR A 428 -26.53 -10.59 -24.26
N ILE A 429 -26.28 -11.38 -23.21
CA ILE A 429 -25.29 -12.45 -23.32
C ILE A 429 -25.73 -13.49 -24.34
N GLY A 430 -27.02 -13.84 -24.35
CA GLY A 430 -27.51 -14.77 -25.35
C GLY A 430 -27.37 -14.24 -26.76
N ALA A 431 -27.71 -12.95 -26.97
CA ALA A 431 -27.57 -12.36 -28.29
C ALA A 431 -26.11 -12.31 -28.72
N LEU A 432 -25.20 -12.03 -27.79
CA LEU A 432 -23.78 -12.03 -28.13
C LEU A 432 -23.30 -13.41 -28.54
N SER A 433 -23.71 -14.44 -27.80
CA SER A 433 -23.34 -15.80 -28.17
C SER A 433 -23.88 -16.18 -29.54
N VAL A 434 -25.13 -15.80 -29.83
CA VAL A 434 -25.72 -16.10 -31.12
C VAL A 434 -24.95 -15.40 -32.23
N GLY A 435 -24.66 -14.11 -32.05
CA GLY A 435 -23.92 -13.38 -33.06
C GLY A 435 -22.53 -13.93 -33.30
N SER A 436 -21.85 -14.35 -32.23
CA SER A 436 -20.52 -14.91 -32.36
C SER A 436 -20.55 -16.23 -33.10
N ASP A 437 -21.50 -17.11 -32.75
CA ASP A 437 -21.61 -18.37 -33.48
C ASP A 437 -22.09 -18.17 -34.90
N LEU A 438 -22.77 -17.07 -35.19
CA LEU A 438 -23.27 -16.83 -36.54
C LEU A 438 -22.19 -16.28 -37.46
N LEU A 439 -21.49 -15.24 -37.02
CA LEU A 439 -20.41 -14.67 -37.84
C LEU A 439 -19.17 -15.55 -37.88
N GLY A 440 -19.13 -16.61 -37.10
CA GLY A 440 -18.01 -17.54 -37.13
C GLY A 440 -16.70 -16.94 -36.67
N THR A 441 -16.60 -16.61 -35.39
CA THR A 441 -15.35 -16.09 -34.85
C THR A 441 -14.42 -17.22 -34.44
N LEU A 442 -13.20 -16.84 -34.02
CA LEU A 442 -12.24 -17.84 -33.60
C LEU A 442 -12.62 -18.47 -32.26
N GLY A 443 -13.38 -17.75 -31.45
CA GLY A 443 -13.86 -18.29 -30.19
C GLY A 443 -15.29 -17.87 -29.95
N SER A 444 -16.05 -18.76 -29.32
CA SER A 444 -17.44 -18.48 -29.02
C SER A 444 -17.56 -17.28 -28.09
N GLY A 445 -18.74 -16.67 -28.10
CA GLY A 445 -18.96 -15.48 -27.27
C GLY A 445 -18.86 -15.78 -25.79
N ALA A 446 -19.21 -16.99 -25.37
CA ALA A 446 -19.16 -17.35 -23.96
C ALA A 446 -17.73 -17.32 -23.43
N SER A 447 -16.79 -17.93 -24.15
CA SER A 447 -15.41 -17.97 -23.70
C SER A 447 -14.79 -16.58 -23.71
N ILE A 448 -15.03 -15.80 -24.76
CA ILE A 448 -14.51 -14.44 -24.82
C ILE A 448 -15.05 -13.62 -23.66
N LEU A 449 -16.34 -13.78 -23.36
CA LEU A 449 -16.94 -13.01 -22.27
C LEU A 449 -16.37 -13.43 -20.92
N MET A 450 -16.14 -14.73 -20.74
CA MET A 450 -15.55 -15.21 -19.48
C MET A 450 -14.15 -14.65 -19.29
N ALA A 451 -13.32 -14.72 -20.33
CA ALA A 451 -11.96 -14.19 -20.22
C ALA A 451 -11.96 -12.68 -19.98
N THR A 452 -12.82 -11.96 -20.70
CA THR A 452 -12.90 -10.51 -20.53
C THR A 452 -13.34 -10.16 -19.12
N THR A 453 -14.32 -10.89 -18.58
CA THR A 453 -14.76 -10.64 -17.22
C THR A 453 -13.65 -10.92 -16.21
N THR A 454 -12.93 -12.02 -16.39
CA THR A 454 -11.85 -12.36 -15.48
C THR A 454 -10.77 -11.29 -15.46
N ILE A 455 -10.42 -10.76 -16.64
CA ILE A 455 -9.35 -9.76 -16.68
C ILE A 455 -9.86 -8.40 -16.21
N TYR A 456 -11.11 -8.06 -16.54
CA TYR A 456 -11.68 -6.80 -16.09
C TYR A 456 -11.83 -6.77 -14.57
N GLY A 457 -12.04 -7.93 -13.96
CA GLY A 457 -12.06 -7.98 -12.50
C GLY A 457 -10.73 -7.54 -11.91
N TYR A 458 -9.63 -8.07 -12.41
CA TYR A 458 -8.31 -7.67 -11.95
C TYR A 458 -8.09 -6.18 -12.20
N TYR A 459 -8.46 -5.71 -13.38
CA TYR A 459 -8.25 -4.29 -13.70
C TYR A 459 -9.03 -3.39 -12.75
N GLU A 460 -10.31 -3.71 -12.52
CA GLU A 460 -11.15 -2.89 -11.65
C GLU A 460 -10.66 -2.93 -10.22
N ALA A 461 -10.22 -4.10 -9.73
CA ALA A 461 -9.70 -4.18 -8.37
C ALA A 461 -8.42 -3.36 -8.24
N ALA A 462 -7.53 -3.43 -9.23
CA ALA A 462 -6.29 -2.66 -9.18
C ALA A 462 -6.56 -1.16 -9.25
N ALA A 463 -7.60 -0.76 -10.00
CA ALA A 463 -7.93 0.66 -10.07
C ALA A 463 -8.55 1.15 -8.78
N LYS A 464 -9.45 0.35 -8.19
CA LYS A 464 -10.11 0.75 -6.95
C LYS A 464 -9.13 0.80 -5.79
N GLU A 465 -8.26 -0.21 -5.66
CA GLU A 465 -7.31 -0.22 -4.55
C GLU A 465 -6.20 0.79 -4.76
N GLY A 466 -5.70 0.92 -5.99
CA GLY A 466 -4.66 1.88 -6.29
C GLY A 466 -3.28 1.26 -6.41
N GLY A 467 -2.82 1.07 -7.64
CA GLY A 467 -1.52 0.48 -7.86
C GLY A 467 -1.14 0.56 -9.32
N PHE A 468 0.15 0.36 -9.57
CA PHE A 468 0.69 0.42 -10.93
C PHE A 468 0.15 -0.70 -11.80
N VAL B 26 -44.63 -6.77 -24.08
CA VAL B 26 -44.03 -5.60 -24.70
C VAL B 26 -43.39 -4.70 -23.66
N GLU B 27 -43.74 -4.92 -22.39
CA GLU B 27 -43.15 -4.15 -21.30
C GLU B 27 -41.70 -4.55 -21.03
N PHE B 28 -41.30 -5.75 -21.45
CA PHE B 28 -39.92 -6.19 -21.23
C PHE B 28 -38.93 -5.25 -21.93
N VAL B 29 -39.14 -5.00 -23.22
CA VAL B 29 -38.27 -4.11 -23.97
C VAL B 29 -38.37 -2.68 -23.46
N ARG B 30 -39.56 -2.28 -23.00
CA ARG B 30 -39.73 -0.92 -22.48
C ARG B 30 -38.89 -0.71 -21.22
N GLU B 31 -39.03 -1.61 -20.25
CA GLU B 31 -38.20 -1.52 -19.05
C GLU B 31 -36.72 -1.66 -19.38
N GLY B 32 -36.39 -2.48 -20.38
CA GLY B 32 -35.00 -2.61 -20.78
C GLY B 32 -34.42 -1.29 -21.28
N THR B 33 -35.12 -0.62 -22.19
CA THR B 33 -34.60 0.63 -22.71
C THR B 33 -34.64 1.74 -21.67
N GLN B 34 -35.60 1.69 -20.74
CA GLN B 34 -35.58 2.65 -19.64
C GLN B 34 -34.34 2.48 -18.77
N PHE B 35 -34.08 1.24 -18.33
CA PHE B 35 -32.88 0.98 -17.54
C PHE B 35 -31.63 1.35 -18.30
N LEU B 36 -31.60 1.09 -19.61
CA LEU B 36 -30.43 1.45 -20.42
C LEU B 36 -30.24 2.97 -20.47
N ALA B 37 -31.35 3.72 -20.56
CA ALA B 37 -31.25 5.17 -20.53
C ALA B 37 -30.73 5.65 -19.18
N LYS B 38 -31.11 4.98 -18.10
CA LYS B 38 -30.67 5.38 -16.77
C LYS B 38 -29.26 4.92 -16.42
N CYS B 39 -28.60 4.14 -17.28
CA CYS B 39 -27.28 3.63 -16.97
C CYS B 39 -26.23 4.73 -17.07
N LYS B 40 -24.96 4.34 -16.91
CA LYS B 40 -23.82 5.24 -17.01
C LYS B 40 -22.84 4.63 -18.01
N LYS B 41 -22.98 5.02 -19.28
CA LYS B 41 -22.08 4.52 -20.30
C LYS B 41 -20.69 5.15 -20.13
N PRO B 42 -19.63 4.40 -20.41
CA PRO B 42 -18.29 4.98 -20.28
C PRO B 42 -17.98 5.93 -21.43
N ASP B 43 -17.29 7.02 -21.10
CA ASP B 43 -16.90 8.00 -22.10
C ASP B 43 -15.65 7.52 -22.83
N LEU B 44 -15.17 8.35 -23.77
CA LEU B 44 -14.04 7.95 -24.60
C LEU B 44 -12.75 7.89 -23.78
N LYS B 45 -12.54 8.86 -22.89
CA LYS B 45 -11.32 8.87 -22.08
C LYS B 45 -11.22 7.66 -21.18
N GLU B 46 -12.35 7.15 -20.69
CA GLU B 46 -12.34 5.95 -19.85
C GLU B 46 -12.29 4.69 -20.70
N TYR B 47 -13.02 4.68 -21.83
CA TYR B 47 -13.00 3.51 -22.70
C TYR B 47 -11.61 3.24 -23.24
N THR B 48 -10.82 4.29 -23.48
CA THR B 48 -9.46 4.10 -23.97
C THR B 48 -8.61 3.35 -22.95
N LYS B 49 -8.66 3.78 -21.69
CA LYS B 49 -7.89 3.08 -20.65
C LYS B 49 -8.40 1.66 -20.46
N ILE B 50 -9.73 1.47 -20.54
CA ILE B 50 -10.29 0.12 -20.42
C ILE B 50 -9.72 -0.80 -21.49
N VAL B 51 -9.83 -0.40 -22.76
CA VAL B 51 -9.38 -1.26 -23.84
C VAL B 51 -7.87 -1.45 -23.77
N LYS B 52 -7.13 -0.42 -23.38
CA LYS B 52 -5.68 -0.55 -23.26
C LYS B 52 -5.32 -1.61 -22.24
N ALA B 53 -5.85 -1.50 -21.02
CA ALA B 53 -5.49 -2.45 -19.96
C ALA B 53 -5.92 -3.86 -20.32
N VAL B 54 -7.15 -4.02 -20.81
CA VAL B 54 -7.65 -5.37 -21.07
C VAL B 54 -6.92 -6.00 -22.24
N GLY B 55 -6.63 -5.24 -23.29
CA GLY B 55 -5.86 -5.77 -24.40
C GLY B 55 -4.45 -6.15 -23.99
N ILE B 56 -3.82 -5.33 -23.13
CA ILE B 56 -2.49 -5.66 -22.65
C ILE B 56 -2.51 -6.98 -21.90
N GLY B 57 -3.47 -7.16 -21.00
CA GLY B 57 -3.57 -8.41 -20.26
C GLY B 57 -3.83 -9.60 -21.16
N PHE B 58 -4.76 -9.44 -22.11
CA PHE B 58 -5.11 -10.53 -23.02
C PHE B 58 -3.90 -10.96 -23.84
N ILE B 59 -3.19 -10.00 -24.45
CA ILE B 59 -2.02 -10.34 -25.23
C ILE B 59 -0.92 -10.93 -24.35
N ALA B 60 -0.80 -10.43 -23.11
CA ALA B 60 0.24 -10.92 -22.22
C ALA B 60 0.03 -12.40 -21.89
N VAL B 61 -1.20 -12.81 -21.65
CA VAL B 61 -1.43 -14.22 -21.36
C VAL B 61 -1.37 -15.06 -22.64
N GLY B 62 -1.87 -14.52 -23.75
CA GLY B 62 -1.90 -15.29 -24.99
C GLY B 62 -0.52 -15.58 -25.54
N ILE B 63 0.37 -14.60 -25.52
CA ILE B 63 1.72 -14.80 -26.06
C ILE B 63 2.50 -15.79 -25.21
N ILE B 64 2.33 -15.72 -23.89
CA ILE B 64 3.01 -16.68 -23.01
C ILE B 64 2.51 -18.08 -23.29
N GLY B 65 1.19 -18.26 -23.37
CA GLY B 65 0.64 -19.57 -23.69
C GLY B 65 1.15 -20.10 -25.02
N TYR B 66 1.16 -19.25 -26.05
CA TYR B 66 1.59 -19.68 -27.38
C TYR B 66 3.07 -20.05 -27.39
N ALA B 67 3.90 -19.26 -26.71
CA ALA B 67 5.33 -19.57 -26.69
C ALA B 67 5.61 -20.87 -25.94
N ILE B 68 4.95 -21.08 -24.81
CA ILE B 68 5.15 -22.33 -24.06
C ILE B 68 4.66 -23.52 -24.87
N LYS B 69 3.56 -23.35 -25.61
CA LYS B 69 3.05 -24.45 -26.43
C LYS B 69 3.94 -24.72 -27.63
N LEU B 70 4.62 -23.69 -28.15
CA LEU B 70 5.42 -23.86 -29.35
C LEU B 70 6.81 -24.42 -29.04
N ILE B 71 7.41 -24.00 -27.92
CA ILE B 71 8.78 -24.41 -27.62
C ILE B 71 8.87 -25.92 -27.41
N HIS B 72 7.82 -26.53 -26.86
CA HIS B 72 7.89 -27.91 -26.39
C HIS B 72 7.65 -28.94 -27.48
N ILE B 73 7.54 -28.56 -28.75
CA ILE B 73 7.37 -29.56 -29.80
C ILE B 73 8.71 -30.21 -30.13
N PRO B 74 9.75 -29.45 -30.50
CA PRO B 74 11.04 -30.12 -30.79
C PRO B 74 11.71 -30.68 -29.55
N ILE B 75 11.48 -30.07 -28.39
CA ILE B 75 12.04 -30.61 -27.15
C ILE B 75 11.42 -31.97 -26.84
N ARG B 76 10.10 -32.09 -27.00
CA ARG B 76 9.46 -33.37 -26.80
C ARG B 76 9.80 -34.36 -27.90
N TYR B 77 10.21 -33.88 -29.08
CA TYR B 77 10.70 -34.80 -30.11
C TYR B 77 12.05 -35.37 -29.71
N VAL B 78 12.97 -34.53 -29.28
CA VAL B 78 14.33 -34.99 -28.96
C VAL B 78 14.32 -35.84 -27.70
N ILE B 79 13.67 -35.35 -26.64
CA ILE B 79 13.70 -36.04 -25.35
C ILE B 79 13.02 -37.41 -25.46
N VAL B 80 11.74 -37.40 -25.82
CA VAL B 80 10.98 -38.64 -25.94
C VAL B 80 11.12 -39.22 -27.34
N ARG C 51 3.24 -22.17 6.57
CA ARG C 51 4.02 -23.40 6.68
C ARG C 51 4.97 -23.54 5.50
N VAL C 52 4.49 -23.20 4.31
CA VAL C 52 5.26 -23.29 3.08
C VAL C 52 5.36 -21.90 2.46
N ASP C 53 6.56 -21.54 2.02
CA ASP C 53 6.81 -20.26 1.38
C ASP C 53 6.65 -20.37 -0.12
N PRO C 54 6.38 -19.25 -0.81
CA PRO C 54 6.26 -19.31 -2.27
C PRO C 54 7.54 -19.80 -2.95
N LEU C 55 8.71 -19.39 -2.45
CA LEU C 55 9.96 -19.90 -3.00
C LEU C 55 10.07 -21.41 -2.84
N VAL C 56 9.54 -21.95 -1.74
CA VAL C 56 9.57 -23.40 -1.54
C VAL C 56 8.73 -24.09 -2.60
N VAL C 57 7.56 -23.53 -2.92
CA VAL C 57 6.70 -24.12 -3.94
C VAL C 57 7.37 -24.04 -5.31
N LEU C 58 7.99 -22.89 -5.63
CA LEU C 58 8.71 -22.77 -6.89
C LEU C 58 9.83 -23.80 -6.98
N PHE C 59 10.58 -23.98 -5.89
CA PHE C 59 11.68 -24.94 -5.90
C PHE C 59 11.17 -26.36 -6.06
N LEU C 60 10.06 -26.69 -5.38
CA LEU C 60 9.48 -28.02 -5.53
C LEU C 60 9.05 -28.28 -6.96
N ALA C 61 8.39 -27.30 -7.58
CA ALA C 61 7.93 -27.47 -8.96
C ALA C 61 9.10 -27.66 -9.91
N VAL C 62 10.11 -26.79 -9.80
CA VAL C 62 11.26 -26.87 -10.70
C VAL C 62 12.01 -28.19 -10.48
N GLY C 63 12.13 -28.62 -9.23
CA GLY C 63 12.81 -29.87 -8.95
C GLY C 63 12.08 -31.07 -9.53
N PHE C 64 10.75 -31.12 -9.36
CA PHE C 64 9.99 -32.23 -9.94
C PHE C 64 10.09 -32.24 -11.46
N ILE C 65 9.98 -31.07 -12.08
CA ILE C 65 10.06 -30.98 -13.54
C ILE C 65 11.43 -31.46 -14.02
N PHE C 66 12.49 -30.95 -13.39
CA PHE C 66 13.85 -31.35 -13.80
C PHE C 66 14.10 -32.82 -13.53
N SER C 67 13.50 -33.38 -12.48
CA SER C 67 13.66 -34.80 -12.20
C SER C 67 13.01 -35.65 -13.29
N VAL C 68 11.79 -35.28 -13.70
CA VAL C 68 11.13 -36.03 -14.77
C VAL C 68 11.93 -35.93 -16.07
N VAL C 69 12.40 -34.73 -16.41
CA VAL C 69 13.15 -34.55 -17.65
C VAL C 69 14.47 -35.32 -17.59
N ALA C 70 15.11 -35.35 -16.42
CA ALA C 70 16.36 -36.07 -16.27
C ALA C 70 16.15 -37.57 -16.40
N LEU C 71 15.07 -38.09 -15.81
CA LEU C 71 14.73 -39.49 -15.99
C LEU C 71 14.52 -39.81 -17.47
N HIS C 72 13.81 -38.94 -18.18
CA HIS C 72 13.56 -39.17 -19.60
C HIS C 72 14.86 -39.21 -20.40
N VAL C 73 15.73 -38.21 -20.20
CA VAL C 73 16.95 -38.16 -20.99
C VAL C 73 17.89 -39.29 -20.61
N ILE C 74 17.87 -39.72 -19.34
CA ILE C 74 18.70 -40.85 -18.93
C ILE C 74 18.23 -42.13 -19.61
N SER C 75 16.91 -42.37 -19.62
CA SER C 75 16.41 -43.54 -20.33
C SER C 75 16.73 -43.48 -21.82
N LYS C 76 16.64 -42.29 -22.42
CA LYS C 76 16.93 -42.17 -23.84
C LYS C 76 18.39 -42.47 -24.15
N VAL C 77 19.31 -41.89 -23.36
CA VAL C 77 20.73 -42.11 -23.62
C VAL C 77 21.11 -43.55 -23.29
N ALA C 78 20.44 -44.18 -22.32
CA ALA C 78 20.71 -45.58 -22.02
C ALA C 78 20.27 -46.48 -23.17
N GLY C 79 19.08 -46.22 -23.73
CA GLY C 79 18.64 -46.98 -24.88
C GLY C 79 19.50 -46.73 -26.12
N LYS C 80 20.02 -45.51 -26.26
CA LYS C 80 20.87 -45.21 -27.41
C LYS C 80 22.24 -45.86 -27.29
N LEU C 81 22.79 -45.91 -26.08
CA LEU C 81 24.12 -46.48 -25.90
C LEU C 81 24.09 -48.01 -25.88
N PHE C 82 23.12 -48.59 -25.18
CA PHE C 82 23.02 -50.04 -25.10
C PHE C 82 21.62 -50.51 -25.47
N ASN D 18 3.32 -38.52 -37.45
CA ASN D 18 4.56 -37.80 -37.19
C ASN D 18 4.66 -36.53 -38.02
N TYR D 19 5.24 -35.48 -37.44
CA TYR D 19 5.44 -34.24 -38.16
C TYR D 19 6.54 -34.39 -39.20
N GLU D 20 6.52 -33.49 -40.18
CA GLU D 20 7.54 -33.43 -41.23
C GLU D 20 8.19 -32.06 -41.18
N TYR D 21 9.40 -32.01 -40.61
CA TYR D 21 10.12 -30.76 -40.47
C TYR D 21 10.65 -30.29 -41.81
N ASP D 22 10.81 -28.97 -41.93
CA ASP D 22 11.25 -28.38 -43.20
C ASP D 22 12.68 -28.81 -43.51
N GLU D 23 12.87 -29.47 -44.65
CA GLU D 23 14.17 -29.99 -45.03
C GLU D 23 14.85 -29.18 -46.13
N ALA D 24 14.12 -28.37 -46.88
CA ALA D 24 14.70 -27.60 -47.98
C ALA D 24 14.48 -26.09 -47.81
N SER D 25 14.20 -25.64 -46.59
CA SER D 25 14.03 -24.23 -46.28
C SER D 25 12.93 -23.60 -47.15
N GLU D 26 11.72 -24.12 -46.99
CA GLU D 26 10.58 -23.68 -47.77
C GLU D 26 9.43 -23.11 -46.96
N THR D 27 9.45 -23.26 -45.64
CA THR D 27 8.32 -22.79 -44.84
C THR D 27 8.73 -21.88 -43.70
N TRP D 28 9.89 -22.13 -43.08
CA TRP D 28 10.30 -21.30 -41.96
C TRP D 28 10.64 -19.86 -42.34
N PRO D 29 11.08 -19.56 -43.57
CA PRO D 29 11.20 -18.14 -43.95
C PRO D 29 9.92 -17.34 -43.76
N SER D 30 8.78 -17.88 -44.18
CA SER D 30 7.51 -17.15 -44.03
C SER D 30 7.14 -16.99 -42.56
N PHE D 31 7.38 -18.03 -41.76
CA PHE D 31 7.08 -17.96 -40.33
C PHE D 31 7.91 -16.88 -39.65
N ILE D 32 9.22 -16.85 -39.93
CA ILE D 32 10.07 -15.84 -39.32
C ILE D 32 9.72 -14.45 -39.84
N LEU D 33 9.33 -14.35 -41.11
CA LEU D 33 8.93 -13.07 -41.67
C LEU D 33 7.71 -12.52 -40.96
N THR D 34 6.71 -13.36 -40.72
CA THR D 34 5.53 -12.91 -39.99
C THR D 34 5.87 -12.56 -38.55
N GLY D 35 6.71 -13.37 -37.91
CA GLY D 35 7.11 -13.07 -36.55
C GLY D 35 7.85 -11.76 -36.42
N LEU D 36 8.61 -11.38 -37.45
CA LEU D 36 9.32 -10.09 -37.42
C LEU D 36 8.38 -8.93 -37.76
N LEU D 37 7.47 -9.14 -38.71
CA LEU D 37 6.57 -8.06 -39.10
C LEU D 37 5.61 -7.71 -37.97
N MET D 38 5.07 -8.73 -37.28
CA MET D 38 4.13 -8.46 -36.20
C MET D 38 4.74 -7.67 -35.05
N VAL D 39 6.07 -7.57 -35.00
CA VAL D 39 6.75 -6.75 -34.00
C VAL D 39 7.19 -5.42 -34.58
N VAL D 40 7.62 -5.40 -35.84
CA VAL D 40 8.15 -4.17 -36.42
C VAL D 40 7.03 -3.20 -36.77
N GLY D 41 5.92 -3.70 -37.32
CA GLY D 41 4.83 -2.86 -37.74
C GLY D 41 4.28 -1.90 -36.69
N PRO D 42 3.78 -2.45 -35.58
CA PRO D 42 3.24 -1.58 -34.53
C PRO D 42 4.24 -0.58 -33.97
N MET D 43 5.51 -0.95 -33.88
CA MET D 43 6.52 -0.01 -33.38
C MET D 43 6.67 1.17 -34.31
N THR D 44 6.77 0.91 -35.62
CA THR D 44 6.85 2.00 -36.58
C THR D 44 5.58 2.86 -36.56
N LEU D 45 4.43 2.21 -36.40
CA LEU D 45 3.17 2.96 -36.36
C LEU D 45 3.13 3.90 -35.16
N LEU D 46 3.53 3.41 -33.99
CA LEU D 46 3.51 4.26 -32.80
C LEU D 46 4.61 5.31 -32.85
N GLN D 47 5.71 5.05 -33.55
CA GLN D 47 6.75 6.07 -33.70
C GLN D 47 6.28 7.19 -34.62
N ILE D 48 5.63 6.84 -35.74
CA ILE D 48 5.10 7.87 -36.63
C ILE D 48 3.98 8.64 -35.93
N TYR D 49 3.16 7.95 -35.14
CA TYR D 49 2.09 8.63 -34.42
C TYR D 49 2.64 9.58 -33.35
N GLN D 50 3.77 9.22 -32.74
CA GLN D 50 4.37 10.07 -31.71
C GLN D 50 4.96 11.34 -32.33
N PHE D 68 1.04 25.02 -15.67
CA PHE D 68 -0.03 25.99 -15.50
C PHE D 68 0.39 27.09 -14.53
N ASN D 69 1.52 26.89 -13.87
CA ASN D 69 2.06 27.83 -12.90
C ASN D 69 3.36 28.41 -13.44
N GLU D 70 3.44 29.73 -13.48
CA GLU D 70 4.62 30.40 -14.00
C GLU D 70 5.82 30.14 -13.10
N GLU D 71 6.96 29.81 -13.71
CA GLU D 71 8.20 29.52 -13.00
C GLU D 71 9.20 30.63 -13.30
N VAL D 72 9.49 31.47 -12.30
CA VAL D 72 10.41 32.58 -12.48
C VAL D 72 11.84 32.23 -12.08
N PHE D 73 12.04 31.21 -11.24
CA PHE D 73 13.35 30.89 -10.73
C PHE D 73 14.10 29.87 -11.59
N LYS D 74 13.45 29.28 -12.59
CA LYS D 74 14.12 28.27 -13.41
C LYS D 74 15.33 28.82 -14.13
N ASN D 75 15.30 30.11 -14.48
CA ASN D 75 16.43 30.73 -15.17
C ASN D 75 17.41 31.37 -14.20
N LEU D 76 16.91 31.96 -13.11
CA LEU D 76 17.77 32.59 -12.12
C LEU D 76 18.51 31.57 -11.26
N ASN D 77 18.10 30.30 -11.28
CA ASN D 77 18.79 29.27 -10.52
C ASN D 77 20.08 28.84 -11.19
N GLU D 78 20.07 28.73 -12.53
CA GLU D 78 21.25 28.31 -13.27
C GLU D 78 22.29 29.42 -13.43
N GLU D 79 21.99 30.64 -12.99
CA GLU D 79 22.95 31.73 -13.02
C GLU D 79 23.73 31.87 -11.72
N TYR D 80 23.33 31.15 -10.67
CA TYR D 80 24.02 31.19 -9.39
C TYR D 80 24.62 29.88 -8.97
N THR D 81 24.28 28.77 -9.63
CA THR D 81 24.84 27.47 -9.27
C THR D 81 26.31 27.42 -9.66
N SER D 82 27.14 26.94 -8.74
CA SER D 82 28.57 26.87 -9.01
C SER D 82 28.88 25.72 -9.97
N ASP D 83 30.08 25.80 -10.58
CA ASP D 83 30.47 24.80 -11.57
C ASP D 83 30.68 23.44 -10.94
N GLU D 84 31.10 23.40 -9.68
CA GLU D 84 31.33 22.12 -9.01
C GLU D 84 30.04 21.31 -8.88
N ILE D 85 28.89 21.98 -8.85
CA ILE D 85 27.62 21.26 -8.79
C ILE D 85 27.08 21.01 -10.19
N LYS D 86 27.35 21.89 -11.15
CA LYS D 86 26.96 21.64 -12.52
C LYS D 86 27.63 20.39 -13.06
N GLN D 87 28.94 20.24 -12.80
CA GLN D 87 29.66 19.05 -13.26
C GLN D 87 29.08 17.79 -12.62
N PHE D 88 28.71 17.86 -11.35
CA PHE D 88 28.12 16.69 -10.69
C PHE D 88 26.78 16.33 -11.31
N ARG D 89 25.89 17.32 -11.45
CA ARG D 89 24.57 17.05 -12.02
C ARG D 89 24.66 16.61 -13.48
N ARG D 90 25.76 16.96 -14.16
CA ARG D 90 25.96 16.48 -15.52
C ARG D 90 26.43 15.03 -15.53
N LYS D 91 27.52 14.73 -14.82
CA LYS D 91 28.04 13.37 -14.76
C LYS D 91 27.04 12.41 -14.14
N PHE D 92 26.71 12.64 -12.87
CA PHE D 92 25.76 11.78 -12.17
C PHE D 92 24.40 12.46 -12.02
N ASN D 107 15.41 2.93 -31.61
CA ASN D 107 15.09 3.22 -33.00
C ASN D 107 15.90 2.33 -33.94
N ILE D 108 17.03 1.83 -33.42
CA ILE D 108 17.86 0.92 -34.22
C ILE D 108 17.16 -0.42 -34.40
N ILE D 109 16.29 -0.80 -33.46
CA ILE D 109 15.54 -2.04 -33.59
C ILE D 109 14.66 -2.01 -34.83
N ILE D 110 14.01 -0.87 -35.09
CA ILE D 110 13.19 -0.74 -36.28
C ILE D 110 14.02 -0.95 -37.54
N ILE D 111 15.20 -0.36 -37.59
CA ILE D 111 16.02 -0.43 -38.79
C ILE D 111 16.53 -1.85 -39.02
N VAL D 112 17.02 -2.51 -37.96
CA VAL D 112 17.52 -3.87 -38.14
C VAL D 112 16.39 -4.82 -38.48
N GLY D 113 15.20 -4.58 -37.91
CA GLY D 113 14.06 -5.41 -38.25
C GLY D 113 13.65 -5.25 -39.71
N TRP D 114 13.67 -4.01 -40.21
CA TRP D 114 13.29 -3.78 -41.60
C TRP D 114 14.32 -4.37 -42.56
N ILE D 115 15.60 -4.26 -42.24
CA ILE D 115 16.60 -4.86 -43.13
C ILE D 115 16.51 -6.39 -43.09
N LEU D 116 16.20 -6.97 -41.92
CA LEU D 116 16.02 -8.41 -41.87
C LEU D 116 14.78 -8.84 -42.66
N VAL D 117 13.71 -8.06 -42.59
CA VAL D 117 12.51 -8.37 -43.36
C VAL D 117 12.81 -8.30 -44.85
N ALA D 118 13.59 -7.30 -45.27
CA ALA D 118 13.96 -7.19 -46.68
C ALA D 118 14.81 -8.38 -47.12
N ILE D 119 15.78 -8.77 -46.31
CA ILE D 119 16.63 -9.92 -46.64
C ILE D 119 15.79 -11.18 -46.78
N LEU D 120 14.89 -11.41 -45.81
CA LEU D 120 14.06 -12.62 -45.85
C LEU D 120 13.12 -12.61 -47.04
N LEU D 121 12.56 -11.44 -47.37
CA LEU D 121 11.66 -11.37 -48.52
C LEU D 121 12.40 -11.61 -49.82
N GLN D 122 13.63 -11.09 -49.93
CA GLN D 122 14.43 -11.36 -51.11
C GLN D 122 14.78 -12.84 -51.21
N ARG D 123 15.10 -13.47 -50.08
CA ARG D 123 15.40 -14.89 -50.09
C ARG D 123 14.18 -15.71 -50.48
N ILE D 124 12.99 -15.31 -50.02
CA ILE D 124 11.76 -16.01 -50.40
C ILE D 124 11.51 -15.87 -51.90
N ASN D 125 11.64 -14.63 -52.42
CA ASN D 125 11.39 -14.40 -53.83
C ASN D 125 12.44 -15.08 -54.70
N SER D 126 13.63 -15.34 -54.16
CA SER D 126 14.69 -15.97 -54.94
C SER D 126 14.57 -17.49 -54.99
N ASN D 127 13.60 -18.08 -54.29
CA ASN D 127 13.46 -19.52 -54.30
C ASN D 127 12.81 -20.00 -55.60
N ASP D 128 12.79 -21.31 -55.78
CA ASP D 128 12.23 -21.89 -56.99
C ASP D 128 10.71 -21.82 -56.99
N ALA D 129 10.09 -22.16 -55.87
CA ALA D 129 8.63 -22.14 -55.75
C ALA D 129 8.10 -20.71 -55.74
N GLN D 216 -5.22 -39.20 -52.45
CA GLN D 216 -4.50 -38.09 -51.84
C GLN D 216 -4.86 -37.94 -50.37
N SER D 217 -3.92 -38.30 -49.49
CA SER D 217 -4.13 -38.23 -48.05
C SER D 217 -3.31 -37.09 -47.46
N THR D 218 -3.70 -36.68 -46.26
CA THR D 218 -3.04 -35.56 -45.59
C THR D 218 -1.73 -36.00 -44.96
N SER D 219 -0.77 -35.06 -44.93
CA SER D 219 0.54 -35.29 -44.33
C SER D 219 0.88 -34.06 -43.49
N HIS D 220 0.64 -34.15 -42.18
CA HIS D 220 0.87 -33.01 -41.31
C HIS D 220 2.35 -32.66 -41.26
N GLY D 221 2.63 -31.38 -41.00
CA GLY D 221 4.00 -30.91 -40.95
C GLY D 221 4.12 -29.67 -40.10
N ILE D 222 5.36 -29.36 -39.75
CA ILE D 222 5.69 -28.19 -38.94
C ILE D 222 6.48 -27.22 -39.82
N ALA D 223 6.68 -26.00 -39.30
CA ALA D 223 7.40 -24.97 -40.03
C ALA D 223 8.86 -24.84 -39.61
N LEU D 224 9.25 -25.38 -38.47
CA LEU D 224 10.61 -25.23 -37.98
C LEU D 224 11.58 -26.01 -38.86
N PRO D 225 12.85 -25.61 -38.91
CA PRO D 225 13.82 -26.31 -39.74
C PRO D 225 14.18 -27.69 -39.19
N ARG D 226 14.95 -28.43 -39.98
CA ARG D 226 15.25 -29.83 -39.70
C ARG D 226 16.48 -30.02 -38.82
N PHE D 227 17.54 -29.25 -39.05
CA PHE D 227 18.77 -29.43 -38.28
C PHE D 227 18.56 -29.13 -36.81
N LEU D 228 17.48 -28.44 -36.45
CA LEU D 228 17.19 -28.16 -35.05
C LEU D 228 16.88 -29.43 -34.26
N VAL D 229 16.47 -30.50 -34.92
CA VAL D 229 15.94 -31.67 -34.24
C VAL D 229 16.71 -32.93 -34.61
N ASP D 230 17.31 -32.94 -35.81
CA ASP D 230 17.97 -34.14 -36.30
C ASP D 230 19.44 -33.98 -36.61
N GLY D 231 19.97 -32.75 -36.65
CA GLY D 231 21.37 -32.54 -36.98
C GLY D 231 22.28 -32.85 -35.81
N SER D 232 23.48 -32.26 -35.88
CA SER D 232 24.46 -32.43 -34.81
C SER D 232 24.20 -31.51 -33.62
N ALA D 233 23.36 -30.49 -33.79
CA ALA D 233 23.00 -29.57 -32.71
C ALA D 233 21.72 -29.99 -32.01
N SER D 234 21.43 -31.29 -32.00
CA SER D 234 20.22 -31.75 -31.31
C SER D 234 20.35 -31.70 -29.79
N PRO D 235 21.45 -32.12 -29.16
CA PRO D 235 21.53 -32.00 -27.69
C PRO D 235 21.68 -30.57 -27.22
N LEU D 236 22.12 -29.66 -28.11
CA LEU D 236 22.27 -28.26 -27.72
C LEU D 236 20.92 -27.67 -27.31
N LEU D 237 19.86 -28.03 -28.04
CA LEU D 237 18.54 -27.50 -27.71
C LEU D 237 18.11 -27.93 -26.31
N VAL D 238 18.23 -29.22 -25.99
CA VAL D 238 17.75 -29.69 -24.71
C VAL D 238 18.65 -29.21 -23.58
N VAL D 239 19.96 -29.06 -23.81
CA VAL D 239 20.82 -28.58 -22.73
C VAL D 239 20.58 -27.09 -22.48
N CYS D 240 20.30 -26.32 -23.55
CA CYS D 240 19.97 -24.92 -23.35
C CYS D 240 18.63 -24.76 -22.65
N TYR D 241 17.67 -25.63 -22.97
CA TYR D 241 16.39 -25.61 -22.26
C TYR D 241 16.58 -25.92 -20.78
N VAL D 242 17.36 -26.96 -20.48
CA VAL D 242 17.60 -27.32 -19.08
C VAL D 242 18.29 -26.18 -18.34
N ALA D 243 19.28 -25.54 -18.98
CA ALA D 243 19.96 -24.42 -18.34
C ALA D 243 19.00 -23.26 -18.08
N LEU D 244 18.30 -22.81 -19.13
CA LEU D 244 17.39 -21.68 -18.98
C LEU D 244 16.25 -21.96 -18.01
N LEU D 245 15.93 -23.24 -17.76
CA LEU D 245 14.87 -23.56 -16.82
C LEU D 245 15.37 -23.78 -15.41
N GLY D 246 16.62 -24.21 -15.23
CA GLY D 246 17.09 -24.55 -13.91
C GLY D 246 18.00 -23.53 -13.26
N LEU D 247 18.74 -22.75 -14.05
CA LEU D 247 19.70 -21.80 -13.52
C LEU D 247 19.21 -20.36 -13.61
N ILE D 248 18.80 -19.91 -14.80
CA ILE D 248 18.46 -18.50 -14.98
C ILE D 248 17.16 -18.16 -14.27
N LEU D 249 16.16 -19.03 -14.35
CA LEU D 249 14.85 -18.69 -13.77
C LEU D 249 14.91 -18.61 -12.25
N PRO D 250 15.30 -19.66 -11.51
CA PRO D 250 15.23 -19.54 -10.04
C PRO D 250 16.18 -18.50 -9.48
N TYR D 251 17.38 -18.39 -10.04
CA TYR D 251 18.33 -17.40 -9.57
C TYR D 251 17.79 -15.99 -9.70
N PHE D 252 17.24 -15.66 -10.87
CA PHE D 252 16.74 -14.32 -11.10
C PHE D 252 15.49 -14.04 -10.26
N VAL D 253 14.59 -15.03 -10.14
CA VAL D 253 13.41 -14.82 -9.31
C VAL D 253 13.81 -14.60 -7.86
N SER D 254 14.77 -15.37 -7.36
CA SER D 254 15.21 -15.19 -5.98
C SER D 254 15.90 -13.84 -5.79
N ARG D 255 16.68 -13.40 -6.77
CA ARG D 255 17.31 -12.08 -6.68
C ARG D 255 16.26 -10.98 -6.61
N TRP D 256 15.26 -11.05 -7.49
CA TRP D 256 14.21 -10.02 -7.48
C TRP D 256 13.43 -10.05 -6.18
N TRP D 257 13.13 -11.24 -5.66
CA TRP D 257 12.37 -11.34 -4.41
C TRP D 257 13.16 -10.77 -3.25
N ALA D 258 14.44 -11.14 -3.13
CA ALA D 258 15.26 -10.61 -2.05
C ALA D 258 15.53 -9.12 -2.20
N ARG D 259 15.46 -8.59 -3.42
CA ARG D 259 15.63 -7.15 -3.59
C ARG D 259 14.37 -6.39 -3.22
N THR D 260 13.19 -6.92 -3.56
CA THR D 260 11.95 -6.23 -3.24
C THR D 260 11.50 -6.45 -1.80
N GLN D 261 12.04 -7.47 -1.13
CA GLN D 261 11.68 -7.72 0.26
C GLN D 261 12.46 -6.89 1.25
N SER D 262 13.43 -6.09 0.79
CA SER D 262 14.31 -5.36 1.68
C SER D 262 13.92 -3.90 1.87
N TYR D 263 13.15 -3.33 0.96
CA TYR D 263 12.82 -1.91 1.01
C TYR D 263 11.45 -1.70 1.67
N THR D 264 11.30 -0.53 2.28
CA THR D 264 10.09 -0.15 2.98
C THR D 264 9.14 0.59 2.03
N LYS D 265 7.84 0.45 2.29
CA LYS D 265 6.83 1.09 1.46
C LYS D 265 7.02 2.60 1.36
N LYS D 266 7.72 3.22 2.31
CA LYS D 266 8.00 4.64 2.22
C LYS D 266 9.08 4.93 1.18
N GLY D 267 10.11 4.10 1.13
CA GLY D 267 11.16 4.29 0.14
C GLY D 267 12.57 4.25 0.71
N ILE D 268 12.70 3.80 1.95
CA ILE D 268 14.00 3.70 2.60
C ILE D 268 14.27 2.24 2.93
N HIS D 269 15.54 1.94 3.19
CA HIS D 269 15.97 0.59 3.50
C HIS D 269 15.34 0.12 4.81
N ASN D 270 15.45 -1.19 5.07
CA ASN D 270 14.92 -1.74 6.31
C ASN D 270 15.84 -1.45 7.49
N VAL D 271 17.16 -1.48 7.26
CA VAL D 271 18.10 -1.20 8.34
C VAL D 271 17.99 0.25 8.77
N THR D 272 17.76 1.16 7.82
CA THR D 272 17.57 2.57 8.18
C THR D 272 16.34 2.76 9.04
N ALA D 273 15.23 2.12 8.67
CA ALA D 273 14.01 2.24 9.47
C ALA D 273 14.19 1.62 10.85
N SER D 274 14.89 0.49 10.94
CA SER D 274 15.19 -0.10 12.24
C SER D 274 16.02 0.84 13.09
N ASN D 275 17.02 1.50 12.49
CA ASN D 275 17.84 2.44 13.23
C ASN D 275 17.01 3.63 13.72
N PHE D 276 16.10 4.14 12.88
CA PHE D 276 15.28 5.27 13.29
C PHE D 276 14.35 4.88 14.44
N VAL D 277 13.73 3.72 14.35
CA VAL D 277 12.83 3.27 15.43
C VAL D 277 13.62 3.08 16.72
N SER D 278 14.81 2.47 16.64
CA SER D 278 15.61 2.27 17.83
C SER D 278 16.13 3.57 18.39
N ASN D 279 16.28 4.60 17.55
CA ASN D 279 16.70 5.90 18.04
C ASN D 279 15.56 6.60 18.78
N LEU D 280 14.34 6.49 18.27
CA LEU D 280 13.22 7.14 18.94
C LEU D 280 12.72 6.36 20.15
N VAL D 281 13.01 5.06 20.25
CA VAL D 281 12.54 4.28 21.39
C VAL D 281 13.24 4.73 22.67
N ASN D 282 14.57 4.68 22.69
CA ASN D 282 15.34 5.09 23.86
C ASN D 282 15.80 6.54 23.68
N TYR D 283 14.82 7.44 23.71
CA TYR D 283 15.04 8.87 23.58
C TYR D 283 14.61 9.54 24.87
N LYS D 284 15.57 10.10 25.58
CA LYS D 284 15.29 10.76 26.85
C LYS D 284 14.52 12.06 26.61
N PRO D 285 13.31 12.23 27.16
CA PRO D 285 12.55 13.46 26.92
C PRO D 285 13.21 14.71 27.49
N SER D 286 14.19 14.56 28.38
CA SER D 286 14.86 15.73 28.94
C SER D 286 15.79 16.37 27.94
N GLU D 287 16.33 15.59 27.01
CA GLU D 287 17.25 16.13 26.01
C GLU D 287 16.48 16.96 24.98
N ILE D 288 17.00 18.14 24.69
CA ILE D 288 16.36 19.06 23.76
C ILE D 288 16.85 18.74 22.35
N VAL D 289 15.92 18.74 21.39
CA VAL D 289 16.21 18.37 20.02
C VAL D 289 16.74 19.59 19.27
N THR D 290 17.78 19.36 18.46
CA THR D 290 18.41 20.42 17.68
C THR D 290 18.67 19.88 16.28
N THR D 291 19.45 20.62 15.50
CA THR D 291 19.81 20.16 14.16
C THR D 291 21.00 19.21 14.21
N ASP D 292 21.95 19.45 15.12
CA ASP D 292 23.10 18.58 15.25
C ASP D 292 22.67 17.16 15.61
N LEU D 293 21.68 17.03 16.48
CA LEU D 293 21.21 15.71 16.89
C LEU D 293 20.58 14.96 15.72
N ILE D 294 19.80 15.65 14.89
CA ILE D 294 19.16 14.96 13.77
C ILE D 294 20.18 14.63 12.68
N LEU D 295 21.23 15.45 12.52
CA LEU D 295 22.29 15.07 11.61
C LEU D 295 23.05 13.85 12.15
N HIS D 296 23.27 13.80 13.46
CA HIS D 296 23.90 12.63 14.08
C HIS D 296 23.06 11.39 13.87
N TRP D 297 21.74 11.53 13.88
CA TRP D 297 20.86 10.39 13.61
C TRP D 297 20.91 9.99 12.14
N LEU D 298 20.97 10.97 11.23
CA LEU D 298 20.98 10.66 9.81
C LEU D 298 22.29 10.01 9.38
N SER D 299 23.39 10.33 10.05
CA SER D 299 24.69 9.80 9.63
C SER D 299 24.82 8.29 9.80
N PHE D 300 23.80 7.60 10.30
CA PHE D 300 23.85 6.16 10.50
C PHE D 300 22.97 5.39 9.53
N ALA D 301 22.62 6.01 8.40
CA ALA D 301 21.76 5.34 7.43
C ALA D 301 22.55 4.28 6.67
N HIS D 302 21.91 3.13 6.44
CA HIS D 302 22.56 2.04 5.71
C HIS D 302 22.73 2.36 4.23
N GLU D 303 21.92 3.27 3.69
CA GLU D 303 22.06 3.64 2.28
C GLU D 303 23.30 4.47 2.02
N PHE D 304 23.85 5.13 3.05
CA PHE D 304 25.11 5.85 2.88
C PHE D 304 26.29 4.89 2.77
N LYS D 305 26.16 3.67 3.29
CA LYS D 305 27.26 2.71 3.26
C LYS D 305 27.36 2.02 1.91
N GLN D 306 26.24 1.82 1.22
CA GLN D 306 26.28 1.17 -0.08
C GLN D 306 26.95 2.05 -1.13
N PHE D 307 26.92 3.37 -0.94
CA PHE D 307 27.57 4.27 -1.88
C PHE D 307 29.09 4.22 -1.73
N PHE D 308 29.58 4.43 -0.51
CA PHE D 308 31.02 4.47 -0.24
C PHE D 308 31.30 3.54 0.94
N PRO D 309 31.65 2.27 0.67
CA PRO D 309 31.90 1.33 1.78
C PRO D 309 33.18 1.58 2.55
N ASP D 310 33.90 2.66 2.24
CA ASP D 310 35.14 3.01 2.94
C ASP D 310 34.91 4.00 4.07
N LEU D 311 34.01 4.96 3.88
CA LEU D 311 33.83 6.03 4.84
C LEU D 311 33.09 5.53 6.08
N GLN D 312 33.22 6.29 7.17
CA GLN D 312 32.62 6.01 8.47
C GLN D 312 31.48 6.98 8.76
N PRO D 313 30.59 6.64 9.70
CA PRO D 313 29.52 7.58 10.04
C PRO D 313 30.01 8.94 10.52
N THR D 314 31.15 8.99 11.21
CA THR D 314 31.71 10.29 11.59
C THR D 314 32.07 11.10 10.36
N ASP D 315 32.57 10.46 9.31
CA ASP D 315 32.88 11.15 8.08
C ASP D 315 31.61 11.72 7.44
N PHE D 316 30.52 10.96 7.49
CA PHE D 316 29.26 11.45 6.94
C PHE D 316 28.73 12.64 7.72
N GLU D 317 28.84 12.59 9.05
CA GLU D 317 28.43 13.74 9.86
C GLU D 317 29.29 14.96 9.54
N LYS D 318 30.59 14.75 9.34
CA LYS D 318 31.46 15.87 8.99
C LYS D 318 31.09 16.45 7.62
N LEU D 319 30.74 15.59 6.67
CA LEU D 319 30.33 16.09 5.35
C LEU D 319 29.04 16.88 5.43
N LEU D 320 28.07 16.41 6.23
CA LEU D 320 26.82 17.14 6.39
C LEU D 320 27.05 18.49 7.05
N GLN D 321 27.91 18.53 8.08
CA GLN D 321 28.22 19.81 8.72
C GLN D 321 28.93 20.76 7.75
N ASP D 322 29.83 20.23 6.92
CA ASP D 322 30.52 21.06 5.93
C ASP D 322 29.54 21.58 4.88
N HIS D 323 28.53 20.79 4.53
CA HIS D 323 27.53 21.30 3.60
C HIS D 323 26.71 22.41 4.21
N ILE D 324 26.18 22.20 5.43
CA ILE D 324 25.30 23.19 6.04
C ILE D 324 26.06 24.48 6.34
N ASN D 325 27.30 24.37 6.80
CA ASN D 325 28.08 25.55 7.13
C ASN D 325 28.80 26.16 5.93
N ARG D 326 28.46 25.73 4.72
CA ARG D 326 29.04 26.25 3.48
C ARG D 326 30.56 26.25 3.53
N ARG D 327 31.12 25.06 3.64
CA ARG D 327 32.56 24.87 3.70
C ARG D 327 32.98 23.85 2.66
N ASP D 328 34.27 23.85 2.35
CA ASP D 328 34.83 22.99 1.32
C ASP D 328 35.37 21.71 1.93
N SER D 329 35.13 20.58 1.26
CA SER D 329 35.64 19.30 1.70
C SER D 329 36.99 18.94 1.09
N GLY D 330 37.36 19.59 -0.01
CA GLY D 330 38.66 19.34 -0.63
C GLY D 330 38.64 18.29 -1.71
N LYS D 331 38.27 17.07 -1.34
CA LYS D 331 38.28 15.94 -2.27
C LYS D 331 36.98 15.15 -2.31
N LEU D 332 36.17 15.17 -1.24
CA LEU D 332 34.96 14.37 -1.16
C LEU D 332 33.72 15.17 -1.51
N ASN D 333 33.83 16.12 -2.45
CA ASN D 333 32.66 16.90 -2.85
C ASN D 333 31.63 16.04 -3.56
N ASN D 334 32.09 15.09 -4.39
CA ASN D 334 31.17 14.21 -5.10
C ASN D 334 30.49 13.21 -4.18
N ALA D 335 30.98 13.05 -2.95
CA ALA D 335 30.29 12.26 -1.94
C ALA D 335 29.36 13.13 -1.10
N LYS D 336 29.81 14.34 -0.78
CA LYS D 336 28.96 15.30 -0.08
C LYS D 336 27.68 15.56 -0.86
N PHE D 337 27.80 15.84 -2.16
CA PHE D 337 26.62 16.12 -2.96
C PHE D 337 25.70 14.92 -3.04
N ARG D 338 26.27 13.72 -3.13
CA ARG D 338 25.44 12.51 -3.22
C ARG D 338 24.64 12.30 -1.94
N ILE D 339 25.31 12.36 -0.79
CA ILE D 339 24.58 12.11 0.46
C ILE D 339 23.60 13.24 0.76
N VAL D 340 23.93 14.47 0.37
CA VAL D 340 23.01 15.58 0.60
C VAL D 340 21.77 15.44 -0.28
N ALA D 341 21.95 14.99 -1.52
CA ALA D 341 20.79 14.75 -2.38
C ALA D 341 19.98 13.56 -1.88
N LYS D 342 20.62 12.60 -1.22
CA LYS D 342 19.88 11.45 -0.70
C LYS D 342 19.13 11.77 0.58
N CYS D 343 19.58 12.77 1.34
CA CYS D 343 18.97 13.07 2.64
C CYS D 343 17.48 13.39 2.55
N HIS D 344 16.96 13.67 1.35
CA HIS D 344 15.55 14.04 1.20
C HIS D 344 14.62 12.92 1.67
N SER D 345 14.77 11.74 1.07
CA SER D 345 13.92 10.61 1.45
C SER D 345 14.15 10.19 2.90
N LEU D 346 15.39 10.32 3.39
CA LEU D 346 15.68 9.96 4.77
C LEU D 346 14.94 10.87 5.74
N LEU D 347 14.94 12.18 5.47
CA LEU D 347 14.23 13.10 6.34
C LEU D 347 12.72 12.89 6.26
N HIS D 348 12.21 12.58 5.07
CA HIS D 348 10.78 12.29 4.96
C HIS D 348 10.41 11.05 5.78
N GLY D 349 11.22 10.00 5.71
CA GLY D 349 10.95 8.80 6.49
C GLY D 349 11.06 9.06 7.99
N LEU D 350 12.05 9.84 8.41
CA LEU D 350 12.19 10.18 9.81
C LEU D 350 10.99 10.96 10.31
N LEU D 351 10.50 11.90 9.50
CA LEU D 351 9.30 12.64 9.87
C LEU D 351 8.10 11.71 9.99
N ASP D 352 7.96 10.76 9.06
CA ASP D 352 6.86 9.80 9.13
C ASP D 352 6.92 9.00 10.42
N ILE D 353 8.11 8.50 10.78
CA ILE D 353 8.23 7.68 11.98
C ILE D 353 7.99 8.51 13.24
N ALA D 354 8.50 9.74 13.26
CA ALA D 354 8.31 10.60 14.43
C ALA D 354 6.84 10.95 14.61
N CYS D 355 6.10 11.11 13.51
CA CYS D 355 4.65 11.30 13.63
C CYS D 355 3.95 10.02 14.04
N GLY D 356 4.51 8.86 13.67
CA GLY D 356 3.93 7.60 14.09
C GLY D 356 4.10 7.31 15.56
N PHE D 357 5.17 7.80 16.17
CA PHE D 357 5.37 7.67 17.62
C PHE D 357 4.69 8.78 18.41
N ARG D 358 3.90 9.64 17.75
CA ARG D 358 3.18 10.72 18.42
C ARG D 358 4.15 11.64 19.16
N ASN D 359 5.02 12.29 18.38
CA ASN D 359 6.06 13.17 18.91
C ASN D 359 6.09 14.42 18.07
N LEU D 360 5.96 15.58 18.71
CA LEU D 360 5.87 16.85 18.00
C LEU D 360 7.22 17.53 17.85
N ASP D 361 8.03 17.51 18.90
CA ASP D 361 9.31 18.21 18.87
C ASP D 361 10.23 17.63 17.79
N ILE D 362 10.26 16.30 17.66
CA ILE D 362 11.11 15.68 16.66
C ILE D 362 10.59 15.98 15.25
N ALA D 363 9.28 16.05 15.06
CA ALA D 363 8.73 16.39 13.75
C ALA D 363 9.12 17.82 13.36
N LEU D 364 8.96 18.76 14.28
CA LEU D 364 9.34 20.14 14.00
C LEU D 364 10.84 20.26 13.75
N GLY D 365 11.64 19.51 14.52
CA GLY D 365 13.08 19.52 14.29
C GLY D 365 13.46 18.96 12.93
N ALA D 366 12.77 17.89 12.50
CA ALA D 366 13.04 17.33 11.18
C ALA D 366 12.69 18.31 10.08
N ILE D 367 11.57 19.02 10.22
CA ILE D 367 11.20 19.98 9.19
C ILE D 367 12.20 21.15 9.14
N ASN D 368 12.63 21.63 10.31
CA ASN D 368 13.61 22.71 10.34
C ASN D 368 14.94 22.25 9.75
N THR D 369 15.34 21.01 10.03
CA THR D 369 16.57 20.48 9.46
C THR D 369 16.46 20.33 7.95
N PHE D 370 15.28 19.96 7.45
CA PHE D 370 15.09 19.87 6.00
C PHE D 370 15.24 21.24 5.36
N LYS D 371 14.62 22.26 5.96
CA LYS D 371 14.82 23.62 5.48
C LYS D 371 16.30 23.99 5.47
N CYS D 372 17.01 23.66 6.55
CA CYS D 372 18.42 24.04 6.68
C CYS D 372 19.28 23.35 5.62
N ILE D 373 18.99 22.08 5.33
CA ILE D 373 19.76 21.36 4.32
C ILE D 373 19.46 21.91 2.93
N VAL D 374 18.19 22.24 2.65
CA VAL D 374 17.86 22.75 1.33
C VAL D 374 18.50 24.11 1.09
N GLN D 375 18.43 25.01 2.07
CA GLN D 375 18.95 26.36 1.87
C GLN D 375 20.43 26.50 2.23
N ALA D 376 21.06 25.47 2.76
CA ALA D 376 22.46 25.49 3.15
C ALA D 376 22.77 26.66 4.08
N VAL D 377 22.13 26.65 5.24
CA VAL D 377 22.30 27.70 6.24
C VAL D 377 21.97 27.14 7.62
N PRO D 378 22.80 27.40 8.63
CA PRO D 378 22.46 26.95 9.98
C PRO D 378 21.32 27.77 10.57
N LEU D 379 20.58 27.14 11.47
CA LEU D 379 19.39 27.79 12.04
C LEU D 379 19.82 28.86 13.04
N THR D 380 19.48 30.10 12.73
CA THR D 380 19.77 31.26 13.58
C THR D 380 18.51 32.12 13.67
N PRO D 381 18.47 33.11 14.57
CA PRO D 381 17.28 33.99 14.61
C PRO D 381 17.03 34.74 13.32
N ASN D 382 18.05 35.36 12.73
CA ASN D 382 17.89 36.12 11.49
C ASN D 382 18.36 35.26 10.32
N CYS D 383 17.46 34.40 9.85
CA CYS D 383 17.75 33.49 8.75
C CYS D 383 16.90 33.75 7.51
N GLN D 384 15.69 34.27 7.67
CA GLN D 384 14.88 34.64 6.51
C GLN D 384 15.58 35.67 5.64
N ILE D 385 16.48 36.46 6.24
CA ILE D 385 17.22 37.47 5.50
C ILE D 385 18.62 37.00 5.12
N LEU D 386 19.12 35.93 5.74
CA LEU D 386 20.41 35.36 5.38
C LEU D 386 20.30 34.29 4.31
N GLN D 387 19.10 33.79 4.03
CA GLN D 387 18.91 32.85 2.94
C GLN D 387 18.95 33.51 1.57
N LEU D 388 19.04 34.83 1.51
CA LEU D 388 19.05 35.54 0.25
C LEU D 388 20.34 35.24 -0.52
N PRO D 389 20.33 35.40 -1.85
CA PRO D 389 21.45 34.90 -2.66
C PRO D 389 22.80 35.52 -2.33
N ASN D 390 22.90 36.84 -2.37
CA ASN D 390 24.20 37.53 -2.29
C ASN D 390 24.22 38.61 -1.22
N VAL D 391 24.49 38.19 0.01
CA VAL D 391 24.67 39.08 1.16
C VAL D 391 26.01 38.74 1.80
N ASP D 392 26.45 39.61 2.71
CA ASP D 392 27.63 39.36 3.52
C ASP D 392 27.24 39.41 4.99
N LYS D 393 27.53 38.33 5.71
CA LYS D 393 27.08 38.21 7.09
C LYS D 393 27.86 39.16 8.01
N GLU D 394 29.16 39.29 7.80
CA GLU D 394 29.99 40.08 8.70
C GLU D 394 29.61 41.55 8.74
N HIS D 395 28.95 42.04 7.70
CA HIS D 395 28.49 43.43 7.68
C HIS D 395 27.07 43.57 8.22
N PHE D 396 26.16 42.73 7.74
CA PHE D 396 24.76 42.83 8.15
C PHE D 396 24.59 42.53 9.64
N ILE D 397 25.25 41.48 10.14
CA ILE D 397 25.06 41.10 11.53
C ILE D 397 25.61 42.16 12.47
N THR D 398 26.78 42.72 12.13
CA THR D 398 27.40 43.70 13.02
C THR D 398 26.77 45.08 12.91
N LYS D 399 26.22 45.44 11.75
CA LYS D 399 25.67 46.77 11.58
C LYS D 399 24.26 46.87 12.19
N THR D 400 23.33 46.09 11.67
CA THR D 400 21.93 46.16 12.10
C THR D 400 21.62 45.01 13.06
N GLY D 401 20.61 45.24 13.91
CA GLY D 401 20.21 44.24 14.87
C GLY D 401 18.71 44.17 15.07
N ASP D 402 17.94 44.83 14.21
CA ASP D 402 16.49 44.84 14.32
C ASP D 402 15.76 44.23 13.14
N ILE D 403 16.40 44.12 11.98
CA ILE D 403 15.78 43.46 10.83
C ILE D 403 15.93 41.95 11.01
N HIS D 404 14.81 41.24 11.07
CA HIS D 404 14.82 39.80 11.27
C HIS D 404 13.95 39.04 10.29
N THR D 405 12.99 39.68 9.64
CA THR D 405 12.10 39.04 8.68
C THR D 405 12.25 39.73 7.32
N LEU D 406 11.35 39.38 6.40
CA LEU D 406 11.36 40.00 5.08
C LEU D 406 10.42 41.19 4.98
N GLY D 407 9.32 41.19 5.73
CA GLY D 407 8.46 42.36 5.75
C GLY D 407 9.15 43.56 6.35
N LYS D 408 9.83 43.36 7.48
CA LYS D 408 10.62 44.42 8.09
C LYS D 408 11.70 44.92 7.15
N LEU D 409 12.20 44.04 6.28
CA LEU D 409 13.18 44.45 5.28
C LEU D 409 12.52 45.33 4.21
N PHE D 410 11.39 44.87 3.67
CA PHE D 410 10.70 45.61 2.62
C PHE D 410 10.04 46.88 3.12
N THR D 411 10.02 47.10 4.44
CA THR D 411 9.61 48.42 4.94
C THR D 411 10.53 49.51 4.41
N LEU D 412 11.82 49.22 4.29
CA LEU D 412 12.79 50.19 3.81
C LEU D 412 12.63 50.42 2.31
N GLU D 413 13.26 51.48 1.83
CA GLU D 413 13.18 51.84 0.41
C GLU D 413 13.98 50.85 -0.43
N ASP D 414 14.06 51.12 -1.73
CA ASP D 414 14.74 50.21 -2.65
C ASP D 414 16.25 50.34 -2.58
N ALA D 415 16.78 51.52 -2.25
CA ALA D 415 18.20 51.70 -2.12
C ALA D 415 18.71 51.45 -0.70
N LYS D 416 17.87 51.72 0.30
CA LYS D 416 18.28 51.46 1.67
C LYS D 416 18.46 49.96 1.93
N ILE D 417 17.71 49.11 1.23
CA ILE D 417 17.89 47.67 1.35
C ILE D 417 19.29 47.28 0.90
N GLY D 418 19.72 47.79 -0.25
CA GLY D 418 21.07 47.51 -0.72
C GLY D 418 22.13 48.11 0.19
N GLU D 419 21.88 49.30 0.73
CA GLU D 419 22.84 49.91 1.64
C GLU D 419 22.97 49.13 2.94
N VAL D 420 21.88 48.50 3.40
CA VAL D 420 21.92 47.72 4.63
C VAL D 420 22.60 46.37 4.38
N LEU D 421 22.17 45.66 3.34
CA LEU D 421 22.77 44.38 3.02
C LEU D 421 24.20 44.51 2.49
N GLY D 422 24.64 45.73 2.17
CA GLY D 422 26.03 45.97 1.83
C GLY D 422 26.53 45.24 0.59
N ILE D 423 25.93 45.53 -0.56
CA ILE D 423 26.38 44.91 -1.80
C ILE D 423 26.65 45.96 -2.88
N LYS D 424 25.96 47.09 -2.81
CA LYS D 424 26.18 48.28 -3.63
C LYS D 424 26.47 47.92 -5.10
N ASP D 425 25.49 47.28 -5.72
CA ASP D 425 25.57 46.96 -7.15
C ASP D 425 24.15 46.80 -7.67
N GLN D 426 23.71 47.74 -8.51
CA GLN D 426 22.31 47.79 -8.91
C GLN D 426 21.90 46.55 -9.69
N ALA D 427 22.69 46.18 -10.71
CA ALA D 427 22.40 44.97 -11.47
C ALA D 427 22.46 43.73 -10.61
N LYS D 428 23.20 43.79 -9.50
CA LYS D 428 23.29 42.70 -8.55
C LYS D 428 22.28 42.82 -7.42
N LEU D 429 21.78 44.04 -7.16
CA LEU D 429 20.75 44.23 -6.16
C LEU D 429 19.36 43.86 -6.68
N ASN D 430 19.12 44.05 -7.98
CA ASN D 430 17.83 43.69 -8.54
C ASN D 430 17.56 42.20 -8.43
N GLU D 431 18.60 41.37 -8.53
CA GLU D 431 18.40 39.93 -8.42
C GLU D 431 17.94 39.53 -7.03
N THR D 432 18.59 40.06 -5.99
CA THR D 432 18.17 39.73 -4.64
C THR D 432 16.82 40.35 -4.30
N LEU D 433 16.50 41.53 -4.84
CA LEU D 433 15.17 42.09 -4.62
C LEU D 433 14.09 41.33 -5.38
N ARG D 434 14.45 40.65 -6.46
CA ARG D 434 13.48 39.81 -7.15
C ARG D 434 13.32 38.45 -6.48
N VAL D 435 14.37 37.99 -5.78
CA VAL D 435 14.24 36.75 -5.02
C VAL D 435 13.46 36.99 -3.72
N ALA D 436 13.67 38.15 -3.08
CA ALA D 436 13.06 38.41 -1.79
C ALA D 436 11.57 38.71 -1.89
N SER D 437 11.07 39.08 -3.07
CA SER D 437 9.67 39.42 -3.25
C SER D 437 8.94 38.38 -4.11
N HIS D 438 9.42 37.13 -4.08
CA HIS D 438 8.78 36.08 -4.86
C HIS D 438 8.69 34.76 -4.11
N ILE D 439 8.90 34.75 -2.80
CA ILE D 439 8.75 33.52 -2.02
C ILE D 439 7.42 33.62 -1.26
N PRO D 440 6.68 32.51 -1.14
CA PRO D 440 5.29 32.62 -0.68
C PRO D 440 5.12 32.63 0.83
N ASN D 441 4.31 33.55 1.33
CA ASN D 441 3.85 33.55 2.71
C ASN D 441 2.37 33.21 2.73
N LEU D 442 1.95 32.49 3.77
CA LEU D 442 0.57 32.06 3.89
C LEU D 442 -0.22 32.98 4.82
N LYS D 443 -1.54 32.82 4.79
CA LYS D 443 -2.47 33.59 5.59
C LYS D 443 -3.84 32.92 5.49
N ILE D 444 -4.52 32.81 6.62
CA ILE D 444 -5.82 32.14 6.65
C ILE D 444 -6.93 33.16 6.41
N ILE D 445 -8.01 32.68 5.78
CA ILE D 445 -9.21 33.46 5.59
C ILE D 445 -10.39 32.86 6.32
N LYS D 446 -10.52 31.53 6.31
CA LYS D 446 -11.60 30.84 7.01
C LYS D 446 -11.18 29.40 7.25
N ALA D 447 -11.35 28.94 8.49
CA ALA D 447 -10.97 27.58 8.87
C ALA D 447 -12.04 26.99 9.78
N ASP D 448 -12.49 25.78 9.46
CA ASP D 448 -13.55 25.12 10.21
C ASP D 448 -13.61 23.65 9.82
N PHE D 449 -14.31 22.87 10.63
CA PHE D 449 -14.53 21.45 10.37
C PHE D 449 -15.79 21.27 9.54
N LEU D 450 -15.68 20.46 8.50
CA LEU D 450 -16.80 20.17 7.62
C LEU D 450 -17.01 18.66 7.55
N VAL D 451 -18.27 18.25 7.53
CA VAL D 451 -18.66 16.85 7.36
C VAL D 451 -19.51 16.76 6.10
N PRO D 452 -19.17 15.87 5.16
CA PRO D 452 -19.88 15.85 3.87
C PRO D 452 -21.29 15.29 4.02
N GLY D 453 -22.27 16.12 3.71
CA GLY D 453 -23.67 15.72 3.75
C GLY D 453 -24.45 16.19 4.95
N GLU D 454 -23.87 17.02 5.81
CA GLU D 454 -24.53 17.50 7.01
C GLU D 454 -24.16 18.97 7.18
N ASN D 455 -24.80 19.64 8.14
CA ASN D 455 -24.55 21.05 8.39
C ASN D 455 -23.98 21.31 9.78
N GLN D 456 -23.69 20.28 10.55
CA GLN D 456 -23.06 20.43 11.86
C GLN D 456 -22.35 19.13 12.20
N VAL D 457 -21.60 19.15 13.29
CA VAL D 457 -20.86 17.98 13.75
C VAL D 457 -21.71 17.23 14.77
N THR D 458 -21.84 15.92 14.57
CA THR D 458 -22.59 15.04 15.45
C THR D 458 -21.66 13.99 16.03
N PRO D 459 -21.99 13.44 17.20
CA PRO D 459 -21.12 12.43 17.80
C PRO D 459 -20.90 11.24 16.88
N SER D 460 -19.64 10.79 16.82
CA SER D 460 -19.23 9.66 16.00
C SER D 460 -19.50 9.90 14.52
N SER D 461 -19.23 11.11 14.05
CA SER D 461 -19.25 11.44 12.64
C SER D 461 -17.83 11.54 12.11
N THR D 462 -17.69 11.63 10.80
CA THR D 462 -16.39 11.65 10.13
C THR D 462 -16.18 13.00 9.44
N PRO D 463 -15.67 14.00 10.14
CA PRO D 463 -15.41 15.30 9.52
C PRO D 463 -13.98 15.42 9.03
N TYR D 464 -13.71 16.53 8.35
CA TYR D 464 -12.36 16.86 7.89
C TYR D 464 -12.15 18.36 8.10
N ILE D 465 -10.94 18.82 7.79
CA ILE D 465 -10.56 20.22 7.99
C ILE D 465 -10.50 20.90 6.63
N SER D 466 -11.17 22.05 6.52
CA SER D 466 -11.22 22.82 5.28
C SER D 466 -10.62 24.19 5.53
N LEU D 467 -9.45 24.45 4.95
CA LEU D 467 -8.73 25.70 5.12
C LEU D 467 -8.78 26.52 3.83
N LYS D 468 -8.98 27.83 3.98
CA LYS D 468 -8.95 28.78 2.86
C LYS D 468 -7.76 29.71 3.09
N VAL D 469 -6.65 29.43 2.43
CA VAL D 469 -5.42 30.16 2.64
C VAL D 469 -5.25 31.20 1.54
N LEU D 470 -4.31 32.11 1.73
CA LEU D 470 -4.04 33.20 0.78
C LEU D 470 -2.53 33.31 0.61
N VAL D 471 -2.02 32.81 -0.51
CA VAL D 471 -0.58 32.91 -0.80
C VAL D 471 -0.28 34.35 -1.19
N ARG D 472 0.47 35.06 -0.34
CA ARG D 472 0.82 36.45 -0.57
C ARG D 472 2.33 36.60 -0.59
N SER D 473 2.78 37.76 -1.03
CA SER D 473 4.21 38.09 -1.04
C SER D 473 4.59 38.85 0.23
N ALA D 474 5.88 38.87 0.51
CA ALA D 474 6.38 39.61 1.66
C ALA D 474 6.31 41.12 1.46
N LYS D 475 5.85 41.58 0.29
CA LYS D 475 5.87 42.99 -0.07
C LYS D 475 4.49 43.63 -0.03
N GLN D 476 3.43 42.86 -0.21
CA GLN D 476 2.08 43.40 -0.35
C GLN D 476 1.48 43.72 1.02
N PRO D 477 0.67 44.78 1.11
CA PRO D 477 -0.01 45.08 2.37
C PRO D 477 -1.14 44.09 2.66
N LEU D 478 -1.91 44.34 3.71
CA LEU D 478 -2.96 43.43 4.13
C LEU D 478 -4.30 43.88 3.54
N ILE D 479 -4.99 42.95 2.90
CA ILE D 479 -6.35 43.17 2.40
C ILE D 479 -7.33 42.67 3.46
N PRO D 480 -8.34 43.45 3.83
CA PRO D 480 -9.28 43.00 4.86
C PRO D 480 -10.07 41.79 4.39
N THR D 481 -10.48 40.97 5.36
CA THR D 481 -11.28 39.80 5.03
C THR D 481 -12.67 40.16 4.54
N SER D 482 -13.15 41.37 4.86
CA SER D 482 -14.49 41.78 4.43
C SER D 482 -14.57 42.01 2.93
N LEU D 483 -13.44 42.24 2.26
CA LEU D 483 -13.48 42.46 0.82
C LEU D 483 -13.76 41.18 0.04
N ILE D 484 -13.54 40.02 0.65
CA ILE D 484 -13.80 38.75 -0.04
C ILE D 484 -15.29 38.65 -0.37
N PRO D 485 -15.66 38.34 -1.61
CA PRO D 485 -17.08 38.45 -2.00
C PRO D 485 -17.96 37.33 -1.47
N GLU D 486 -17.44 36.50 -0.55
CA GLU D 486 -18.19 35.44 0.09
C GLU D 486 -18.55 34.33 -0.90
N GLU D 487 -18.17 34.51 -2.16
CA GLU D 487 -18.42 33.48 -3.16
C GLU D 487 -17.32 32.42 -3.15
N ASN D 488 -16.07 32.84 -3.01
CA ASN D 488 -14.94 31.91 -3.01
C ASN D 488 -14.79 31.15 -1.70
N LEU D 489 -15.59 31.48 -0.68
CA LEU D 489 -15.46 30.85 0.62
C LEU D 489 -16.49 29.76 0.88
N THR D 490 -17.54 29.69 0.08
CA THR D 490 -18.60 28.71 0.31
C THR D 490 -18.27 27.40 -0.37
N GLU D 491 -18.95 26.33 0.09
CA GLU D 491 -18.79 24.98 -0.42
C GLU D 491 -19.99 24.58 -1.26
N PRO D 492 -19.77 23.96 -2.42
CA PRO D 492 -20.90 23.55 -3.26
C PRO D 492 -21.67 22.41 -2.64
N GLN D 493 -23.00 22.46 -2.76
CA GLN D 493 -23.90 21.48 -2.18
C GLN D 493 -24.52 20.66 -3.32
N ASP D 494 -23.84 19.59 -3.69
CA ASP D 494 -24.33 18.65 -4.69
C ASP D 494 -23.77 17.27 -4.36
N PHE D 495 -24.45 16.24 -4.85
CA PHE D 495 -24.04 14.88 -4.50
C PHE D 495 -22.68 14.54 -5.08
N GLU D 496 -22.48 14.85 -6.37
CA GLU D 496 -21.18 14.57 -6.98
C GLU D 496 -20.07 15.41 -6.37
N SER D 497 -20.40 16.51 -5.70
CA SER D 497 -19.41 17.35 -5.04
C SER D 497 -19.17 16.95 -3.59
N GLN D 498 -20.16 16.36 -2.93
CA GLN D 498 -20.04 15.94 -1.54
C GLN D 498 -19.71 14.46 -1.39
N ARG D 499 -19.62 13.72 -2.49
CA ARG D 499 -19.20 12.33 -2.41
C ARG D 499 -17.69 12.22 -2.27
N ASP D 500 -16.94 13.12 -2.92
CA ASP D 500 -15.49 13.16 -2.81
C ASP D 500 -15.07 14.63 -2.77
N PRO D 501 -14.85 15.19 -1.58
CA PRO D 501 -14.56 16.62 -1.47
C PRO D 501 -13.15 17.02 -1.86
N PHE D 502 -12.32 16.11 -2.33
CA PHE D 502 -10.94 16.42 -2.69
C PHE D 502 -10.72 16.55 -4.20
N ALA D 503 -11.75 16.28 -5.00
CA ALA D 503 -11.62 16.44 -6.45
C ALA D 503 -11.40 17.89 -6.83
N MET D 504 -12.06 18.81 -6.13
CA MET D 504 -11.86 20.23 -6.43
C MET D 504 -10.50 20.71 -5.99
N MET D 505 -9.92 20.08 -4.96
CA MET D 505 -8.57 20.43 -4.52
C MET D 505 -7.51 19.86 -5.46
N SER D 506 -7.78 18.70 -6.07
CA SER D 506 -6.82 18.08 -6.97
C SER D 506 -6.77 18.73 -8.36
N LYS D 507 -7.41 19.89 -8.55
CA LYS D 507 -7.40 20.58 -9.84
C LYS D 507 -6.51 21.82 -9.84
N GLN D 508 -5.70 22.01 -8.81
CA GLN D 508 -4.87 23.19 -8.74
C GLN D 508 -3.50 22.93 -9.37
N PRO D 509 -2.86 23.95 -9.92
CA PRO D 509 -1.55 23.75 -10.57
C PRO D 509 -0.48 23.41 -9.56
N LEU D 510 0.60 22.82 -10.06
CA LEU D 510 1.72 22.46 -9.21
C LEU D 510 2.46 23.70 -8.73
N VAL D 511 3.34 23.49 -7.76
CA VAL D 511 4.16 24.57 -7.21
C VAL D 511 5.42 24.71 -8.06
N PRO D 512 5.88 25.91 -8.36
CA PRO D 512 7.03 26.07 -9.25
C PRO D 512 8.32 25.60 -8.63
N TYR D 513 9.41 25.63 -9.41
CA TYR D 513 10.71 25.22 -8.90
C TYR D 513 11.24 26.24 -7.90
N SER D 514 11.84 25.75 -6.83
CA SER D 514 12.33 26.63 -5.77
C SER D 514 13.73 27.13 -6.11
N PHE D 515 14.15 28.16 -5.38
CA PHE D 515 15.46 28.79 -5.58
C PHE D 515 16.42 28.20 -4.56
N ALA D 516 17.15 27.17 -4.97
CA ALA D 516 18.14 26.52 -4.12
C ALA D 516 19.39 26.32 -4.96
N PRO D 517 20.30 27.31 -4.98
CA PRO D 517 21.52 27.17 -5.77
C PRO D 517 22.54 26.20 -5.18
N PHE D 518 22.39 25.81 -3.92
CA PHE D 518 23.35 24.93 -3.27
C PHE D 518 22.91 23.48 -3.21
N PHE D 519 21.61 23.22 -3.26
CA PHE D 519 21.14 21.84 -3.35
C PHE D 519 21.52 21.28 -4.71
N PRO D 520 22.10 20.07 -4.78
CA PRO D 520 22.54 19.53 -6.08
C PRO D 520 21.43 19.39 -7.11
N THR D 521 20.37 18.65 -6.79
CA THR D 521 19.31 18.38 -7.74
C THR D 521 18.35 19.57 -7.83
N LYS D 522 17.24 19.38 -8.51
CA LYS D 522 16.19 20.39 -8.64
C LYS D 522 14.96 19.92 -7.88
N ARG D 523 14.39 20.81 -7.07
CA ARG D 523 13.26 20.47 -6.21
C ARG D 523 12.06 21.33 -6.54
N ARG D 524 10.88 20.80 -6.25
CA ARG D 524 9.65 21.57 -6.23
C ARG D 524 9.30 21.91 -4.79
N GLY D 525 8.58 23.01 -4.61
CA GLY D 525 8.13 23.39 -3.28
C GLY D 525 7.22 22.34 -2.68
N SER D 526 6.99 22.49 -1.37
CA SER D 526 6.12 21.56 -0.67
C SER D 526 5.73 22.16 0.67
N TRP D 527 4.55 21.79 1.14
CA TRP D 527 4.03 22.25 2.42
C TRP D 527 3.58 21.04 3.22
N CYS D 528 4.17 20.84 4.40
CA CYS D 528 3.88 19.69 5.25
C CYS D 528 2.97 20.13 6.38
N CYS D 529 1.72 19.65 6.37
CA CYS D 529 0.71 20.03 7.33
C CYS D 529 0.41 18.86 8.25
N LEU D 530 0.54 19.07 9.56
CA LEU D 530 0.34 18.04 10.56
C LEU D 530 -0.49 18.59 11.70
N VAL D 531 -1.39 17.78 12.25
CA VAL D 531 -2.36 18.20 13.25
C VAL D 531 -2.08 17.46 14.56
N SER D 532 -2.21 18.17 15.67
CA SER D 532 -2.00 17.60 17.00
C SER D 532 -3.13 18.05 17.92
N SER D 533 -3.08 17.62 19.16
CA SER D 533 -4.10 17.93 20.15
C SER D 533 -3.59 18.96 21.15
N GLN D 534 -4.53 19.58 21.87
CA GLN D 534 -4.21 20.61 22.85
C GLN D 534 -4.38 20.16 24.29
N LYS D 535 -5.01 19.00 24.53
CA LYS D 535 -5.16 18.52 25.89
C LYS D 535 -3.85 17.98 26.43
N ASP D 536 -3.11 17.23 25.60
CA ASP D 536 -1.83 16.65 26.00
C ASP D 536 -0.67 17.03 25.09
N GLY D 537 -0.94 17.31 23.81
CA GLY D 537 0.12 17.75 22.91
C GLY D 537 0.82 16.63 22.18
N LYS D 538 0.05 15.75 21.54
CA LYS D 538 0.60 14.62 20.81
C LYS D 538 0.04 14.61 19.39
N ILE D 539 0.92 14.40 18.41
CA ILE D 539 0.48 14.27 17.04
C ILE D 539 -0.38 13.03 16.92
N LEU D 540 -1.54 13.17 16.28
CA LEU D 540 -2.52 12.09 16.23
C LEU D 540 -2.76 11.53 14.84
N GLN D 541 -1.91 11.86 13.87
CA GLN D 541 -2.02 11.28 12.53
C GLN D 541 -0.76 11.61 11.75
N THR D 542 -0.49 10.78 10.74
CA THR D 542 0.67 10.99 9.89
C THR D 542 0.52 12.30 9.12
N PRO D 543 1.64 12.94 8.74
CA PRO D 543 1.54 14.25 8.09
C PRO D 543 1.07 14.16 6.65
N ILE D 544 0.22 15.10 6.28
CA ILE D 544 -0.24 15.25 4.90
C ILE D 544 0.70 16.21 4.20
N ILE D 545 1.11 15.86 2.98
CA ILE D 545 2.05 16.65 2.20
C ILE D 545 1.35 17.07 0.91
N ILE D 546 1.06 18.36 0.79
CA ILE D 546 0.39 18.90 -0.38
C ILE D 546 1.44 19.41 -1.36
N GLU D 547 1.09 19.38 -2.65
CA GLU D 547 1.99 19.82 -3.70
C GLU D 547 1.36 20.75 -4.72
N LYS D 548 0.03 20.82 -4.80
CA LYS D 548 -0.66 21.63 -5.79
C LYS D 548 -1.21 22.88 -5.12
N LEU D 549 -0.75 24.04 -5.58
CA LEU D 549 -1.21 25.32 -5.05
C LEU D 549 -0.86 26.38 -6.07
N SER D 550 -1.66 27.44 -6.10
CA SER D 550 -1.54 28.48 -7.12
C SER D 550 -0.83 29.69 -6.52
N TYR D 551 0.25 30.12 -7.17
CA TYR D 551 1.03 31.29 -6.75
C TYR D 551 0.69 32.51 -7.60
N LYS D 552 -0.58 32.66 -7.99
CA LYS D 552 -0.95 33.72 -8.91
C LYS D 552 -0.74 35.10 -8.29
N ASN D 553 -0.85 35.22 -6.97
CA ASN D 553 -0.72 36.52 -6.31
C ASN D 553 0.71 37.04 -6.28
N LEU D 554 1.69 36.27 -6.75
CA LEU D 554 3.09 36.67 -6.72
C LEU D 554 3.58 37.23 -8.05
N ASN D 555 2.73 37.26 -9.08
CA ASN D 555 3.15 37.70 -10.40
C ASN D 555 3.51 39.19 -10.38
N ASP D 556 4.05 39.65 -11.52
CA ASP D 556 4.55 41.01 -11.65
C ASP D 556 3.51 41.98 -12.20
N ASP D 557 2.35 41.49 -12.62
CA ASP D 557 1.31 42.42 -13.08
C ASP D 557 0.70 43.18 -11.91
N LYS D 558 0.71 42.60 -10.71
CA LYS D 558 0.24 43.28 -9.51
C LYS D 558 1.42 43.80 -8.68
N ASP D 559 2.19 44.71 -9.28
CA ASP D 559 3.26 45.39 -8.57
C ASP D 559 2.84 46.74 -8.02
N PHE D 560 1.69 47.27 -8.43
CA PHE D 560 1.18 48.52 -7.85
C PHE D 560 0.89 48.35 -6.37
N PHE D 561 0.53 47.14 -5.95
CA PHE D 561 0.05 46.87 -4.60
C PHE D 561 1.27 46.75 -3.68
N ASP D 562 1.80 47.90 -3.28
CA ASP D 562 3.05 48.02 -2.56
C ASP D 562 2.81 48.48 -1.13
N LYS D 563 3.74 48.12 -0.24
CA LYS D 563 3.61 48.47 1.17
C LYS D 563 4.13 49.86 1.48
N ARG D 564 5.15 50.33 0.76
CA ARG D 564 5.79 51.59 1.08
C ARG D 564 5.04 52.82 0.57
N ILE D 565 4.01 52.64 -0.26
CA ILE D 565 3.32 53.80 -0.81
C ILE D 565 2.39 54.42 0.22
N LYS D 566 1.81 53.61 1.11
CA LYS D 566 0.91 54.04 2.18
C LYS D 566 -0.10 55.10 1.70
N MET D 567 -0.92 54.69 0.73
CA MET D 567 -1.94 55.58 0.18
C MET D 567 -3.29 54.86 0.08
N ASP D 568 -3.50 53.81 0.87
CA ASP D 568 -4.75 53.03 0.85
C ASP D 568 -5.02 52.48 -0.56
N LEU D 569 -4.13 51.57 -0.96
CA LEU D 569 -4.13 51.06 -2.32
C LEU D 569 -5.31 50.13 -2.62
N THR D 570 -6.25 49.95 -1.70
CA THR D 570 -7.44 49.18 -2.02
C THR D 570 -8.39 49.98 -2.91
N LYS D 571 -8.35 51.30 -2.83
CA LYS D 571 -9.14 52.17 -3.71
C LYS D 571 -8.28 52.63 -4.89
N HIS D 572 -7.77 51.66 -5.63
CA HIS D 572 -6.91 51.92 -6.78
C HIS D 572 -7.60 51.48 -8.06
N GLU D 573 -7.12 52.04 -9.18
CA GLU D 573 -7.74 51.78 -10.48
C GLU D 573 -7.54 50.34 -10.95
N LYS D 574 -6.50 49.66 -10.49
CA LYS D 574 -6.19 48.32 -10.94
C LYS D 574 -6.64 47.24 -9.97
N PHE D 575 -7.19 47.61 -8.81
CA PHE D 575 -7.53 46.64 -7.76
C PHE D 575 -8.95 46.14 -7.99
N ASP D 576 -9.08 44.85 -8.30
CA ASP D 576 -10.37 44.18 -8.41
C ASP D 576 -10.30 42.91 -7.58
N ILE D 577 -11.12 42.84 -6.53
CA ILE D 577 -11.02 41.77 -5.55
C ILE D 577 -11.32 40.40 -6.14
N ASN D 578 -11.78 40.33 -7.38
CA ASN D 578 -12.01 39.06 -8.04
C ASN D 578 -10.79 38.54 -8.78
N ASP D 579 -9.70 39.30 -8.83
CA ASP D 579 -8.48 38.86 -9.48
C ASP D 579 -7.54 38.11 -8.55
N TRP D 580 -7.68 38.30 -7.25
CA TRP D 580 -6.83 37.62 -6.27
C TRP D 580 -7.39 36.25 -5.96
N GLU D 581 -6.55 35.22 -6.08
CA GLU D 581 -6.99 33.85 -5.92
C GLU D 581 -6.85 33.41 -4.46
N ILE D 582 -7.80 32.59 -4.00
CA ILE D 582 -7.86 32.12 -2.63
C ILE D 582 -7.82 30.60 -2.69
N GLY D 583 -6.65 30.03 -2.40
CA GLY D 583 -6.48 28.59 -2.49
C GLY D 583 -7.18 27.86 -1.36
N THR D 584 -7.21 26.54 -1.49
CA THR D 584 -7.88 25.67 -0.53
C THR D 584 -6.97 24.53 -0.12
N ILE D 585 -7.10 24.09 1.13
CA ILE D 585 -6.36 22.97 1.68
C ILE D 585 -7.31 22.13 2.51
N LYS D 586 -7.36 20.83 2.23
CA LYS D 586 -8.24 19.91 2.94
C LYS D 586 -7.41 18.77 3.51
N ILE D 587 -7.59 18.50 4.80
CA ILE D 587 -6.84 17.49 5.52
C ILE D 587 -7.82 16.46 6.05
N PRO D 588 -7.75 15.19 5.64
CA PRO D 588 -8.58 14.17 6.26
C PRO D 588 -8.17 13.93 7.70
N LEU D 589 -9.17 13.76 8.58
CA LEU D 589 -8.92 13.70 10.00
C LEU D 589 -8.51 12.31 10.48
N GLY D 590 -8.88 11.26 9.76
CA GLY D 590 -8.47 9.91 10.10
C GLY D 590 -9.10 9.32 11.34
N GLN D 591 -9.80 10.11 12.16
CA GLN D 591 -10.45 9.63 13.36
C GLN D 591 -11.83 10.26 13.47
N PRO D 592 -12.83 9.50 13.90
CA PRO D 592 -14.19 10.05 14.01
C PRO D 592 -14.30 10.99 15.20
N ALA D 593 -15.40 11.73 15.23
CA ALA D 593 -15.66 12.64 16.33
C ALA D 593 -15.91 11.85 17.62
N PRO D 594 -15.57 12.41 18.77
CA PRO D 594 -15.78 11.69 20.03
C PRO D 594 -17.25 11.50 20.33
N GLU D 595 -17.53 10.54 21.22
CA GLU D 595 -18.89 10.16 21.57
C GLU D 595 -19.56 11.13 22.54
N THR D 596 -18.81 12.01 23.19
CA THR D 596 -19.37 12.95 24.13
C THR D 596 -19.83 14.21 23.40
N VAL D 597 -20.30 15.19 24.17
CA VAL D 597 -20.79 16.46 23.63
C VAL D 597 -20.01 17.58 24.30
N GLY D 598 -19.35 18.39 23.49
CA GLY D 598 -18.56 19.49 24.00
C GLY D 598 -17.57 19.97 22.98
N ASP D 599 -16.73 20.91 23.40
CA ASP D 599 -15.72 21.53 22.54
C ASP D 599 -14.38 20.84 22.74
N PHE D 600 -13.78 20.41 21.64
CA PHE D 600 -12.49 19.71 21.67
C PHE D 600 -11.52 20.46 20.75
N PHE D 601 -10.44 20.98 21.32
CA PHE D 601 -9.52 21.85 20.60
C PHE D 601 -8.40 21.05 19.95
N PHE D 602 -7.96 21.54 18.80
CA PHE D 602 -6.88 20.94 18.03
C PHE D 602 -5.83 22.01 17.73
N ARG D 603 -4.79 21.62 17.00
CA ARG D 603 -3.75 22.56 16.59
C ARG D 603 -3.22 22.13 15.23
N VAL D 604 -3.29 23.00 14.24
CA VAL D 604 -2.87 22.70 12.88
C VAL D 604 -1.65 23.54 12.56
N ILE D 605 -0.63 22.89 11.99
CA ILE D 605 0.64 23.53 11.63
C ILE D 605 0.92 23.21 10.17
N VAL D 606 1.12 24.26 9.37
CA VAL D 606 1.39 24.11 7.94
C VAL D 606 2.74 24.77 7.68
N LYS D 607 3.78 23.96 7.52
CA LYS D 607 5.14 24.43 7.34
C LYS D 607 5.61 24.16 5.92
N SER D 608 6.52 25.01 5.44
CA SER D 608 7.18 24.78 4.17
C SER D 608 8.38 23.85 4.36
N THR D 609 8.91 23.36 3.25
CA THR D 609 10.11 22.54 3.29
C THR D 609 11.26 23.09 2.45
N ASP D 610 11.11 24.28 1.86
CA ASP D 610 12.16 24.87 1.04
C ASP D 610 12.66 26.20 1.56
N TYR D 611 11.78 27.08 2.03
CA TYR D 611 12.16 28.42 2.43
C TYR D 611 12.00 28.59 3.94
N PHE D 612 12.21 29.82 4.39
CA PHE D 612 12.04 30.22 5.78
C PHE D 612 10.93 31.25 5.91
N THR D 613 9.81 31.01 5.22
CA THR D 613 8.74 31.98 5.11
C THR D 613 7.87 31.97 6.36
N THR D 614 6.71 32.63 6.28
CA THR D 614 5.75 32.69 7.37
C THR D 614 4.79 31.50 7.27
N ASP D 615 4.81 30.64 8.26
CA ASP D 615 4.00 29.43 8.28
C ASP D 615 2.70 29.69 9.05
N LEU D 616 1.88 28.65 9.15
CA LEU D 616 0.60 28.71 9.83
C LEU D 616 0.64 27.90 11.11
N ASP D 617 0.10 28.48 12.18
CA ASP D 617 -0.07 27.77 13.45
C ASP D 617 -1.36 28.31 14.07
N ILE D 618 -2.45 27.55 13.94
CA ILE D 618 -3.76 27.99 14.39
C ILE D 618 -4.38 26.92 15.27
N THR D 619 -5.28 27.34 16.15
CA THR D 619 -6.05 26.44 16.98
C THR D 619 -7.52 26.51 16.58
N MET D 620 -8.20 25.37 16.63
CA MET D 620 -9.60 25.31 16.27
C MET D 620 -10.27 24.20 17.07
N ASN D 621 -11.56 24.38 17.33
CA ASN D 621 -12.32 23.44 18.14
C ASN D 621 -13.53 22.94 17.35
N MET D 622 -13.80 21.64 17.46
CA MET D 622 -15.02 21.08 16.89
C MET D 622 -16.08 21.04 17.98
N LYS D 623 -17.24 21.65 17.69
CA LYS D 623 -18.34 21.70 18.64
C LYS D 623 -19.29 20.55 18.34
N VAL D 624 -18.93 19.37 18.83
CA VAL D 624 -19.80 18.20 18.72
C VAL D 624 -21.06 18.50 19.51
N ARG D 625 -22.18 18.63 18.81
CA ARG D 625 -23.40 19.17 19.41
C ARG D 625 -24.60 18.23 19.37
N ASP D 626 -24.64 17.26 18.46
CA ASP D 626 -25.78 16.36 18.31
C ASP D 626 -27.08 17.11 18.05
N ASN E 69 24.41 -1.04 26.89
CA ASN E 69 23.83 0.15 27.52
C ASN E 69 22.82 -0.24 28.59
N ASP E 70 23.32 -0.69 29.74
CA ASP E 70 22.45 -1.17 30.80
C ASP E 70 23.25 -1.29 32.10
N ALA E 71 22.53 -1.54 33.19
CA ALA E 71 23.10 -1.78 34.51
C ALA E 71 23.04 -3.25 34.89
N HIS E 72 22.78 -4.13 33.92
CA HIS E 72 22.75 -5.56 34.19
C HIS E 72 24.16 -6.13 34.36
N ASP E 73 25.08 -5.77 33.46
CA ASP E 73 26.44 -6.27 33.52
C ASP E 73 27.27 -5.60 34.61
N LEU E 74 26.91 -4.38 35.00
CA LEU E 74 27.70 -3.70 36.03
C LEU E 74 27.51 -4.35 37.39
N TYR E 75 26.31 -4.88 37.66
CA TYR E 75 26.11 -5.65 38.89
C TYR E 75 26.96 -6.92 38.88
N PHE E 76 27.02 -7.62 37.75
CA PHE E 76 27.87 -8.80 37.66
C PHE E 76 29.33 -8.44 37.86
N GLN E 77 29.75 -7.27 37.35
CA GLN E 77 31.12 -6.82 37.56
C GLN E 77 31.39 -6.56 39.03
N ILE E 78 30.44 -5.92 39.72
CA ILE E 78 30.62 -5.69 41.16
C ILE E 78 30.64 -7.01 41.91
N LYS E 79 29.86 -7.99 41.46
CA LYS E 79 29.85 -9.30 42.10
C LYS E 79 31.19 -10.01 41.94
N GLU E 80 31.75 -9.98 40.73
CA GLU E 80 33.06 -10.58 40.50
C GLU E 80 34.15 -9.85 41.29
N MET E 81 34.02 -8.53 41.44
CA MET E 81 34.97 -7.80 42.26
C MET E 81 34.83 -8.14 43.73
N SER E 82 33.61 -8.39 44.20
CA SER E 82 33.38 -8.78 45.58
C SER E 82 33.94 -10.16 45.86
N GLU E 83 33.85 -11.06 44.89
CA GLU E 83 34.37 -12.41 45.05
C GLU E 83 35.89 -12.44 45.23
N ASN E 84 36.57 -11.31 45.09
CA ASN E 84 38.02 -11.27 45.17
C ASN E 84 38.56 -10.24 46.16
N GLU E 85 37.91 -9.08 46.27
CA GLU E 85 38.46 -7.95 46.99
C GLU E 85 37.80 -7.67 48.34
N LYS E 86 36.73 -8.40 48.68
CA LYS E 86 36.02 -8.22 49.95
C LYS E 86 35.51 -6.77 50.08
N ILE E 87 34.53 -6.47 49.23
CA ILE E 87 33.81 -5.21 49.32
C ILE E 87 32.69 -5.35 50.36
N HIS E 88 32.07 -4.24 50.73
CA HIS E 88 31.00 -4.29 51.71
C HIS E 88 29.78 -5.01 51.13
N GLU E 89 28.82 -5.30 52.02
CA GLU E 89 27.63 -6.05 51.62
C GLU E 89 26.54 -5.19 51.03
N LYS E 90 26.51 -3.89 51.33
CA LYS E 90 25.45 -3.02 50.86
C LYS E 90 25.64 -2.57 49.42
N VAL E 91 26.87 -2.63 48.90
CA VAL E 91 27.10 -2.30 47.49
C VAL E 91 26.38 -3.28 46.58
N LEU E 92 26.37 -4.56 46.97
CA LEU E 92 25.63 -5.55 46.20
C LEU E 92 24.14 -5.26 46.21
N LYS E 93 23.58 -4.92 47.37
CA LYS E 93 22.16 -4.59 47.45
C LYS E 93 21.83 -3.36 46.62
N ALA E 94 22.74 -2.37 46.60
CA ALA E 94 22.52 -1.18 45.79
C ALA E 94 22.49 -1.52 44.31
N ALA E 95 23.48 -2.29 43.85
CA ALA E 95 23.50 -2.70 42.44
C ALA E 95 22.26 -3.52 42.08
N LEU E 96 21.82 -4.37 43.00
CA LEU E 96 20.66 -5.21 42.74
C LEU E 96 19.39 -4.37 42.62
N LEU E 97 19.20 -3.42 43.54
CA LEU E 97 18.05 -2.53 43.46
C LEU E 97 18.08 -1.71 42.19
N ASN E 98 19.27 -1.28 41.75
CA ASN E 98 19.38 -0.54 40.50
C ASN E 98 18.98 -1.39 39.30
N ARG E 99 19.42 -2.66 39.28
CA ARG E 99 19.02 -3.53 38.17
C ARG E 99 17.52 -3.78 38.18
N GLY E 100 16.94 -3.98 39.36
CA GLY E 100 15.50 -4.16 39.44
C GLY E 100 14.73 -2.94 38.95
N ALA E 101 15.17 -1.75 39.34
CA ALA E 101 14.52 -0.52 38.88
C ALA E 101 14.61 -0.40 37.36
N GLU E 102 15.78 -0.69 36.78
CA GLU E 102 15.91 -0.63 35.34
C GLU E 102 14.99 -1.63 34.65
N SER E 103 14.86 -2.83 35.22
CA SER E 103 13.98 -3.83 34.63
C SER E 103 12.52 -3.38 34.66
N VAL E 104 12.09 -2.81 35.79
CA VAL E 104 10.71 -2.30 35.89
C VAL E 104 10.47 -1.20 34.87
N ARG E 105 11.43 -0.27 34.74
CA ARG E 105 11.28 0.83 33.80
C ARG E 105 11.16 0.31 32.37
N ARG E 106 12.01 -0.66 32.00
CA ARG E 106 11.95 -1.19 30.64
C ARG E 106 10.66 -1.94 30.39
N SER E 107 10.16 -2.66 31.40
CA SER E 107 8.90 -3.37 31.24
C SER E 107 7.76 -2.39 30.96
N LEU E 108 7.68 -1.32 31.75
CA LEU E 108 6.63 -0.31 31.53
C LEU E 108 6.78 0.36 30.17
N LYS E 109 8.03 0.64 29.77
CA LYS E 109 8.27 1.26 28.47
C LYS E 109 7.76 0.39 27.33
N LEU E 110 8.09 -0.90 27.36
CA LEU E 110 7.60 -1.80 26.31
C LEU E 110 6.08 -1.92 26.35
N LYS E 111 5.51 -1.96 27.56
CA LYS E 111 4.05 -2.11 27.69
C LYS E 111 3.32 -0.90 27.13
N GLU E 112 3.92 0.28 27.20
CA GLU E 112 3.28 1.46 26.61
C GLU E 112 3.67 1.68 25.14
N LEU E 113 4.74 1.05 24.68
CA LEU E 113 5.18 1.24 23.29
C LEU E 113 4.63 0.20 22.33
N ALA E 114 4.13 -0.92 22.83
CA ALA E 114 3.65 -1.99 21.95
C ALA E 114 2.63 -1.54 20.90
N PRO E 115 1.56 -0.81 21.22
CA PRO E 115 0.56 -0.52 20.18
C PRO E 115 1.07 0.35 19.04
N GLN E 116 1.94 1.31 19.34
CA GLN E 116 2.46 2.17 18.28
C GLN E 116 3.35 1.39 17.32
N ILE E 117 4.19 0.50 17.85
CA ILE E 117 5.01 -0.36 17.00
C ILE E 117 4.13 -1.28 16.17
N ASN E 118 3.06 -1.81 16.79
CA ASN E 118 2.16 -2.69 16.05
C ASN E 118 1.48 -1.97 14.90
N LEU E 119 1.06 -0.72 15.14
CA LEU E 119 0.42 0.06 14.07
C LEU E 119 1.42 0.41 12.98
N LEU E 120 2.66 0.76 13.35
CA LEU E 120 3.68 1.02 12.35
C LEU E 120 3.95 -0.22 11.51
N TYR E 121 3.91 -1.40 12.12
CA TYR E 121 4.12 -2.63 11.36
C TYR E 121 2.95 -2.91 10.43
N LYS E 122 1.72 -2.75 10.92
CA LYS E 122 0.55 -3.02 10.09
C LYS E 122 0.48 -2.06 8.91
N ASN E 123 0.88 -0.80 9.11
CA ASN E 123 0.87 0.16 8.01
C ASN E 123 1.97 -0.11 7.00
N GLY E 124 2.94 -0.95 7.32
CA GLY E 124 4.00 -1.28 6.41
C GLY E 124 5.09 -0.23 6.34
N SER E 125 5.64 0.13 7.50
CA SER E 125 6.70 1.14 7.55
C SER E 125 7.82 0.76 8.52
N ILE E 126 7.90 -0.49 8.95
CA ILE E 126 8.91 -0.89 9.92
C ILE E 126 9.72 -2.11 9.49
N GLY E 127 9.22 -2.95 8.58
CA GLY E 127 9.90 -4.18 8.22
C GLY E 127 9.26 -5.39 8.88
N GLU E 128 9.88 -6.55 8.64
CA GLU E 128 9.35 -7.81 9.13
C GLU E 128 10.17 -8.44 10.25
N ASP E 129 11.46 -8.14 10.33
CA ASP E 129 12.32 -8.72 11.36
C ASP E 129 12.31 -7.92 12.66
N TYR E 130 12.10 -6.61 12.58
CA TYR E 130 12.05 -5.80 13.81
C TYR E 130 10.86 -6.19 14.68
N TRP E 131 9.75 -6.61 14.07
CA TRP E 131 8.59 -7.02 14.86
C TRP E 131 8.92 -8.27 15.67
N LYS E 132 9.59 -9.25 15.04
CA LYS E 132 10.00 -10.44 15.78
C LYS E 132 11.02 -10.11 16.86
N ARG E 133 11.95 -9.20 16.56
CA ARG E 133 12.93 -8.79 17.56
C ARG E 133 12.26 -8.14 18.77
N PHE E 134 11.25 -7.31 18.51
CA PHE E 134 10.51 -6.67 19.59
C PHE E 134 9.75 -7.70 20.42
N GLU E 135 9.08 -8.64 19.76
CA GLU E 135 8.34 -9.67 20.48
C GLU E 135 9.27 -10.57 21.29
N THR E 136 10.52 -10.73 20.84
CA THR E 136 11.49 -11.48 21.62
C THR E 136 11.93 -10.69 22.84
N GLU E 137 12.21 -9.39 22.67
CA GLU E 137 12.62 -8.57 23.80
C GLU E 137 11.54 -8.50 24.86
N VAL E 138 10.27 -8.57 24.46
CA VAL E 138 9.16 -8.51 25.42
C VAL E 138 9.33 -9.58 26.50
N LYS E 139 9.64 -10.81 26.08
CA LYS E 139 9.81 -11.90 27.04
C LYS E 139 11.22 -11.98 27.62
N LEU E 140 12.22 -11.46 26.89
CA LEU E 140 13.55 -11.36 27.48
C LEU E 140 13.53 -10.49 28.72
N ILE E 141 12.74 -9.42 28.70
CA ILE E 141 12.64 -8.54 29.87
C ILE E 141 12.03 -9.29 31.05
N GLU E 142 11.01 -10.10 30.79
CA GLU E 142 10.38 -10.87 31.86
C GLU E 142 11.35 -11.90 32.44
N LEU E 143 12.12 -12.56 31.57
CA LEU E 143 13.13 -13.49 32.05
C LEU E 143 14.16 -12.79 32.92
N GLU E 144 14.62 -11.61 32.49
CA GLU E 144 15.60 -10.86 33.27
C GLU E 144 15.04 -10.46 34.63
N PHE E 145 13.77 -10.03 34.67
CA PHE E 145 13.19 -9.64 35.95
C PHE E 145 13.02 -10.83 36.87
N LYS E 146 12.66 -12.00 36.31
CA LYS E 146 12.56 -13.20 37.12
C LYS E 146 13.92 -13.59 37.69
N ASP E 147 14.97 -13.48 36.88
CA ASP E 147 16.32 -13.76 37.38
C ASP E 147 16.71 -12.77 38.48
N THR E 148 16.37 -11.50 38.30
CA THR E 148 16.63 -10.50 39.34
C THR E 148 15.92 -10.87 40.64
N LEU E 149 14.67 -11.31 40.56
CA LEU E 149 13.92 -11.66 41.75
C LEU E 149 14.52 -12.89 42.44
N GLN E 150 14.94 -13.88 41.66
CA GLN E 150 15.61 -15.05 42.23
C GLN E 150 16.89 -14.64 42.95
N GLU E 151 17.68 -13.76 42.34
CA GLU E 151 18.92 -13.31 42.98
C GLU E 151 18.62 -12.51 44.25
N ALA E 152 17.55 -11.71 44.23
CA ALA E 152 17.18 -10.93 45.41
C ALA E 152 16.78 -11.84 46.56
N GLU E 153 16.05 -12.92 46.26
CA GLU E 153 15.72 -13.90 47.29
C GLU E 153 16.97 -14.60 47.80
N ARG E 154 17.89 -14.94 46.90
CA ARG E 154 19.10 -15.66 47.30
C ARG E 154 19.98 -14.80 48.20
N LEU E 155 20.04 -13.50 47.94
CA LEU E 155 20.96 -12.65 48.68
C LEU E 155 20.43 -12.31 50.07
N GLN E 156 19.10 -12.16 50.22
CA GLN E 156 18.49 -11.86 51.50
C GLN E 156 17.23 -12.70 51.64
N PRO E 157 17.08 -13.45 52.73
CA PRO E 157 15.89 -14.30 52.87
C PRO E 157 14.65 -13.48 53.23
N GLY E 158 13.54 -13.84 52.61
CA GLY E 158 12.27 -13.17 52.88
C GLY E 158 12.25 -11.71 52.49
N TRP E 159 12.73 -11.42 51.28
CA TRP E 159 12.84 -10.05 50.80
C TRP E 159 12.34 -9.97 49.36
N VAL E 160 11.17 -10.56 49.10
CA VAL E 160 10.61 -10.60 47.76
C VAL E 160 9.29 -9.83 47.72
N GLN E 161 8.57 -9.81 48.84
CA GLN E 161 7.31 -9.07 48.89
C GLN E 161 7.52 -7.56 48.98
N LEU E 162 8.68 -7.12 49.46
CA LEU E 162 8.98 -5.70 49.61
C LEU E 162 9.91 -5.19 48.54
N PHE E 163 10.77 -6.06 48.00
CA PHE E 163 11.70 -5.68 46.95
C PHE E 163 10.98 -5.12 45.74
N VAL E 164 9.82 -5.69 45.40
CA VAL E 164 9.12 -5.28 44.19
C VAL E 164 8.61 -3.85 44.31
N MET E 165 7.97 -3.52 45.44
CA MET E 165 7.49 -2.15 45.61
C MET E 165 8.62 -1.16 45.80
N VAL E 166 9.70 -1.58 46.47
CA VAL E 166 10.86 -0.70 46.61
C VAL E 166 11.41 -0.34 45.23
N CYS E 167 11.55 -1.33 44.35
CA CYS E 167 11.98 -1.04 42.98
C CYS E 167 10.99 -0.15 42.25
N LYS E 168 9.69 -0.44 42.41
CA LYS E 168 8.66 0.35 41.74
C LYS E 168 8.75 1.82 42.13
N GLU E 169 9.17 2.12 43.36
CA GLU E 169 9.28 3.51 43.76
C GLU E 169 10.62 4.14 43.37
N ILE E 170 11.72 3.39 43.49
CA ILE E 170 13.01 3.98 43.14
C ILE E 170 13.08 4.28 41.65
N CYS E 171 12.36 3.51 40.82
CA CYS E 171 12.30 3.82 39.39
C CYS E 171 11.82 5.24 39.15
N PHE E 172 10.62 5.56 39.66
CA PHE E 172 10.05 6.88 39.47
C PHE E 172 10.93 7.96 40.09
N ASN E 173 11.46 7.70 41.30
CA ASN E 173 12.25 8.73 41.96
C ASN E 173 13.51 9.06 41.18
N GLN E 174 14.21 8.05 40.67
CA GLN E 174 15.44 8.33 39.94
C GLN E 174 15.15 8.94 38.57
N ALA E 175 14.03 8.57 37.93
CA ALA E 175 13.66 9.23 36.69
C ALA E 175 13.39 10.72 36.92
N LEU E 176 12.65 11.04 37.98
CA LEU E 176 12.39 12.45 38.30
C LEU E 176 13.69 13.18 38.62
N SER E 177 14.61 12.52 39.33
CA SER E 177 15.88 13.16 39.66
C SER E 177 16.68 13.47 38.40
N ARG E 178 16.71 12.54 37.44
CA ARG E 178 17.42 12.81 36.19
C ARG E 178 16.78 13.97 35.44
N ARG E 179 15.44 13.99 35.36
CA ARG E 179 14.76 15.08 34.67
C ARG E 179 15.06 16.42 35.32
N TYR E 180 15.14 16.45 36.65
CA TYR E 180 15.45 17.71 37.31
C TYR E 180 16.91 18.11 37.16
N GLN E 181 17.82 17.12 37.09
CA GLN E 181 19.23 17.45 36.89
C GLN E 181 19.49 17.98 35.49
N SER E 182 18.68 17.59 34.51
CA SER E 182 18.96 17.97 33.13
C SER E 182 18.76 19.46 32.83
N ILE E 183 18.12 20.23 33.72
CA ILE E 183 17.78 21.61 33.35
C ILE E 183 19.01 22.50 33.32
N LEU E 184 20.04 22.19 34.10
CA LEU E 184 21.24 23.01 34.10
C LEU E 184 21.93 22.97 32.75
N LYS E 185 21.89 21.82 32.08
CA LYS E 185 22.44 21.73 30.72
C LYS E 185 21.41 22.18 29.68
N ARG E 186 20.12 22.07 29.99
CA ARG E 186 19.08 22.59 29.11
C ARG E 186 19.10 24.11 29.02
N LYS E 187 19.66 24.77 30.02
CA LYS E 187 19.62 26.24 30.05
C LYS E 187 20.59 26.87 29.07
N GLU E 188 21.71 26.21 28.76
CA GLU E 188 22.71 26.83 27.90
C GLU E 188 22.47 26.56 26.41
N VAL E 189 21.83 25.45 26.09
CA VAL E 189 21.49 25.17 24.69
C VAL E 189 20.57 26.26 24.15
N CYS E 190 19.62 26.72 24.96
CA CYS E 190 18.71 27.77 24.51
C CYS E 190 19.43 29.10 24.36
N ILE E 191 20.38 29.39 25.24
CA ILE E 191 21.20 30.59 25.08
C ILE E 191 21.95 30.55 23.76
N LYS E 192 22.58 29.40 23.46
CA LYS E 192 23.33 29.28 22.22
C LYS E 192 22.42 29.38 21.00
N GLU E 193 21.21 28.81 21.08
CA GLU E 193 20.33 28.76 19.92
C GLU E 193 19.62 30.08 19.67
N TRP E 194 19.33 30.86 20.72
CA TRP E 194 18.61 32.11 20.57
C TRP E 194 19.52 33.33 20.61
N GLU E 195 20.82 33.15 20.86
CA GLU E 195 21.79 34.24 20.88
C GLU E 195 21.41 35.29 21.92
N LEU E 196 21.14 34.84 23.14
CA LEU E 196 20.89 35.75 24.24
C LEU E 196 22.19 36.33 24.77
N LYS E 197 22.12 37.56 25.27
CA LYS E 197 23.26 38.25 25.87
C LYS E 197 22.92 38.47 27.34
N ILE E 198 23.23 37.48 28.17
CA ILE E 198 22.87 37.48 29.58
C ILE E 198 24.12 37.77 30.40
N ASN E 199 24.07 38.84 31.18
CA ASN E 199 25.15 39.19 32.09
C ASN E 199 24.92 38.47 33.42
N ASN E 200 25.64 38.90 34.47
CA ASN E 200 25.40 38.36 35.79
C ASN E 200 23.98 38.71 36.25
N ASP E 201 23.50 37.96 37.23
CA ASP E 201 22.15 38.05 37.80
C ASP E 201 21.06 37.62 36.82
N GLY E 202 21.43 36.98 35.71
CA GLY E 202 20.45 36.44 34.79
C GLY E 202 19.62 37.44 34.03
N ARG E 203 19.92 38.73 34.14
CA ARG E 203 19.16 39.72 33.41
C ARG E 203 19.67 39.86 31.98
N LEU E 204 18.84 40.47 31.14
CA LEU E 204 19.20 40.73 29.75
C LEU E 204 19.81 42.11 29.59
N VAL E 205 20.86 42.18 28.76
CA VAL E 205 21.49 43.44 28.41
C VAL E 205 21.38 43.73 26.92
N ASN E 206 20.38 43.13 26.27
CA ASN E 206 20.13 43.29 24.84
C ASN E 206 21.35 42.88 24.01
N THR F 3 36.52 -0.47 33.41
CA THR F 3 36.73 -0.96 34.77
C THR F 3 36.19 0.01 35.80
N LEU F 4 36.40 -0.31 37.08
CA LEU F 4 35.88 0.51 38.17
C LEU F 4 36.56 0.16 39.48
N GLU F 5 36.97 1.18 40.24
CA GLU F 5 37.69 0.99 41.49
C GLU F 5 36.74 1.15 42.66
N TYR F 6 37.05 0.45 43.76
CA TYR F 6 36.21 0.44 44.95
C TYR F 6 37.01 1.00 46.12
N ASN F 7 36.54 2.11 46.68
CA ASN F 7 37.19 2.72 47.82
C ASN F 7 36.94 1.90 49.08
N ALA F 8 37.74 2.17 50.11
CA ALA F 8 37.70 1.40 51.35
C ALA F 8 36.91 2.10 52.45
N ASN F 9 37.24 3.36 52.77
CA ASN F 9 36.60 4.02 53.89
C ASN F 9 35.28 4.67 53.48
N SER F 10 35.22 5.26 52.29
CA SER F 10 34.00 5.93 51.83
C SER F 10 33.02 4.97 51.18
N LYS F 11 33.46 3.79 50.76
CA LYS F 11 32.61 2.78 50.14
C LYS F 11 31.96 3.30 48.86
N LEU F 12 32.66 4.19 48.16
CA LEU F 12 32.18 4.77 46.92
C LEU F 12 32.85 4.10 45.72
N ILE F 13 32.06 3.81 44.70
CA ILE F 13 32.58 3.26 43.45
C ILE F 13 32.88 4.38 42.49
N THR F 14 34.07 4.38 41.91
CA THR F 14 34.48 5.34 40.90
C THR F 14 35.16 4.61 39.76
N ALA F 15 34.82 4.98 38.53
CA ALA F 15 35.41 4.37 37.36
C ALA F 15 36.73 5.08 37.05
N SER F 16 37.83 4.37 37.23
CA SER F 16 39.16 4.92 37.00
C SER F 16 39.59 4.86 35.54
N ASP F 17 38.66 4.60 34.63
CA ASP F 17 39.00 4.56 33.22
C ASP F 17 39.33 5.95 32.69
N ALA F 18 39.97 5.98 31.52
CA ALA F 18 40.34 7.26 30.91
C ALA F 18 39.12 8.02 30.43
N VAL F 19 38.24 7.36 29.67
CA VAL F 19 37.01 7.96 29.19
C VAL F 19 35.87 6.97 29.40
N VAL F 20 34.72 7.49 29.85
CA VAL F 20 33.55 6.67 30.13
C VAL F 20 32.34 7.29 29.45
N ALA F 21 31.38 6.44 29.11
CA ALA F 21 30.16 6.92 28.49
C ALA F 21 29.28 7.62 29.52
N LEU F 22 28.17 8.18 29.05
CA LEU F 22 27.26 8.90 29.96
C LEU F 22 26.38 7.93 30.75
N SER F 23 25.92 6.85 30.11
CA SER F 23 25.05 5.90 30.80
C SER F 23 25.76 5.25 31.98
N THR F 24 27.02 4.83 31.77
CA THR F 24 27.77 4.21 32.84
C THR F 24 27.99 5.20 33.99
N GLU F 25 28.24 6.47 33.67
CA GLU F 25 28.45 7.45 34.73
C GLU F 25 27.17 7.69 35.52
N THR F 26 26.03 7.81 34.84
CA THR F 26 24.76 7.97 35.54
C THR F 26 24.48 6.77 36.43
N ASN F 27 24.73 5.56 35.93
CA ASN F 27 24.45 4.36 36.73
C ASN F 27 25.36 4.28 37.94
N ILE F 28 26.64 4.65 37.78
CA ILE F 28 27.55 4.62 38.93
C ILE F 28 27.13 5.67 39.96
N ASP F 29 26.68 6.83 39.50
CA ASP F 29 26.20 7.85 40.45
C ASP F 29 24.95 7.37 41.19
N GLN F 30 24.04 6.70 40.48
CA GLN F 30 22.84 6.17 41.13
C GLN F 30 23.19 5.11 42.15
N ILE F 31 24.15 4.23 41.82
CA ILE F 31 24.57 3.21 42.77
C ILE F 31 25.22 3.84 43.98
N ASN F 32 25.98 4.92 43.79
CA ASN F 32 26.59 5.61 44.92
C ASN F 32 25.53 6.24 45.82
N VAL F 33 24.50 6.84 45.21
CA VAL F 33 23.42 7.43 46.01
C VAL F 33 22.70 6.34 46.82
N LEU F 34 22.38 5.22 46.17
CA LEU F 34 21.71 4.14 46.89
C LEU F 34 22.58 3.59 48.01
N THR F 35 23.88 3.46 47.78
CA THR F 35 24.77 2.97 48.83
C THR F 35 24.83 3.94 50.00
N THR F 36 24.94 5.24 49.71
CA THR F 36 24.99 6.23 50.78
C THR F 36 23.69 6.28 51.57
N SER F 37 22.55 6.03 50.90
CA SER F 37 21.29 5.99 51.61
C SER F 37 21.19 4.75 52.49
N LEU F 38 21.63 3.60 51.97
CA LEU F 38 21.56 2.36 52.74
C LEU F 38 22.51 2.38 53.94
N ILE F 39 23.64 3.09 53.81
CA ILE F 39 24.56 3.18 54.94
C ILE F 39 23.90 3.87 56.13
N GLY F 40 23.14 4.93 55.86
CA GLY F 40 22.45 5.65 56.90
C GLY F 40 21.21 4.95 57.42
N GLU F 41 20.44 4.36 56.52
CA GLU F 41 19.21 3.66 56.91
C GLU F 41 19.58 2.37 57.63
N THR F 42 19.19 2.27 58.91
CA THR F 42 19.70 1.20 59.76
C THR F 42 18.90 -0.09 59.62
N ASN F 43 17.56 0.02 59.62
CA ASN F 43 16.73 -1.18 59.59
C ASN F 43 16.92 -1.92 58.26
N PRO F 44 17.05 -3.24 58.29
CA PRO F 44 17.32 -3.96 57.03
C PRO F 44 16.13 -3.99 56.09
N ASN F 45 14.91 -4.15 56.61
CA ASN F 45 13.70 -4.19 55.78
C ASN F 45 13.06 -2.82 55.78
N PHE F 46 13.60 -1.94 54.93
CA PHE F 46 13.14 -0.56 54.89
C PHE F 46 11.78 -0.46 54.21
N THR F 47 10.95 0.46 54.69
CA THR F 47 9.61 0.70 54.19
C THR F 47 9.58 1.98 53.36
N PRO F 48 8.80 2.02 52.28
CA PRO F 48 8.68 3.27 51.50
C PRO F 48 8.03 4.42 52.25
N GLN F 49 7.73 4.23 53.53
CA GLN F 49 7.23 5.32 54.36
C GLN F 49 8.29 6.41 54.46
N PRO F 50 7.93 7.68 54.27
CA PRO F 50 8.93 8.74 54.31
C PRO F 50 9.50 8.96 55.70
N ASN F 51 10.63 9.66 55.72
CA ASN F 51 11.29 10.01 56.97
C ASN F 51 10.58 11.20 57.62
N GLU F 52 11.03 11.58 58.81
CA GLU F 52 10.42 12.67 59.55
C GLU F 52 11.37 13.82 59.82
N ALA F 53 12.58 13.54 60.32
CA ALA F 53 13.51 14.63 60.67
C ALA F 53 13.91 15.42 59.43
N LEU F 54 14.11 14.73 58.31
CA LEU F 54 14.40 15.43 57.07
C LEU F 54 13.26 16.35 56.68
N SER F 55 12.01 15.89 56.85
CA SER F 55 10.86 16.73 56.54
C SER F 55 10.81 17.96 57.43
N LYS F 56 11.09 17.78 58.73
CA LYS F 56 11.10 18.93 59.64
C LYS F 56 12.18 19.93 59.24
N MET F 57 13.36 19.44 58.86
CA MET F 57 14.43 20.33 58.46
C MET F 57 14.09 21.09 57.18
N ILE F 58 13.53 20.39 56.18
CA ILE F 58 13.14 21.05 54.94
C ILE F 58 12.08 22.10 55.21
N LYS F 59 11.08 21.76 56.04
CA LYS F 59 10.03 22.73 56.36
C LYS F 59 10.59 23.93 57.10
N GLY F 60 11.54 23.71 58.02
CA GLY F 60 12.15 24.82 58.72
C GLY F 60 12.90 25.75 57.80
N LEU F 61 13.70 25.19 56.89
CA LEU F 61 14.41 26.03 55.92
C LEU F 61 13.44 26.79 55.03
N PHE F 62 12.37 26.14 54.59
CA PHE F 62 11.41 26.81 53.71
C PHE F 62 10.68 27.92 54.44
N GLU F 63 10.34 27.72 55.71
CA GLU F 63 9.68 28.78 56.47
C GLU F 63 10.64 29.93 56.76
N SER F 64 11.90 29.62 57.04
CA SER F 64 12.88 30.69 57.22
C SER F 64 13.08 31.48 55.93
N GLY F 65 12.93 30.82 54.78
CA GLY F 65 13.01 31.54 53.52
C GLY F 65 11.77 32.37 53.24
N MET F 66 10.59 31.85 53.58
CA MET F 66 9.35 32.58 53.33
C MET F 66 9.20 33.76 54.27
N LYS F 67 9.81 33.70 55.46
CA LYS F 67 9.73 34.81 56.39
C LYS F 67 10.32 36.09 55.80
N ASN F 68 11.35 35.95 54.96
CA ASN F 68 12.01 37.13 54.39
C ASN F 68 11.12 37.86 53.39
N LEU F 69 10.06 37.22 52.90
CA LEU F 69 9.13 37.93 52.01
C LEU F 69 8.35 39.00 52.76
N GLN F 70 8.03 38.74 54.03
CA GLN F 70 7.33 39.76 54.82
C GLN F 70 8.25 40.95 55.12
N GLN F 71 9.53 40.69 55.36
CA GLN F 71 10.48 41.76 55.59
C GLN F 71 10.95 42.41 54.29
N LYS F 72 10.55 41.86 53.14
CA LYS F 72 10.82 42.43 51.82
C LYS F 72 12.30 42.36 51.47
N LYS F 73 12.93 41.21 51.73
CA LYS F 73 14.30 40.93 51.30
C LYS F 73 14.20 39.88 50.20
N LEU F 74 14.30 40.32 48.95
CA LEU F 74 14.09 39.45 47.80
C LEU F 74 15.37 38.77 47.32
N ASN F 75 16.48 38.93 48.04
CA ASN F 75 17.74 38.33 47.64
C ASN F 75 18.07 37.06 48.41
N GLU F 76 18.05 37.11 49.74
CA GLU F 76 18.37 35.94 50.53
C GLU F 76 17.21 34.95 50.63
N ALA F 77 15.98 35.40 50.42
CA ALA F 77 14.85 34.47 50.40
C ALA F 77 14.99 33.48 49.27
N LEU F 78 15.43 33.95 48.10
CA LEU F 78 15.66 33.04 46.98
C LEU F 78 16.77 32.05 47.31
N LYS F 79 17.82 32.51 47.99
CA LYS F 79 18.90 31.61 48.39
C LYS F 79 18.38 30.54 49.34
N ASN F 80 17.54 30.93 50.31
CA ASN F 80 17.00 29.95 51.25
C ASN F 80 16.08 28.94 50.56
N VAL F 81 15.25 29.41 49.63
CA VAL F 81 14.38 28.49 48.92
C VAL F 81 15.18 27.52 48.06
N SER F 82 16.22 28.03 47.38
CA SER F 82 17.06 27.15 46.58
C SER F 82 17.81 26.15 47.44
N LEU F 83 18.25 26.57 48.63
CA LEU F 83 18.89 25.64 49.56
C LEU F 83 17.92 24.56 50.03
N ALA F 84 16.67 24.94 50.29
CA ALA F 84 15.67 23.96 50.69
C ALA F 84 15.43 22.94 49.58
N ILE F 85 15.29 23.42 48.34
CA ILE F 85 15.06 22.50 47.22
C ILE F 85 16.28 21.60 47.02
N GLU F 86 17.48 22.16 47.15
CA GLU F 86 18.69 21.36 46.99
C GLU F 86 18.78 20.27 48.05
N MET F 87 18.46 20.62 49.31
CA MET F 87 18.51 19.63 50.37
C MET F 87 17.44 18.56 50.17
N ALA F 88 16.26 18.95 49.71
CA ALA F 88 15.21 17.96 49.45
C ALA F 88 15.61 17.01 48.33
N GLN F 89 16.30 17.52 47.32
CA GLN F 89 16.73 16.67 46.21
C GLN F 89 17.99 15.87 46.52
N ARG F 90 18.76 16.27 47.52
CA ARG F 90 20.03 15.62 47.82
C ARG F 90 19.93 14.61 48.97
N LYS F 91 19.43 15.04 50.13
CA LYS F 91 19.48 14.24 51.34
C LYS F 91 18.23 13.41 51.57
N ARG F 92 17.52 13.03 50.50
CA ARG F 92 16.31 12.23 50.62
C ARG F 92 16.52 10.89 49.94
N ALA F 93 16.14 9.82 50.63
CA ALA F 93 16.34 8.47 50.11
C ALA F 93 15.50 8.24 48.86
N PRO F 94 16.00 7.46 47.91
CA PRO F 94 15.24 7.28 46.65
C PRO F 94 14.01 6.40 46.81
N TRP F 95 13.98 5.49 47.78
CA TRP F 95 12.85 4.57 47.91
C TRP F 95 11.68 5.17 48.66
N GLU F 96 11.74 6.43 49.06
CA GLU F 96 10.61 7.05 49.73
C GLU F 96 9.46 7.25 48.75
N ALA F 97 8.27 7.48 49.31
CA ALA F 97 7.05 7.53 48.51
C ALA F 97 7.12 8.64 47.47
N PHE F 98 6.74 8.31 46.24
CA PHE F 98 6.76 9.29 45.16
C PHE F 98 5.63 10.31 45.32
N ALA F 99 4.44 9.84 45.70
CA ALA F 99 3.28 10.71 45.87
C ALA F 99 3.44 11.70 47.01
N ILE F 100 4.46 11.53 47.85
CA ILE F 100 4.78 12.51 48.87
C ILE F 100 6.07 13.27 48.52
N GLN F 101 6.88 12.75 47.60
CA GLN F 101 8.12 13.43 47.22
C GLN F 101 7.90 14.45 46.12
N LEU F 102 6.88 14.26 45.28
CA LEU F 102 6.61 15.18 44.17
C LEU F 102 5.88 16.45 44.61
N PRO F 103 4.78 16.36 45.38
CA PRO F 103 4.05 17.59 45.71
C PRO F 103 4.83 18.60 46.53
N GLU F 104 5.73 18.15 47.41
CA GLU F 104 6.57 19.08 48.14
C GLU F 104 7.50 19.82 47.19
N LEU F 105 8.07 19.12 46.22
CA LEU F 105 8.90 19.76 45.22
C LEU F 105 8.11 20.79 44.43
N HIS F 106 6.88 20.46 44.05
CA HIS F 106 6.05 21.41 43.32
C HIS F 106 5.75 22.64 44.17
N PHE F 107 5.39 22.43 45.43
CA PHE F 107 5.01 23.53 46.30
C PHE F 107 6.18 24.46 46.58
N MET F 108 7.41 23.92 46.63
CA MET F 108 8.57 24.80 46.82
C MET F 108 8.98 25.47 45.51
N LEU F 109 8.88 24.74 44.40
CA LEU F 109 9.31 25.28 43.11
C LEU F 109 8.40 26.40 42.64
N ARG F 110 7.11 26.35 42.97
CA ARG F 110 6.21 27.43 42.59
C ARG F 110 6.60 28.74 43.27
N SER F 111 6.93 28.67 44.56
CA SER F 111 7.36 29.87 45.28
C SER F 111 8.70 30.37 44.76
N LYS F 112 9.64 29.45 44.48
CA LYS F 112 10.89 29.87 43.86
C LYS F 112 10.65 30.57 42.53
N ILE F 113 9.70 30.06 41.74
CA ILE F 113 9.39 30.66 40.45
C ILE F 113 8.84 32.07 40.63
N ASP F 114 7.88 32.24 41.54
CA ASP F 114 7.33 33.56 41.79
C ASP F 114 8.41 34.54 42.23
N LEU F 115 9.32 34.09 43.09
CA LEU F 115 10.36 34.97 43.59
C LEU F 115 11.34 35.35 42.49
N CYS F 116 11.75 34.38 41.66
CA CYS F 116 12.64 34.69 40.54
C CYS F 116 11.98 35.61 39.53
N LEU F 117 10.67 35.46 39.32
CA LEU F 117 9.97 36.31 38.37
C LEU F 117 9.87 37.74 38.90
N ILE F 118 9.61 37.90 40.19
CA ILE F 118 9.56 39.24 40.77
C ILE F 118 10.95 39.87 40.80
N LEU F 119 11.99 39.05 40.97
CA LEU F 119 13.34 39.59 41.10
C LEU F 119 13.84 40.16 39.78
N GLY F 120 13.74 39.40 38.70
CA GLY F 120 14.15 39.89 37.40
C GLY F 120 14.85 38.87 36.53
N LYS F 121 15.07 37.66 37.04
CA LYS F 121 15.68 36.58 36.28
C LYS F 121 14.59 35.85 35.52
N HIS F 122 14.66 35.87 34.19
CA HIS F 122 13.62 35.30 33.37
C HIS F 122 13.97 33.94 32.76
N LEU F 123 15.25 33.67 32.50
CA LEU F 123 15.62 32.40 31.90
C LEU F 123 15.53 31.26 32.92
N GLU F 124 16.00 31.50 34.14
CA GLU F 124 15.86 30.50 35.20
C GLU F 124 14.40 30.20 35.48
N ALA F 125 13.58 31.25 35.55
CA ALA F 125 12.15 31.05 35.75
C ALA F 125 11.53 30.29 34.59
N LEU F 126 11.94 30.60 33.35
CA LEU F 126 11.39 29.90 32.20
C LEU F 126 11.73 28.42 32.23
N GLN F 127 12.96 28.08 32.61
CA GLN F 127 13.33 26.67 32.67
C GLN F 127 12.60 25.95 33.81
N ASP F 128 12.39 26.64 34.94
CA ASP F 128 11.61 26.04 36.01
C ASP F 128 10.17 25.80 35.58
N LEU F 129 9.56 26.77 34.89
CA LEU F 129 8.21 26.57 34.36
C LEU F 129 8.18 25.39 33.40
N ASP F 130 9.18 25.28 32.53
CA ASP F 130 9.18 24.20 31.55
C ASP F 130 9.28 22.84 32.23
N PHE F 131 10.14 22.71 33.23
CA PHE F 131 10.22 21.44 33.96
C PHE F 131 8.92 21.14 34.68
N LEU F 132 8.36 22.15 35.36
CA LEU F 132 7.13 21.95 36.11
C LEU F 132 5.97 21.59 35.21
N LEU F 133 6.00 22.04 33.96
CA LEU F 133 4.94 21.71 33.02
C LEU F 133 5.15 20.34 32.40
N GLY F 134 6.40 19.97 32.13
CA GLY F 134 6.68 18.67 31.54
C GLY F 134 6.62 17.52 32.51
N THR F 135 6.70 17.79 33.82
CA THR F 135 6.63 16.73 34.81
C THR F 135 5.21 16.41 35.26
N GLY F 136 4.19 17.05 34.68
CA GLY F 136 2.82 16.63 34.95
C GLY F 136 1.94 17.64 35.66
N LEU F 137 2.15 18.94 35.42
CA LEU F 137 1.33 19.99 36.02
C LEU F 137 0.89 20.95 34.91
N ILE F 138 -0.36 20.84 34.49
CA ILE F 138 -0.93 21.74 33.48
C ILE F 138 -2.08 22.52 34.13
N GLN F 139 -1.88 23.81 34.29
CA GLN F 139 -2.86 24.69 34.92
C GLN F 139 -2.77 26.05 34.26
N PRO F 140 -3.85 26.84 34.31
CA PRO F 140 -3.78 28.20 33.74
C PRO F 140 -2.82 29.12 34.47
N ASP F 141 -2.40 28.77 35.68
CA ASP F 141 -1.45 29.60 36.42
C ASP F 141 -0.01 29.38 35.99
N VAL F 142 0.23 28.47 35.06
CA VAL F 142 1.57 28.19 34.55
C VAL F 142 1.81 28.84 33.20
N PHE F 143 0.83 28.73 32.30
CA PHE F 143 0.99 29.29 30.95
C PHE F 143 1.05 30.80 30.98
N VAL F 144 0.37 31.45 31.93
CA VAL F 144 0.47 32.90 32.05
C VAL F 144 1.91 33.32 32.30
N ARG F 145 2.55 32.71 33.29
CA ARG F 145 3.93 33.08 33.62
C ARG F 145 4.89 32.67 32.52
N LYS F 146 4.64 31.53 31.87
CA LYS F 146 5.53 31.11 30.79
C LYS F 146 5.46 32.07 29.61
N ALA F 147 4.25 32.51 29.25
CA ALA F 147 4.12 33.48 28.17
C ALA F 147 4.70 34.83 28.56
N ASP F 148 4.57 35.21 29.84
CA ASP F 148 5.18 36.45 30.31
C ASP F 148 6.70 36.39 30.13
N CYS F 149 7.31 35.26 30.51
CA CYS F 149 8.76 35.11 30.34
C CYS F 149 9.14 35.16 28.86
N LEU F 150 8.42 34.42 28.02
CA LEU F 150 8.76 34.37 26.61
C LEU F 150 8.57 35.72 25.93
N LEU F 151 7.68 36.56 26.45
CA LEU F 151 7.57 37.92 25.94
C LEU F 151 8.66 38.82 26.49
N LYS F 152 9.11 38.56 27.73
CA LYS F 152 10.14 39.40 28.32
C LYS F 152 11.50 39.18 27.65
N LEU F 153 11.78 37.96 27.21
CA LEU F 153 13.03 37.67 26.51
C LEU F 153 12.84 37.52 24.99
N ARG F 154 11.78 38.13 24.45
CA ARG F 154 11.62 38.35 23.02
C ARG F 154 11.62 37.04 22.22
N GLN F 155 10.61 36.21 22.49
CA GLN F 155 10.34 35.02 21.70
C GLN F 155 8.83 34.97 21.47
N TRP F 156 8.39 35.46 20.31
CA TRP F 156 6.99 35.77 20.11
C TRP F 156 6.16 34.61 19.57
N GLU F 157 6.73 33.77 18.70
CA GLU F 157 5.97 32.64 18.20
C GLU F 157 5.70 31.62 19.31
N GLU F 158 6.73 31.31 20.12
CA GLU F 158 6.52 30.43 21.25
C GLU F 158 5.56 31.04 22.26
N ALA F 159 5.62 32.36 22.45
CA ALA F 159 4.69 33.01 23.36
C ALA F 159 3.26 32.88 22.87
N ARG F 160 3.03 33.07 21.57
CA ARG F 160 1.69 32.93 21.03
C ARG F 160 1.19 31.50 21.14
N ALA F 161 2.07 30.52 20.88
CA ALA F 161 1.67 29.13 21.03
C ALA F 161 1.31 28.80 22.48
N THR F 162 2.07 29.35 23.43
CA THR F 162 1.76 29.12 24.84
C THR F 162 0.43 29.74 25.23
N CYS F 163 0.17 30.98 24.79
CA CYS F 163 -1.12 31.61 25.10
C CYS F 163 -2.27 30.82 24.47
N GLU F 164 -2.09 30.32 23.25
CA GLU F 164 -3.15 29.56 22.61
C GLU F 164 -3.43 28.26 23.36
N ARG F 165 -2.38 27.55 23.78
CA ARG F 165 -2.62 26.32 24.53
C ARG F 165 -3.20 26.61 25.91
N GLY F 166 -2.88 27.76 26.49
CA GLY F 166 -3.48 28.12 27.76
C GLY F 166 -4.96 28.44 27.63
N LEU F 167 -5.33 29.13 26.55
CA LEU F 167 -6.74 29.43 26.31
C LEU F 167 -7.52 28.21 25.82
N ALA F 168 -6.83 27.20 25.29
CA ALA F 168 -7.51 25.96 24.91
C ALA F 168 -7.89 25.11 26.10
N LEU F 169 -7.52 25.50 27.32
CA LEU F 169 -7.88 24.78 28.53
C LEU F 169 -8.86 25.53 29.42
N ALA F 170 -8.66 26.83 29.61
CA ALA F 170 -9.55 27.67 30.40
C ALA F 170 -9.95 28.87 29.56
N PRO F 171 -10.99 28.72 28.72
CA PRO F 171 -11.40 29.84 27.85
C PRO F 171 -12.07 30.99 28.59
N GLU F 172 -12.24 30.89 29.91
CA GLU F 172 -12.86 31.94 30.70
C GLU F 172 -11.83 32.83 31.41
N ASP F 173 -10.56 32.70 31.05
CA ASP F 173 -9.52 33.47 31.71
C ASP F 173 -9.47 34.90 31.17
N MET F 174 -9.12 35.83 32.05
CA MET F 174 -9.08 37.24 31.70
C MET F 174 -7.67 37.78 31.49
N LYS F 175 -6.65 37.05 31.91
CA LYS F 175 -5.28 37.50 31.71
C LYS F 175 -4.66 36.93 30.45
N LEU F 176 -4.97 35.67 30.12
CA LEU F 176 -4.44 35.07 28.90
C LEU F 176 -4.93 35.81 27.67
N ARG F 177 -6.12 36.39 27.71
CA ARG F 177 -6.60 37.17 26.56
C ARG F 177 -5.79 38.44 26.38
N ALA F 178 -5.47 39.13 27.48
CA ALA F 178 -4.63 40.32 27.37
C ALA F 178 -3.24 39.97 26.87
N LEU F 179 -2.68 38.85 27.37
CA LEU F 179 -1.38 38.42 26.86
C LEU F 179 -1.44 38.06 25.39
N LEU F 180 -2.54 37.46 24.94
CA LEU F 180 -2.68 37.13 23.52
C LEU F 180 -2.77 38.39 22.67
N ILE F 181 -3.48 39.41 23.15
CA ILE F 181 -3.56 40.67 22.42
C ILE F 181 -2.19 41.32 22.32
N GLU F 182 -1.45 41.33 23.44
CA GLU F 182 -0.11 41.92 23.43
C GLU F 182 0.82 41.15 22.51
N THR F 183 0.72 39.82 22.52
CA THR F 183 1.56 39.01 21.64
C THR F 183 1.24 39.29 20.18
N ALA F 184 -0.04 39.39 19.84
CA ALA F 184 -0.42 39.69 18.46
C ALA F 184 0.10 41.06 18.04
N ARG F 185 0.04 42.04 18.94
CA ARG F 185 0.55 43.37 18.61
C ARG F 185 2.05 43.34 18.36
N ASN F 186 2.81 42.71 19.27
CA ASN F 186 4.25 42.64 19.10
C ASN F 186 4.64 41.89 17.84
N LEU F 187 3.89 40.83 17.52
CA LEU F 187 4.22 40.04 16.32
C LEU F 187 3.87 40.78 15.04
N ALA F 188 2.77 41.55 15.04
CA ALA F 188 2.44 42.35 13.87
C ALA F 188 3.44 43.48 13.68
N GLU F 189 4.02 43.99 14.76
CA GLU F 189 5.12 44.95 14.62
C GLU F 189 6.39 44.25 14.15
N TYR F 190 6.58 42.99 14.55
CA TYR F 190 7.80 42.25 14.22
C TYR F 190 7.84 41.85 12.75
N ASN F 191 6.70 41.51 12.16
CA ASN F 191 6.70 41.14 10.74
C ASN F 191 6.62 42.34 9.81
N GLY F 192 5.89 43.38 10.20
CA GLY F 192 5.71 44.54 9.35
C GLY F 192 6.37 45.79 9.88
N UNK G 1 -29.62 -37.78 16.05
CA UNK G 1 -28.67 -37.34 17.05
C UNK G 1 -27.26 -37.26 16.49
N UNK G 2 -26.27 -37.33 17.36
CA UNK G 2 -24.88 -37.29 16.92
C UNK G 2 -24.53 -38.54 16.11
N UNK G 3 -25.06 -39.70 16.51
CA UNK G 3 -24.80 -40.93 15.77
C UNK G 3 -25.40 -40.86 14.37
N UNK G 4 -26.61 -40.32 14.25
CA UNK G 4 -27.22 -40.16 12.93
C UNK G 4 -26.41 -39.22 12.05
N UNK G 5 -25.90 -38.12 12.64
CA UNK G 5 -25.07 -37.20 11.88
C UNK G 5 -23.79 -37.87 11.43
N UNK G 6 -23.17 -38.68 12.29
CA UNK G 6 -21.96 -39.38 11.91
C UNK G 6 -22.24 -40.39 10.79
N UNK G 7 -23.37 -41.08 10.86
CA UNK G 7 -23.73 -42.01 9.80
C UNK G 7 -23.96 -41.28 8.49
N UNK G 8 -24.63 -40.13 8.53
CA UNK G 8 -24.83 -39.34 7.32
C UNK G 8 -23.51 -38.87 6.73
N UNK G 9 -22.58 -38.44 7.60
CA UNK G 9 -21.27 -38.01 7.11
C UNK G 9 -20.51 -39.17 6.49
N UNK G 10 -20.61 -40.36 7.09
CA UNK G 10 -19.95 -41.53 6.52
C UNK G 10 -20.55 -41.90 5.17
N UNK G 11 -21.87 -41.80 5.04
CA UNK G 11 -22.51 -42.05 3.75
C UNK G 11 -22.06 -41.05 2.69
N UNK G 12 -21.98 -39.76 3.08
CA UNK G 12 -21.50 -38.75 2.15
C UNK G 12 -20.05 -39.00 1.75
N UNK G 13 -19.24 -39.48 2.68
CA UNK G 13 -17.86 -39.82 2.35
C UNK G 13 -17.78 -40.98 1.37
N UNK G 14 -18.57 -42.04 1.62
CA UNK G 14 -18.60 -43.17 0.70
C UNK G 14 -19.16 -42.78 -0.67
N UNK G 15 -19.98 -41.73 -0.73
CA UNK G 15 -20.47 -41.25 -2.02
C UNK G 15 -19.32 -40.78 -2.91
N UNK G 16 -18.30 -40.16 -2.32
CA UNK G 16 -17.14 -39.73 -3.10
C UNK G 16 -16.40 -40.92 -3.68
N UNK G 17 -16.20 -41.97 -2.87
CA UNK G 17 -15.54 -43.17 -3.37
C UNK G 17 -16.36 -43.84 -4.47
N UNK G 18 -17.69 -43.81 -4.33
CA UNK G 18 -18.55 -44.38 -5.36
C UNK G 18 -18.44 -43.59 -6.66
N UNK G 19 -18.41 -42.26 -6.56
CA UNK G 19 -18.28 -41.43 -7.75
C UNK G 19 -16.90 -41.56 -8.39
N UNK G 20 -15.89 -41.91 -7.58
CA UNK G 20 -14.53 -42.05 -8.11
C UNK G 20 -14.45 -43.14 -9.17
N UNK G 21 -15.22 -44.22 -8.99
CA UNK G 21 -15.17 -45.37 -9.88
C UNK G 21 -16.15 -45.18 -11.03
N UNK G 22 -15.62 -45.15 -12.26
CA UNK G 22 -16.43 -45.00 -13.47
C UNK G 22 -16.49 -46.27 -14.29
N UNK G 23 -16.02 -47.40 -13.75
CA UNK G 23 -16.03 -48.66 -14.46
C UNK G 23 -17.29 -49.47 -14.22
N UNK G 24 -18.34 -48.87 -13.66
CA UNK G 24 -19.56 -49.58 -13.38
C UNK G 24 -20.27 -49.98 -14.67
N UNK G 25 -20.80 -51.20 -14.69
CA UNK G 25 -21.53 -51.68 -15.86
C UNK G 25 -22.90 -51.01 -15.97
N UNK G 26 -23.43 -50.50 -14.85
CA UNK G 26 -24.73 -49.85 -14.85
C UNK G 26 -24.71 -48.55 -15.65
N UNK G 27 -23.55 -48.16 -16.17
CA UNK G 27 -23.35 -46.94 -16.94
C UNK G 27 -24.48 -46.65 -17.92
N UNK G 28 -24.88 -47.66 -18.71
CA UNK G 28 -25.98 -47.47 -19.64
C UNK G 28 -27.28 -47.17 -18.90
N UNK G 29 -27.54 -47.86 -17.80
CA UNK G 29 -28.74 -47.58 -17.02
C UNK G 29 -28.69 -46.19 -16.41
N UNK G 30 -27.52 -45.75 -15.97
CA UNK G 30 -27.38 -44.40 -15.42
C UNK G 30 -27.61 -43.36 -16.51
N UNK G 31 -27.13 -43.61 -17.73
CA UNK G 31 -27.39 -42.69 -18.82
C UNK G 31 -28.86 -42.64 -19.18
N UNK G 32 -29.54 -43.81 -19.13
CA UNK G 32 -30.97 -43.83 -19.38
C UNK G 32 -31.73 -43.06 -18.29
N UNK G 33 -31.27 -43.16 -17.05
CA UNK G 33 -31.91 -42.42 -15.96
C UNK G 33 -31.71 -40.92 -16.12
N UNK G 34 -30.50 -40.51 -16.53
CA UNK G 34 -30.27 -39.10 -16.81
C UNK G 34 -31.13 -38.61 -17.98
N UNK G 35 -31.31 -39.46 -18.99
CA UNK G 35 -32.20 -39.14 -20.09
C UNK G 35 -33.63 -38.96 -19.60
N UNK G 36 -34.08 -39.83 -18.70
CA UNK G 36 -35.42 -39.71 -18.15
C UNK G 36 -35.58 -38.43 -17.34
N UNK G 37 -34.53 -38.06 -16.60
CA UNK G 37 -34.58 -36.81 -15.83
C UNK G 37 -34.64 -35.60 -16.75
N UNK G 38 -33.86 -35.61 -17.84
CA UNK G 38 -33.93 -34.51 -18.81
C UNK G 38 -35.32 -34.46 -19.46
N UNK G 39 -35.89 -35.62 -19.75
CA UNK G 39 -37.24 -35.65 -20.34
C UNK G 39 -38.27 -35.10 -19.36
N UNK G 40 -38.10 -35.41 -18.07
CA UNK G 40 -39.02 -34.88 -17.06
C UNK G 40 -38.89 -33.37 -16.95
N UNK G 41 -37.66 -32.85 -17.00
CA UNK G 41 -37.47 -31.40 -16.99
C UNK G 41 -38.11 -30.75 -18.21
N UNK G 42 -37.94 -31.37 -19.39
CA UNK G 42 -38.57 -30.84 -20.60
C UNK G 42 -40.09 -30.88 -20.49
N UNK G 43 -40.64 -31.94 -19.90
CA UNK G 43 -42.09 -32.03 -19.71
C UNK G 43 -42.59 -30.97 -18.75
N UNK G 44 -41.82 -30.68 -17.69
CA UNK G 44 -42.21 -29.61 -16.77
C UNK G 44 -42.18 -28.25 -17.48
N UNK G 45 -41.17 -28.02 -18.31
CA UNK G 45 -41.12 -26.77 -19.07
C UNK G 45 -42.30 -26.67 -20.03
N UNK G 46 -42.65 -27.78 -20.69
CA UNK G 46 -43.79 -27.77 -21.60
C UNK G 46 -45.09 -27.52 -20.85
N UNK G 47 -45.22 -28.09 -19.65
CA UNK G 47 -46.42 -27.85 -18.85
C UNK G 47 -46.51 -26.39 -18.42
N UNK G 48 -45.38 -25.80 -18.05
CA UNK G 48 -45.37 -24.38 -17.70
C UNK G 48 -45.76 -23.52 -18.90
N UNK G 49 -45.23 -23.85 -20.08
CA UNK G 49 -45.59 -23.11 -21.29
C UNK G 49 -47.08 -23.26 -21.61
N UNK G 50 -47.62 -24.46 -21.44
CA UNK G 50 -49.04 -24.68 -21.69
C UNK G 50 -49.90 -23.90 -20.70
N UNK G 51 -49.49 -23.86 -19.43
CA UNK G 51 -50.24 -23.07 -18.45
C UNK G 51 -50.18 -21.59 -18.78
N UNK G 52 -49.02 -21.09 -19.22
CA UNK G 52 -48.91 -19.69 -19.61
C UNK G 52 -49.78 -19.38 -20.82
N UNK G 53 -49.85 -20.31 -21.78
CA UNK G 53 -50.69 -20.10 -22.95
C UNK G 53 -52.17 -20.13 -22.59
N UNK G 54 -52.56 -21.02 -21.67
CA UNK G 54 -53.95 -21.08 -21.23
C UNK G 54 -54.32 -19.84 -20.42
N UNK G 55 -53.35 -19.25 -19.73
CA UNK G 55 -53.62 -18.03 -18.98
C UNK G 55 -54.05 -16.89 -19.90
N UNK G 56 -53.39 -16.75 -21.04
CA UNK G 56 -53.73 -15.71 -22.01
C UNK G 56 -54.96 -16.09 -22.81
#